data_8RT5
#
_entry.id   8RT5
#
_cell.length_a   1.00
_cell.length_b   1.00
_cell.length_c   1.00
_cell.angle_alpha   90.00
_cell.angle_beta   90.00
_cell.angle_gamma   90.00
#
_symmetry.space_group_name_H-M   'P 1'
#
loop_
_entity.id
_entity.type
_entity.pdbx_description
1 polymer 'TrwE protein'
2 polymer 'TrwF protein'
#
loop_
_entity_poly.entity_id
_entity_poly.type
_entity_poly.pdbx_seq_one_letter_code
_entity_poly.pdbx_strand_id
1 'polypeptide(L)'
;MFGRKKGDVIDAGAELERAEQERIEGEYGASELASERRPHTPGARTLLMVLLCVIAVVLVTLSYKAYKVRGVVEDDDAQP
QQVVRQVIPGYTPRPIRPEPENVPEPPQPTTSVPAIQPAPVTQPVRPQPTGPREKTPYELARERMLRSGLTAGSGGGEDL
PRPQGGDVPAGGLMGGGGGGGELAEKLQPMRLSGSSAGRLGNRDMLITQGTQLDCVLETRLVTTQPGMTTCHLTRDVYST
SGRVVLLDRGSKVVGFYQGGLRQGQARIFVQWSRIETPSGVVINLDSPGTGPLGEAGLGGWIDRHFWERFGGAIMISLIG
DLGDWASRQGSRQGDNSIQFSNTANGVESAAAEALRNSINIPPTLYKNQGERVNILVARDLDFSDVYSLESIPTK
;
A,D,G,J,M,P,S,u,V,Y,b,e,h,k,n,y
2 'polypeptide(L)'
;MKKLAIVALLASLHAVPALALDVPSSSRYDHRIRYVTYNPADVVQVDTVLGVATHIMLEEGEQYLTHAFGDSEAYAFARK
GRHIFIKPQAELANTNLIVVTDRRSYKFRLQMRNDRNGAMYELAFRYPDTQARQTREANARAAVEAAFEQRVGAYYNLKY
MMSGDKDIAPVNAWDDGRFTYFKFSANADLPSIYFVDAEGNESLVPRTTVGSSNNIIAVHKVNPKWMIRLGNRALAIFNE
AYDPNGVPNDTGTASPAVRRVNKGGN
;
B,E,H,K,N,Q,T,v,W,Z,c,f,i,l,o,z
#
# COMPACT_ATOMS: atom_id res chain seq x y z
N LYS A 135 -40.26 27.44 23.70
CA LYS A 135 -41.28 26.42 23.52
C LYS A 135 -42.51 27.00 22.81
N THR A 136 -43.06 28.06 23.39
CA THR A 136 -44.17 28.75 22.75
C THR A 136 -43.70 29.32 21.41
N PRO A 137 -44.54 29.34 20.37
CA PRO A 137 -44.02 29.69 19.05
C PRO A 137 -43.46 31.10 18.96
N TYR A 138 -43.90 32.03 19.81
CA TYR A 138 -43.26 33.33 19.85
C TYR A 138 -41.78 33.20 20.24
N GLU A 139 -41.48 32.33 21.21
CA GLU A 139 -40.09 32.16 21.62
C GLU A 139 -39.25 31.53 20.53
N LEU A 140 -39.79 30.52 19.84
CA LEU A 140 -39.05 29.91 18.73
C LEU A 140 -38.84 30.90 17.60
N ALA A 141 -39.85 31.74 17.33
CA ALA A 141 -39.69 32.79 16.34
C ALA A 141 -38.60 33.78 16.73
N ARG A 142 -38.56 34.15 18.01
CA ARG A 142 -37.57 35.10 18.48
C ARG A 142 -36.17 34.53 18.39
N GLU A 143 -36.03 33.24 18.74
CA GLU A 143 -34.74 32.56 18.58
C GLU A 143 -34.34 32.49 17.11
N ARG A 144 -35.29 32.23 16.22
CA ARG A 144 -35.00 32.21 14.79
C ARG A 144 -34.54 33.59 14.31
N MET A 145 -35.23 34.65 14.76
CA MET A 145 -34.85 36.00 14.35
C MET A 145 -33.46 36.35 14.83
N LEU A 146 -33.11 36.00 16.06
CA LEU A 146 -31.75 36.22 16.53
C LEU A 146 -30.74 35.40 15.74
N ARG A 147 -31.10 34.16 15.38
CA ARG A 147 -30.13 33.24 14.83
C ARG A 147 -29.76 33.56 13.39
N SER A 148 -30.70 34.04 12.59
CA SER A 148 -30.53 34.12 11.15
C SER A 148 -29.61 35.26 10.75
N GLY A 149 -28.95 35.09 9.59
CA GLY A 149 -28.16 36.14 8.98
C GLY A 149 -29.00 37.09 8.14
N LEU A 150 -28.31 38.03 7.50
CA LEU A 150 -29.00 38.97 6.60
C LEU A 150 -29.35 38.33 5.27
N THR A 151 -28.53 37.40 4.79
CA THR A 151 -28.78 36.71 3.54
C THR A 151 -28.69 35.22 3.80
N ALA A 152 -29.56 34.45 3.16
CA ALA A 152 -29.51 33.00 3.26
C ALA A 152 -28.38 32.45 2.41
N GLY A 153 -27.61 31.53 2.98
CA GLY A 153 -26.49 30.94 2.26
C GLY A 153 -25.63 30.05 3.14
N LEU B 21 -45.89 54.27 5.27
CA LEU B 21 -46.27 52.88 5.00
C LEU B 21 -47.32 52.82 3.91
N ASP B 22 -46.88 52.53 2.69
CA ASP B 22 -47.77 52.55 1.55
C ASP B 22 -48.38 51.17 1.32
N VAL B 23 -49.71 51.12 1.22
CA VAL B 23 -50.44 49.88 0.97
C VAL B 23 -50.69 49.79 -0.53
N PRO B 24 -50.23 48.74 -1.21
CA PRO B 24 -50.45 48.64 -2.65
C PRO B 24 -51.93 48.51 -2.99
N SER B 25 -52.28 48.97 -4.19
CA SER B 25 -53.66 48.96 -4.66
C SER B 25 -53.85 47.79 -5.61
N SER B 26 -55.03 47.16 -5.53
CA SER B 26 -55.33 45.99 -6.34
C SER B 26 -55.79 46.41 -7.74
N SER B 27 -55.73 45.46 -8.67
CA SER B 27 -56.29 45.67 -9.99
C SER B 27 -57.80 45.44 -9.96
N ARG B 28 -58.48 45.94 -11.00
CA ARG B 28 -59.93 45.80 -11.07
C ARG B 28 -60.37 44.38 -11.41
N TYR B 29 -59.45 43.52 -11.84
CA TYR B 29 -59.81 42.15 -12.16
C TYR B 29 -59.66 41.23 -10.96
N ASP B 30 -58.45 41.14 -10.41
CA ASP B 30 -58.19 40.27 -9.28
C ASP B 30 -57.44 41.04 -8.20
N HIS B 31 -57.73 40.73 -6.94
CA HIS B 31 -57.07 41.36 -5.82
C HIS B 31 -55.64 40.86 -5.60
N ARG B 32 -55.23 39.80 -6.30
CA ARG B 32 -53.90 39.22 -6.13
C ARG B 32 -52.85 39.97 -6.93
N ILE B 33 -53.24 40.86 -7.83
CA ILE B 33 -52.32 41.69 -8.60
C ILE B 33 -52.41 43.10 -8.04
N ARG B 34 -51.30 43.59 -7.49
CA ARG B 34 -51.30 44.86 -6.78
C ARG B 34 -50.23 45.80 -7.32
N TYR B 35 -50.52 47.09 -7.19
CA TYR B 35 -49.69 48.15 -7.73
C TYR B 35 -49.36 49.15 -6.62
N VAL B 36 -48.17 49.72 -6.67
CA VAL B 36 -47.78 50.77 -5.75
C VAL B 36 -46.87 51.73 -6.49
N THR B 37 -46.96 53.01 -6.15
CA THR B 37 -46.08 54.02 -6.70
C THR B 37 -44.85 54.13 -5.82
N TYR B 38 -43.68 54.14 -6.44
CA TYR B 38 -42.44 54.13 -5.68
C TYR B 38 -42.22 55.48 -5.01
N ASN B 39 -41.74 55.44 -3.76
CA ASN B 39 -41.42 56.64 -3.01
C ASN B 39 -40.15 56.32 -2.23
N PRO B 40 -39.05 57.03 -2.46
CA PRO B 40 -37.81 56.72 -1.73
C PRO B 40 -37.92 56.91 -0.23
N ALA B 41 -38.89 57.69 0.24
CA ALA B 41 -39.02 58.01 1.65
C ALA B 41 -40.18 57.26 2.30
N ASP B 42 -40.56 56.11 1.75
CA ASP B 42 -41.66 55.35 2.31
C ASP B 42 -41.37 53.86 2.19
N VAL B 43 -42.12 53.08 2.97
CA VAL B 43 -41.99 51.64 3.00
C VAL B 43 -43.26 51.02 2.42
N VAL B 44 -43.08 49.93 1.68
CA VAL B 44 -44.16 49.25 0.99
C VAL B 44 -44.61 48.08 1.85
N GLN B 45 -45.91 48.02 2.12
CA GLN B 45 -46.51 46.96 2.93
C GLN B 45 -46.80 45.75 2.05
N VAL B 46 -46.25 44.61 2.41
CA VAL B 46 -46.45 43.36 1.66
C VAL B 46 -47.07 42.33 2.59
N ASP B 47 -48.27 41.87 2.23
CA ASP B 47 -48.96 40.84 3.00
C ASP B 47 -48.64 39.50 2.37
N THR B 48 -48.01 38.62 3.13
CA THR B 48 -47.61 37.31 2.66
C THR B 48 -48.48 36.27 3.34
N VAL B 49 -48.86 35.23 2.60
CA VAL B 49 -49.70 34.19 3.14
C VAL B 49 -49.01 32.84 2.95
N LEU B 50 -49.54 31.83 3.61
CA LEU B 50 -49.00 30.48 3.55
C LEU B 50 -49.11 29.90 2.14
N GLY B 51 -48.01 29.33 1.65
CA GLY B 51 -48.03 28.62 0.39
C GLY B 51 -48.21 29.46 -0.84
N VAL B 52 -47.94 30.76 -0.76
CA VAL B 52 -48.06 31.65 -1.90
C VAL B 52 -46.75 32.37 -2.13
N ALA B 53 -46.29 32.33 -3.38
CA ALA B 53 -45.12 33.05 -3.83
C ALA B 53 -45.56 34.40 -4.37
N THR B 54 -44.83 35.44 -4.00
CA THR B 54 -45.09 36.79 -4.50
C THR B 54 -44.02 37.16 -5.49
N HIS B 55 -44.44 37.67 -6.64
CA HIS B 55 -43.54 38.11 -7.69
C HIS B 55 -43.41 39.62 -7.61
N ILE B 56 -42.24 40.11 -7.20
CA ILE B 56 -41.91 41.52 -7.27
C ILE B 56 -41.00 41.71 -8.47
N MET B 57 -41.34 42.64 -9.34
CA MET B 57 -40.56 42.89 -10.55
C MET B 57 -39.97 44.30 -10.47
N LEU B 58 -38.66 44.38 -10.69
CA LEU B 58 -37.95 45.66 -10.67
C LEU B 58 -38.17 46.41 -11.97
N GLU B 59 -37.66 47.63 -12.04
CA GLU B 59 -37.74 48.42 -13.25
C GLU B 59 -36.78 47.87 -14.30
N GLU B 60 -37.18 48.03 -15.56
CA GLU B 60 -36.36 47.55 -16.68
C GLU B 60 -35.01 48.27 -16.67
N GLY B 61 -33.94 47.50 -16.88
CA GLY B 61 -32.61 48.05 -16.90
C GLY B 61 -32.01 48.29 -15.53
N GLU B 62 -32.72 47.92 -14.47
CA GLU B 62 -32.24 48.12 -13.10
C GLU B 62 -31.42 46.91 -12.68
N GLN B 63 -30.27 47.17 -12.07
CA GLN B 63 -29.34 46.10 -11.71
C GLN B 63 -29.40 45.84 -10.21
N TYR B 64 -29.66 44.59 -9.84
CA TYR B 64 -29.61 44.15 -8.46
C TYR B 64 -28.21 44.28 -7.91
N LEU B 65 -28.09 44.84 -6.70
CA LEU B 65 -26.82 44.86 -6.00
C LEU B 65 -26.82 43.92 -4.80
N THR B 66 -27.74 44.14 -3.88
CA THR B 66 -27.77 43.38 -2.64
C THR B 66 -29.20 43.44 -2.10
N HIS B 67 -29.54 42.46 -1.27
CA HIS B 67 -30.75 42.52 -0.48
C HIS B 67 -30.39 42.13 0.95
N ALA B 68 -31.31 42.42 1.87
CA ALA B 68 -31.13 42.03 3.26
C ALA B 68 -32.49 41.73 3.85
N PHE B 69 -32.61 40.59 4.50
CA PHE B 69 -33.78 40.28 5.30
C PHE B 69 -33.52 40.60 6.76
N GLY B 70 -34.54 41.12 7.43
CA GLY B 70 -34.46 41.22 8.87
C GLY B 70 -34.47 39.85 9.52
N ASP B 71 -34.96 38.85 8.80
CA ASP B 71 -34.92 37.45 9.23
C ASP B 71 -34.87 36.59 7.98
N SER B 72 -33.69 36.05 7.67
CA SER B 72 -33.50 35.30 6.43
C SER B 72 -34.26 33.99 6.40
N GLU B 73 -34.34 33.29 7.53
CA GLU B 73 -35.00 31.99 7.57
C GLU B 73 -36.52 32.08 7.53
N ALA B 74 -37.07 33.28 7.66
CA ALA B 74 -38.52 33.43 7.58
C ALA B 74 -39.03 33.36 6.16
N TYR B 75 -38.21 33.76 5.18
CA TYR B 75 -38.64 33.86 3.79
C TYR B 75 -37.63 33.20 2.88
N ALA B 76 -38.10 32.74 1.73
CA ALA B 76 -37.24 32.26 0.66
C ALA B 76 -37.11 33.34 -0.40
N PHE B 77 -35.91 33.51 -0.92
CA PHE B 77 -35.61 34.55 -1.89
C PHE B 77 -35.06 33.89 -3.14
N ALA B 78 -35.60 34.24 -4.30
CA ALA B 78 -35.06 33.81 -5.57
C ALA B 78 -35.11 34.97 -6.54
N ARG B 79 -34.04 35.15 -7.29
CA ARG B 79 -33.96 36.25 -8.22
C ARG B 79 -33.30 35.76 -9.51
N LYS B 80 -33.87 36.17 -10.64
CA LYS B 80 -33.22 36.00 -11.94
C LYS B 80 -33.52 37.27 -12.72
N GLY B 81 -32.48 38.08 -12.90
CA GLY B 81 -32.64 39.35 -13.57
C GLY B 81 -33.35 40.36 -12.68
N ARG B 82 -34.47 40.88 -13.17
CA ARG B 82 -35.26 41.85 -12.41
C ARG B 82 -36.50 41.22 -11.80
N HIS B 83 -36.54 39.91 -11.68
CA HIS B 83 -37.69 39.19 -11.15
C HIS B 83 -37.32 38.59 -9.81
N ILE B 84 -38.09 38.92 -8.78
CA ILE B 84 -37.84 38.48 -7.42
C ILE B 84 -39.07 37.72 -6.93
N PHE B 85 -38.85 36.55 -6.36
CA PHE B 85 -39.91 35.76 -5.74
C PHE B 85 -39.60 35.60 -4.26
N ILE B 86 -40.59 35.88 -3.41
CA ILE B 86 -40.47 35.66 -1.98
C ILE B 86 -41.61 34.77 -1.53
N LYS B 87 -41.38 34.09 -0.43
CA LYS B 87 -42.24 33.01 0.03
C LYS B 87 -41.91 32.68 1.48
N PRO B 88 -42.89 32.72 2.38
CA PRO B 88 -42.58 32.43 3.79
C PRO B 88 -42.13 30.99 4.00
N GLN B 89 -41.15 30.83 4.88
CA GLN B 89 -40.55 29.54 5.24
C GLN B 89 -40.81 29.15 6.67
N ALA B 90 -41.53 29.96 7.43
CA ALA B 90 -41.60 29.74 8.87
C ALA B 90 -42.87 30.39 9.41
N GLU B 91 -43.22 29.99 10.63
CA GLU B 91 -44.35 30.56 11.33
C GLU B 91 -44.03 31.97 11.79
N LEU B 92 -45.05 32.83 11.78
CA LEU B 92 -44.93 34.20 12.27
C LEU B 92 -43.81 34.95 11.56
N ALA B 93 -43.77 34.80 10.24
CA ALA B 93 -42.70 35.36 9.43
C ALA B 93 -42.96 36.84 9.20
N ASN B 94 -42.67 37.63 10.24
CA ASN B 94 -42.87 39.08 10.22
C ASN B 94 -41.50 39.74 10.28
N THR B 95 -41.07 40.33 9.17
CA THR B 95 -39.73 40.90 9.08
C THR B 95 -39.78 42.04 8.06
N ASN B 96 -38.62 42.46 7.59
CA ASN B 96 -38.52 43.47 6.56
C ASN B 96 -37.54 43.02 5.49
N LEU B 97 -37.68 43.58 4.30
CA LEU B 97 -36.81 43.29 3.19
C LEU B 97 -36.36 44.61 2.57
N ILE B 98 -35.06 44.73 2.30
CA ILE B 98 -34.49 45.89 1.63
C ILE B 98 -33.72 45.34 0.43
N VAL B 99 -34.06 45.81 -0.76
CA VAL B 99 -33.33 45.48 -1.98
C VAL B 99 -32.73 46.77 -2.51
N VAL B 100 -31.41 46.79 -2.69
CA VAL B 100 -30.70 47.95 -3.21
C VAL B 100 -30.27 47.64 -4.63
N THR B 101 -30.46 48.61 -5.52
CA THR B 101 -30.11 48.48 -6.92
C THR B 101 -29.21 49.63 -7.31
N ASP B 102 -28.90 49.71 -8.60
CA ASP B 102 -28.14 50.84 -9.11
C ASP B 102 -28.90 52.15 -8.91
N ARG B 103 -30.21 52.15 -9.12
CA ARG B 103 -30.94 53.42 -9.12
C ARG B 103 -31.64 53.71 -7.81
N ARG B 104 -32.07 52.70 -7.05
CA ARG B 104 -32.84 52.97 -5.84
C ARG B 104 -32.69 51.80 -4.89
N SER B 105 -33.31 51.93 -3.71
CA SER B 105 -33.45 50.85 -2.75
C SER B 105 -34.93 50.73 -2.38
N TYR B 106 -35.41 49.50 -2.33
CA TYR B 106 -36.81 49.21 -2.01
C TYR B 106 -36.94 48.76 -0.57
N LYS B 107 -37.96 49.26 0.11
CA LYS B 107 -38.21 48.92 1.51
C LYS B 107 -39.56 48.22 1.60
N PHE B 108 -39.55 46.97 2.04
CA PHE B 108 -40.74 46.17 2.19
C PHE B 108 -40.92 45.75 3.63
N ARG B 109 -42.14 45.88 4.13
CA ARG B 109 -42.50 45.37 5.45
C ARG B 109 -43.28 44.09 5.21
N LEU B 110 -42.65 42.95 5.47
CA LEU B 110 -43.26 41.65 5.21
C LEU B 110 -44.05 41.21 6.42
N GLN B 111 -45.36 41.07 6.27
CA GLN B 111 -46.25 40.72 7.38
C GLN B 111 -47.06 39.49 6.98
N MET B 112 -46.76 38.36 7.62
CA MET B 112 -47.50 37.13 7.34
C MET B 112 -48.92 37.22 7.87
N ARG B 113 -49.86 36.74 7.09
CA ARG B 113 -51.26 36.72 7.45
C ARG B 113 -51.63 35.41 8.12
N ASN B 114 -52.80 35.35 8.72
CA ASN B 114 -53.23 34.16 9.43
C ASN B 114 -54.26 33.33 8.66
N ASP B 115 -55.15 33.96 7.90
CA ASP B 115 -56.31 33.27 7.35
C ASP B 115 -56.14 32.81 5.91
N ARG B 116 -54.94 32.96 5.34
CA ARG B 116 -54.65 32.52 3.97
C ARG B 116 -55.60 33.19 2.97
N ASN B 117 -55.95 34.45 3.23
CA ASN B 117 -56.85 35.23 2.39
C ASN B 117 -56.16 36.53 2.01
N GLY B 118 -56.62 37.11 0.90
CA GLY B 118 -56.05 38.35 0.43
C GLY B 118 -54.59 38.24 0.05
N ALA B 119 -54.23 37.18 -0.67
CA ALA B 119 -52.86 36.97 -1.08
C ALA B 119 -52.44 37.99 -2.14
N MET B 120 -51.13 38.16 -2.27
CA MET B 120 -50.54 39.01 -3.29
C MET B 120 -49.68 38.14 -4.18
N TYR B 121 -50.01 38.09 -5.47
CA TYR B 121 -49.24 37.29 -6.41
C TYR B 121 -48.14 38.09 -7.08
N GLU B 122 -48.43 39.30 -7.55
CA GLU B 122 -47.39 40.19 -8.04
C GLU B 122 -47.54 41.57 -7.43
N LEU B 123 -46.40 42.22 -7.23
CA LEU B 123 -46.32 43.63 -6.88
C LEU B 123 -45.58 44.35 -8.00
N ALA B 124 -46.23 45.36 -8.58
CA ALA B 124 -45.63 46.13 -9.65
C ALA B 124 -45.46 47.57 -9.19
N PHE B 125 -44.34 48.18 -9.54
CA PHE B 125 -44.01 49.53 -9.13
C PHE B 125 -44.24 50.52 -10.28
N ARG B 126 -44.86 51.63 -9.95
CA ARG B 126 -44.99 52.77 -10.85
C ARG B 126 -43.98 53.81 -10.35
N TYR B 127 -43.05 54.21 -11.21
CA TYR B 127 -41.96 55.07 -10.77
C TYR B 127 -42.21 56.50 -11.21
N PRO B 128 -42.55 57.41 -10.30
CA PRO B 128 -42.70 58.82 -10.68
C PRO B 128 -41.38 59.57 -10.68
N ASP B 129 -40.31 58.98 -10.13
CA ASP B 129 -39.00 59.64 -10.21
C ASP B 129 -38.49 59.65 -11.65
N THR B 130 -38.62 58.53 -12.36
CA THR B 130 -38.28 58.53 -13.78
C THR B 130 -39.23 59.44 -14.56
N GLN B 131 -40.50 59.52 -14.13
CA GLN B 131 -41.42 60.42 -14.79
C GLN B 131 -41.01 61.88 -14.60
N ALA B 132 -40.53 62.23 -13.42
CA ALA B 132 -40.01 63.58 -13.17
C ALA B 132 -38.75 63.83 -13.97
N ARG B 133 -37.88 62.82 -14.09
CA ARG B 133 -36.70 62.95 -14.95
C ARG B 133 -37.11 63.22 -16.38
N GLN B 134 -38.14 62.52 -16.87
CA GLN B 134 -38.66 62.78 -18.20
C GLN B 134 -39.24 64.18 -18.31
N THR B 135 -39.91 64.65 -17.27
CA THR B 135 -40.51 65.99 -17.26
C THR B 135 -39.44 67.07 -17.33
N LYS C 135 -50.19 16.26 12.67
CA LYS C 135 -50.79 14.95 12.55
C LYS C 135 -51.98 14.98 11.60
N THR C 136 -52.93 15.87 11.85
CA THR C 136 -54.05 16.04 10.95
C THR C 136 -53.52 16.52 9.61
N PRO C 137 -54.12 16.11 8.49
CA PRO C 137 -53.49 16.40 7.20
C PRO C 137 -53.37 17.88 6.89
N TYR C 138 -54.22 18.73 7.47
CA TYR C 138 -54.03 20.17 7.33
C TYR C 138 -52.68 20.60 7.92
N GLU C 139 -52.32 20.03 9.07
CA GLU C 139 -51.05 20.39 9.70
C GLU C 139 -49.86 19.91 8.88
N LEU C 140 -49.93 18.70 8.35
CA LEU C 140 -48.85 18.21 7.50
C LEU C 140 -48.74 19.03 6.23
N ALA C 141 -49.88 19.43 5.65
CA ALA C 141 -49.85 20.31 4.49
C ALA C 141 -49.21 21.64 4.82
N ARG C 142 -49.53 22.20 5.99
CA ARG C 142 -48.99 23.50 6.38
C ARG C 142 -47.48 23.41 6.60
N GLU C 143 -47.02 22.32 7.22
CA GLU C 143 -45.59 22.08 7.37
C GLU C 143 -44.90 21.92 6.02
N ARG C 144 -45.55 21.23 5.08
CA ARG C 144 -45.00 21.10 3.74
C ARG C 144 -44.89 22.45 3.05
N MET C 145 -45.94 23.28 3.17
CA MET C 145 -45.92 24.60 2.54
C MET C 145 -44.81 25.47 3.12
N LEU C 146 -44.62 25.44 4.44
CA LEU C 146 -43.50 26.17 5.03
C LEU C 146 -42.16 25.61 4.56
N ARG C 147 -42.06 24.29 4.43
CA ARG C 147 -40.76 23.66 4.21
C ARG C 147 -40.24 23.87 2.79
N SER C 148 -41.12 23.87 1.80
CA SER C 148 -40.70 23.79 0.41
C SER C 148 -40.11 25.11 -0.10
N GLY C 149 -39.23 24.98 -1.09
CA GLY C 149 -38.69 26.12 -1.80
C GLY C 149 -39.59 26.59 -2.92
N LEU C 150 -39.11 27.60 -3.65
CA LEU C 150 -39.86 28.12 -4.80
C LEU C 150 -39.73 27.20 -6.01
N THR C 151 -38.60 26.54 -6.17
CA THR C 151 -38.39 25.62 -7.27
C THR C 151 -37.90 24.30 -6.71
N ALA C 152 -38.36 23.19 -7.29
CA ALA C 152 -37.90 21.88 -6.87
C ALA C 152 -36.51 21.61 -7.44
N GLY C 153 -35.62 21.10 -6.60
CA GLY C 153 -34.27 20.81 -7.02
C GLY C 153 -33.36 20.41 -5.88
N LEU D 21 -59.92 36.87 -11.20
CA LEU D 21 -59.82 35.42 -11.25
C LEU D 21 -60.59 34.87 -12.44
N ASP D 22 -59.88 34.56 -13.51
CA ASP D 22 -60.52 34.14 -14.74
C ASP D 22 -60.66 32.63 -14.78
N VAL D 23 -61.87 32.14 -15.03
CA VAL D 23 -62.15 30.71 -15.14
C VAL D 23 -62.09 30.33 -16.61
N PRO D 24 -61.23 29.41 -17.02
CA PRO D 24 -61.15 29.04 -18.43
C PRO D 24 -62.44 28.39 -18.93
N SER D 25 -62.68 28.55 -20.22
CA SER D 25 -63.89 28.04 -20.86
C SER D 25 -63.57 26.74 -21.59
N SER D 26 -64.50 25.79 -21.54
CA SER D 26 -64.30 24.49 -22.15
C SER D 26 -64.60 24.53 -23.65
N SER D 27 -64.10 23.53 -24.36
CA SER D 27 -64.46 23.37 -25.76
C SER D 27 -65.82 22.69 -25.88
N ARG D 28 -66.41 22.78 -27.07
CA ARG D 28 -67.71 22.18 -27.31
C ARG D 28 -67.65 20.67 -27.44
N TYR D 29 -66.46 20.09 -27.56
CA TYR D 29 -66.35 18.64 -27.67
C TYR D 29 -66.16 18.00 -26.29
N ASP D 30 -65.10 18.38 -25.58
CA ASP D 30 -64.80 17.80 -24.29
C ASP D 30 -64.51 18.91 -23.29
N HIS D 31 -64.92 18.71 -22.05
CA HIS D 31 -64.68 19.67 -20.99
C HIS D 31 -63.24 19.68 -20.50
N ARG D 32 -62.42 18.72 -20.92
CA ARG D 32 -61.04 18.62 -20.48
C ARG D 32 -60.11 19.54 -21.26
N ILE D 33 -60.57 20.12 -22.36
CA ILE D 33 -59.82 21.08 -23.14
C ILE D 33 -60.41 22.46 -22.87
N ARG D 34 -59.61 23.35 -22.30
CA ARG D 34 -60.11 24.64 -21.84
C ARG D 34 -59.28 25.78 -22.41
N TYR D 35 -59.94 26.92 -22.57
CA TYR D 35 -59.38 28.11 -23.18
C TYR D 35 -59.55 29.30 -22.25
N VAL D 36 -58.60 30.20 -22.26
CA VAL D 36 -58.70 31.45 -21.51
C VAL D 36 -57.98 32.53 -22.29
N THR D 37 -58.51 33.75 -22.22
CA THR D 37 -57.88 34.91 -22.83
C THR D 37 -56.90 35.52 -21.83
N TYR D 38 -55.68 35.80 -22.29
CA TYR D 38 -54.66 36.30 -21.38
C TYR D 38 -54.96 37.73 -20.96
N ASN D 39 -54.73 38.01 -19.69
CA ASN D 39 -54.91 39.35 -19.14
C ASN D 39 -53.77 39.56 -18.16
N PRO D 40 -52.90 40.55 -18.37
CA PRO D 40 -51.77 40.75 -17.44
C PRO D 40 -52.21 41.10 -16.04
N ALA D 41 -53.42 41.59 -15.85
CA ALA D 41 -53.89 42.05 -14.55
C ALA D 41 -54.88 41.07 -13.92
N ASP D 42 -54.80 39.79 -14.28
CA ASP D 42 -55.73 38.80 -13.76
C ASP D 42 -55.01 37.49 -13.54
N VAL D 43 -55.62 36.63 -12.74
CA VAL D 43 -55.08 35.32 -12.40
C VAL D 43 -55.99 34.26 -13.03
N VAL D 44 -55.37 33.19 -13.51
CA VAL D 44 -56.07 32.11 -14.20
C VAL D 44 -56.31 30.99 -13.19
N GLN D 45 -57.57 30.56 -13.09
CA GLN D 45 -57.96 29.49 -12.18
C GLN D 45 -57.73 28.15 -12.84
N VAL D 46 -56.94 27.29 -12.21
CA VAL D 46 -56.64 25.96 -12.73
C VAL D 46 -57.09 24.93 -11.71
N ASP D 47 -58.01 24.07 -12.11
CA ASP D 47 -58.51 22.99 -11.26
C ASP D 47 -57.70 21.74 -11.58
N THR D 48 -56.99 21.23 -10.59
CA THR D 48 -56.15 20.06 -10.74
C THR D 48 -56.78 18.89 -10.00
N VAL D 49 -56.71 17.70 -10.57
CA VAL D 49 -57.29 16.53 -9.96
C VAL D 49 -56.22 15.46 -9.81
N LEU D 50 -56.54 14.43 -9.03
CA LEU D 50 -55.63 13.33 -8.77
C LEU D 50 -55.32 12.55 -10.04
N GLY D 51 -54.03 12.29 -10.26
CA GLY D 51 -53.61 11.44 -11.36
C GLY D 51 -53.81 12.01 -12.74
N VAL D 52 -53.94 13.33 -12.87
CA VAL D 52 -54.12 13.96 -14.18
C VAL D 52 -53.04 15.02 -14.37
N ALA D 53 -52.38 14.93 -15.52
CA ALA D 53 -51.40 15.92 -15.93
C ALA D 53 -52.11 16.98 -16.77
N THR D 54 -51.79 18.24 -16.52
CA THR D 54 -52.35 19.34 -17.29
C THR D 54 -51.26 19.90 -18.19
N HIS D 55 -51.60 20.08 -19.47
CA HIS D 55 -50.69 20.64 -20.46
C HIS D 55 -51.02 22.11 -20.65
N ILE D 56 -50.13 22.98 -20.19
CA ILE D 56 -50.22 24.41 -20.49
C ILE D 56 -49.20 24.70 -21.56
N MET D 57 -49.64 25.35 -22.64
CA MET D 57 -48.76 25.66 -23.76
C MET D 57 -48.62 27.18 -23.87
N LEU D 58 -47.39 27.64 -23.93
CA LEU D 58 -47.09 29.06 -24.07
C LEU D 58 -47.27 29.51 -25.51
N GLU D 59 -47.13 30.81 -25.73
CA GLU D 59 -47.23 31.37 -27.08
C GLU D 59 -45.98 30.99 -27.88
N GLU D 60 -46.17 30.85 -29.18
CA GLU D 60 -45.06 30.50 -30.06
C GLU D 60 -43.99 31.60 -30.03
N GLY D 61 -42.73 31.18 -29.95
CA GLY D 61 -41.64 32.12 -29.89
C GLY D 61 -41.39 32.72 -28.54
N GLU D 62 -42.14 32.31 -27.52
CA GLU D 62 -41.99 32.83 -26.17
C GLU D 62 -40.95 32.02 -25.43
N GLN D 63 -40.05 32.70 -24.72
CA GLN D 63 -38.94 32.05 -24.05
C GLN D 63 -39.19 32.00 -22.56
N TYR D 64 -39.14 30.80 -22.00
CA TYR D 64 -39.21 30.59 -20.57
C TYR D 64 -38.03 31.25 -19.87
N LEU D 65 -38.30 31.97 -18.79
CA LEU D 65 -37.23 32.50 -17.95
C LEU D 65 -37.18 31.78 -16.59
N THR D 66 -38.28 31.82 -15.86
CA THR D 66 -38.31 31.27 -14.51
C THR D 66 -39.76 30.96 -14.19
N HIS D 67 -39.94 30.05 -13.24
CA HIS D 67 -41.25 29.83 -12.63
C HIS D 67 -41.06 29.78 -11.12
N ALA D 68 -42.16 29.90 -10.39
CA ALA D 68 -42.14 29.78 -8.94
C ALA D 68 -43.43 29.15 -8.49
N PHE D 69 -43.33 28.13 -7.65
CA PHE D 69 -44.49 27.59 -6.97
C PHE D 69 -44.59 28.17 -5.58
N GLY D 70 -45.83 28.43 -5.16
CA GLY D 70 -46.05 28.75 -3.76
C GLY D 70 -45.78 27.56 -2.87
N ASP D 71 -45.81 26.36 -3.44
CA ASP D 71 -45.45 25.12 -2.75
C ASP D 71 -44.93 24.15 -3.81
N SER D 72 -43.61 23.98 -3.85
CA SER D 72 -42.99 23.17 -4.89
C SER D 72 -43.31 21.69 -4.76
N GLU D 73 -43.39 21.17 -3.54
CA GLU D 73 -43.64 19.74 -3.35
C GLU D 73 -45.09 19.35 -3.60
N ALA D 74 -45.98 20.30 -3.77
CA ALA D 74 -47.37 19.98 -4.05
C ALA D 74 -47.57 19.55 -5.50
N TYR D 75 -46.74 20.04 -6.42
CA TYR D 75 -46.93 19.80 -7.84
C TYR D 75 -45.61 19.39 -8.48
N ALA D 76 -45.72 18.65 -9.57
CA ALA D 76 -44.58 18.31 -10.41
C ALA D 76 -44.59 19.23 -11.63
N PHE D 77 -43.41 19.69 -12.02
CA PHE D 77 -43.25 20.62 -13.11
C PHE D 77 -42.31 20.00 -14.14
N ALA D 78 -42.73 20.00 -15.39
CA ALA D 78 -41.86 19.59 -16.48
C ALA D 78 -42.07 20.52 -17.66
N ARG D 79 -40.97 20.93 -18.28
CA ARG D 79 -41.04 21.84 -19.40
C ARG D 79 -40.05 21.42 -20.47
N LYS D 80 -40.50 21.47 -21.71
CA LYS D 80 -39.61 21.32 -22.87
C LYS D 80 -40.11 22.31 -23.90
N GLY D 81 -39.35 23.37 -24.11
CA GLY D 81 -39.74 24.42 -25.02
C GLY D 81 -40.87 25.26 -24.44
N ARG D 82 -41.99 25.34 -25.15
CA ARG D 82 -43.13 26.09 -24.70
C ARG D 82 -44.24 25.21 -24.14
N HIS D 83 -43.91 23.97 -23.78
CA HIS D 83 -44.89 23.01 -23.28
C HIS D 83 -44.60 22.75 -21.81
N ILE D 84 -45.61 22.97 -20.97
CA ILE D 84 -45.49 22.82 -19.52
C ILE D 84 -46.51 21.80 -19.08
N PHE D 85 -46.07 20.83 -18.27
CA PHE D 85 -46.95 19.86 -17.65
C PHE D 85 -46.88 20.01 -16.14
N ILE D 86 -48.04 20.08 -15.49
CA ILE D 86 -48.12 20.11 -14.04
C ILE D 86 -49.02 18.99 -13.57
N LYS D 87 -48.81 18.56 -12.34
CA LYS D 87 -49.38 17.35 -11.80
C LYS D 87 -49.23 17.35 -10.29
N PRO D 88 -50.32 17.20 -9.55
CA PRO D 88 -50.21 17.23 -8.08
C PRO D 88 -49.40 16.05 -7.54
N GLN D 89 -48.59 16.33 -6.52
CA GLN D 89 -47.72 15.36 -5.87
C GLN D 89 -48.12 15.11 -4.41
N ALA D 90 -49.17 15.77 -3.93
CA ALA D 90 -49.43 15.73 -2.50
C ALA D 90 -50.90 16.01 -2.25
N GLU D 91 -51.33 15.69 -1.04
CA GLU D 91 -52.69 15.97 -0.62
C GLU D 91 -52.89 17.46 -0.39
N LEU D 92 -54.09 17.95 -0.69
CA LEU D 92 -54.47 19.33 -0.46
C LEU D 92 -53.51 20.30 -1.15
N ALA D 93 -53.18 19.98 -2.40
CA ALA D 93 -52.18 20.74 -3.16
C ALA D 93 -52.83 22.01 -3.70
N ASN D 94 -52.96 22.99 -2.80
CA ASN D 94 -53.57 24.28 -3.12
C ASN D 94 -52.48 25.34 -3.01
N THR D 95 -52.05 25.87 -4.14
CA THR D 95 -50.94 26.82 -4.16
C THR D 95 -51.13 27.73 -5.38
N ASN D 96 -50.08 28.43 -5.76
CA ASN D 96 -50.09 29.27 -6.96
C ASN D 96 -48.85 28.99 -7.78
N LEU D 97 -48.93 29.31 -9.07
CA LEU D 97 -47.82 29.16 -9.98
C LEU D 97 -47.67 30.44 -10.78
N ILE D 98 -46.44 30.93 -10.89
CA ILE D 98 -46.12 32.11 -11.70
C ILE D 98 -45.01 31.67 -12.66
N VAL D 99 -45.26 31.83 -13.96
CA VAL D 99 -44.26 31.58 -14.99
C VAL D 99 -43.97 32.91 -15.66
N VAL D 100 -42.70 33.31 -15.67
CA VAL D 100 -42.29 34.54 -16.31
C VAL D 100 -41.53 34.20 -17.59
N THR D 101 -41.84 34.92 -18.65
CA THR D 101 -41.22 34.72 -19.94
C THR D 101 -40.63 36.03 -20.42
N ASP D 102 -40.14 36.02 -21.66
CA ASP D 102 -39.66 37.26 -22.27
C ASP D 102 -40.77 38.27 -22.42
N ARG D 103 -41.97 37.82 -22.80
CA ARG D 103 -43.02 38.78 -23.12
C ARG D 103 -44.02 39.02 -21.99
N ARG D 104 -44.26 38.03 -21.13
CA ARG D 104 -45.27 38.22 -20.10
C ARG D 104 -44.97 37.30 -18.93
N SER D 105 -45.80 37.40 -17.89
CA SER D 105 -45.80 36.47 -16.77
C SER D 105 -47.20 35.95 -16.57
N TYR D 106 -47.32 34.64 -16.34
CA TYR D 106 -48.61 33.97 -16.17
C TYR D 106 -48.85 33.71 -14.69
N LYS D 107 -50.08 33.96 -14.25
CA LYS D 107 -50.47 33.76 -12.87
C LYS D 107 -51.55 32.69 -12.82
N PHE D 108 -51.26 31.59 -12.14
CA PHE D 108 -52.18 30.47 -12.01
C PHE D 108 -52.49 30.23 -10.54
N ARG D 109 -53.77 30.02 -10.24
CA ARG D 109 -54.18 29.62 -8.90
C ARG D 109 -54.51 28.14 -8.99
N LEU D 110 -53.63 27.31 -8.45
CA LEU D 110 -53.78 25.86 -8.54
C LEU D 110 -54.60 25.36 -7.37
N GLN D 111 -55.77 24.79 -7.66
CA GLN D 111 -56.71 24.35 -6.63
C GLN D 111 -57.04 22.89 -6.88
N MET D 112 -56.56 22.01 -6.01
CA MET D 112 -56.83 20.59 -6.14
C MET D 112 -58.29 20.29 -5.82
N ARG D 113 -58.89 19.43 -6.62
CA ARG D 113 -60.28 19.02 -6.45
C ARG D 113 -60.35 17.77 -5.59
N ASN D 114 -61.56 17.43 -5.15
CA ASN D 114 -61.73 16.27 -4.28
C ASN D 114 -62.32 15.06 -5.01
N ASP D 115 -63.21 15.27 -5.97
CA ASP D 115 -64.01 14.18 -6.54
C ASP D 115 -63.44 13.60 -7.82
N ARG D 116 -62.25 14.03 -8.26
CA ARG D 116 -61.62 13.52 -9.48
C ARG D 116 -62.52 13.71 -10.70
N ASN D 117 -63.25 14.81 -10.72
CA ASN D 117 -64.18 15.14 -11.79
C ASN D 117 -63.84 16.52 -12.34
N GLY D 118 -64.25 16.76 -13.59
CA GLY D 118 -63.98 18.04 -14.21
C GLY D 118 -62.51 18.35 -14.35
N ALA D 119 -61.73 17.37 -14.82
CA ALA D 119 -60.31 17.55 -15.00
C ALA D 119 -60.02 18.49 -16.16
N MET D 120 -58.82 19.04 -16.16
CA MET D 120 -58.32 19.89 -17.24
C MET D 120 -57.09 19.21 -17.83
N TYR D 121 -57.17 18.87 -19.12
CA TYR D 121 -56.05 18.24 -19.79
C TYR D 121 -55.11 19.24 -20.45
N GLU D 122 -55.65 20.22 -21.17
CA GLU D 122 -54.85 21.32 -21.68
C GLU D 122 -55.50 22.65 -21.37
N LEU D 123 -54.66 23.65 -21.16
CA LEU D 123 -55.05 25.05 -21.07
C LEU D 123 -54.37 25.80 -22.20
N ALA D 124 -55.15 26.46 -23.04
CA ALA D 124 -54.62 27.23 -24.15
C ALA D 124 -54.97 28.69 -23.96
N PHE D 125 -54.02 29.56 -24.28
CA PHE D 125 -54.18 31.00 -24.09
C PHE D 125 -54.48 31.69 -25.41
N ARG D 126 -55.44 32.59 -25.38
CA ARG D 126 -55.73 33.49 -26.49
C ARG D 126 -55.18 34.84 -26.08
N TYR D 127 -54.26 35.40 -26.87
CA TYR D 127 -53.57 36.61 -26.46
C TYR D 127 -54.13 37.82 -27.19
N PRO D 128 -54.88 38.69 -26.52
CA PRO D 128 -55.36 39.91 -27.18
C PRO D 128 -54.33 41.02 -27.15
N ASP D 129 -53.26 40.89 -26.36
CA ASP D 129 -52.21 41.91 -26.40
C ASP D 129 -51.47 41.88 -27.74
N THR D 130 -51.14 40.69 -28.23
CA THR D 130 -50.57 40.60 -29.57
C THR D 130 -51.59 41.04 -30.62
N GLN D 131 -52.87 40.77 -30.39
CA GLN D 131 -53.90 41.24 -31.32
C GLN D 131 -53.96 42.76 -31.36
N ALA D 132 -53.81 43.41 -30.21
CA ALA D 132 -53.77 44.86 -30.16
C ALA D 132 -52.51 45.40 -30.83
N ARG D 133 -51.38 44.70 -30.65
CA ARG D 133 -50.16 45.08 -31.34
C ARG D 133 -50.35 45.00 -32.85
N GLN D 134 -51.03 43.95 -33.32
CA GLN D 134 -51.37 43.84 -34.73
C GLN D 134 -52.30 44.95 -35.19
N THR D 135 -53.25 45.34 -34.34
CA THR D 135 -54.19 46.40 -34.66
C THR D 135 -53.49 47.75 -34.80
N LYS E 135 -54.00 0.82 2.69
CA LYS E 135 -54.16 -0.63 2.74
C LYS E 135 -55.12 -1.11 1.66
N THR E 136 -56.32 -0.54 1.64
CA THR E 136 -57.28 -0.85 0.59
C THR E 136 -56.68 -0.40 -0.75
N PRO E 137 -56.93 -1.14 -1.84
CA PRO E 137 -56.20 -0.83 -3.08
C PRO E 137 -56.47 0.56 -3.63
N TYR E 138 -57.62 1.16 -3.32
CA TYR E 138 -57.83 2.55 -3.70
C TYR E 138 -56.80 3.46 -3.03
N GLU E 139 -56.49 3.20 -1.75
CA GLU E 139 -55.51 4.03 -1.05
C GLU E 139 -54.11 3.84 -1.62
N LEU E 140 -53.73 2.61 -1.93
CA LEU E 140 -52.42 2.37 -2.54
C LEU E 140 -52.34 3.02 -3.92
N ALA E 141 -53.43 2.96 -4.68
CA ALA E 141 -53.46 3.63 -5.97
C ALA E 141 -53.31 5.13 -5.82
N ARG E 142 -53.97 5.71 -4.82
CA ARG E 142 -53.91 7.14 -4.60
C ARG E 142 -52.50 7.57 -4.19
N GLU E 143 -51.86 6.77 -3.33
CA GLU E 143 -50.47 7.03 -2.97
C GLU E 143 -49.55 6.92 -4.17
N ARG E 144 -49.80 5.93 -5.05
CA ARG E 144 -49.00 5.81 -6.27
C ARG E 144 -49.19 7.02 -7.16
N MET E 145 -50.42 7.48 -7.32
CA MET E 145 -50.69 8.64 -8.17
C MET E 145 -50.01 9.89 -7.63
N LEU E 146 -50.04 10.10 -6.31
CA LEU E 146 -49.31 11.22 -5.73
C LEU E 146 -47.80 11.06 -5.92
N ARG E 147 -47.29 9.84 -5.80
CA ARG E 147 -45.86 9.62 -5.74
C ARG E 147 -45.18 9.80 -7.11
N SER E 148 -45.85 9.39 -8.18
CA SER E 148 -45.18 9.26 -9.47
C SER E 148 -44.92 10.61 -10.13
N GLY E 149 -43.89 10.64 -10.97
CA GLY E 149 -43.60 11.80 -11.81
C GLY E 149 -44.40 11.80 -13.09
N LEU E 150 -44.11 12.80 -13.93
CA LEU E 150 -44.76 12.89 -15.23
C LEU E 150 -44.18 11.91 -16.24
N THR E 151 -42.89 11.62 -16.14
CA THR E 151 -42.23 10.68 -17.03
C THR E 151 -41.48 9.67 -16.17
N ALA E 152 -41.49 8.41 -16.59
CA ALA E 152 -40.74 7.38 -15.90
C ALA E 152 -39.27 7.50 -16.23
N GLY E 153 -38.42 7.41 -15.22
CA GLY E 153 -36.98 7.51 -15.40
C GLY E 153 -36.21 7.56 -14.11
N LEU F 21 -64.97 13.79 -25.77
CA LEU F 21 -64.44 12.46 -25.52
C LEU F 21 -64.78 11.53 -26.69
N ASP F 22 -63.81 11.33 -27.57
CA ASP F 22 -64.06 10.55 -28.78
C ASP F 22 -63.72 9.08 -28.54
N VAL F 23 -64.66 8.21 -28.86
CA VAL F 23 -64.48 6.77 -28.73
C VAL F 23 -64.03 6.23 -30.09
N PRO F 24 -62.88 5.58 -30.19
CA PRO F 24 -62.43 5.07 -31.48
C PRO F 24 -63.35 3.98 -32.02
N SER F 25 -63.38 3.87 -33.34
CA SER F 25 -64.23 2.91 -34.02
C SER F 25 -63.41 1.70 -34.45
N SER F 26 -64.01 0.51 -34.34
CA SER F 26 -63.33 -0.73 -34.67
C SER F 26 -63.34 -0.98 -36.17
N SER F 27 -62.43 -1.86 -36.60
CA SER F 27 -62.46 -2.31 -37.98
C SER F 27 -63.51 -3.41 -38.16
N ARG F 28 -63.86 -3.68 -39.40
CA ARG F 28 -64.86 -4.69 -39.70
C ARG F 28 -64.34 -6.11 -39.53
N TYR F 29 -63.03 -6.28 -39.38
CA TYR F 29 -62.47 -7.62 -39.19
C TYR F 29 -62.35 -7.97 -37.71
N ASP F 30 -61.61 -7.17 -36.95
CA ASP F 30 -61.41 -7.43 -35.54
C ASP F 30 -61.65 -6.17 -34.74
N HIS F 31 -62.21 -6.32 -33.55
CA HIS F 31 -62.48 -5.20 -32.66
C HIS F 31 -61.22 -4.66 -32.00
N ARG F 32 -60.09 -5.34 -32.11
CA ARG F 32 -58.85 -4.93 -31.48
C ARG F 32 -58.10 -3.88 -32.28
N ILE F 33 -58.51 -3.62 -33.53
CA ILE F 33 -57.93 -2.59 -34.37
C ILE F 33 -58.94 -1.46 -34.45
N ARG F 34 -58.57 -0.29 -33.95
CA ARG F 34 -59.51 0.82 -33.82
C ARG F 34 -58.96 2.08 -34.48
N TYR F 35 -59.89 2.91 -34.94
CA TYR F 35 -59.60 4.12 -35.68
C TYR F 35 -60.30 5.30 -35.03
N VAL F 36 -59.66 6.47 -35.07
CA VAL F 36 -60.27 7.69 -34.60
C VAL F 36 -59.77 8.83 -35.47
N THR F 37 -60.64 9.81 -35.71
CA THR F 37 -60.27 11.02 -36.43
C THR F 37 -59.73 12.04 -35.44
N TYR F 38 -58.60 12.64 -35.77
CA TYR F 38 -57.96 13.56 -34.86
C TYR F 38 -58.75 14.86 -34.75
N ASN F 39 -58.85 15.38 -33.54
CA ASN F 39 -59.52 16.64 -33.28
C ASN F 39 -58.69 17.35 -32.21
N PRO F 40 -58.13 18.52 -32.49
CA PRO F 40 -57.32 19.20 -31.47
C PRO F 40 -58.09 19.59 -30.22
N ALA F 41 -59.42 19.68 -30.30
CA ALA F 41 -60.23 20.13 -29.19
C ALA F 41 -60.99 18.99 -28.53
N ASP F 42 -60.47 17.76 -28.64
CA ASP F 42 -61.14 16.61 -28.05
C ASP F 42 -60.10 15.65 -27.49
N VAL F 43 -60.58 14.75 -26.63
CA VAL F 43 -59.75 13.74 -25.99
C VAL F 43 -60.16 12.38 -26.52
N VAL F 44 -59.18 11.50 -26.70
CA VAL F 44 -59.38 10.17 -27.25
C VAL F 44 -59.46 9.19 -26.10
N GLN F 45 -60.53 8.40 -26.08
CA GLN F 45 -60.76 7.39 -25.05
C GLN F 45 -60.01 6.11 -25.41
N VAL F 46 -59.14 5.65 -24.52
CA VAL F 46 -58.37 4.44 -24.73
C VAL F 46 -58.68 3.46 -23.61
N ASP F 47 -59.21 2.30 -23.96
CA ASP F 47 -59.51 1.25 -23.00
C ASP F 47 -58.32 0.29 -22.97
N THR F 48 -57.69 0.19 -21.81
CA THR F 48 -56.53 -0.65 -21.62
C THR F 48 -56.92 -1.85 -20.77
N VAL F 49 -56.40 -3.02 -21.09
CA VAL F 49 -56.70 -4.22 -20.35
C VAL F 49 -55.41 -4.85 -19.85
N LEU F 50 -55.56 -5.81 -18.94
CA LEU F 50 -54.42 -6.51 -18.35
C LEU F 50 -53.66 -7.31 -19.40
N GLY F 51 -52.33 -7.16 -19.40
CA GLY F 51 -51.48 -7.98 -20.24
C GLY F 51 -51.57 -7.70 -21.73
N VAL F 52 -52.07 -6.54 -22.13
CA VAL F 52 -52.17 -6.18 -23.53
C VAL F 52 -51.44 -4.86 -23.77
N ALA F 53 -50.58 -4.88 -24.77
CA ALA F 53 -49.88 -3.69 -25.25
C ALA F 53 -50.70 -3.05 -26.35
N THR F 54 -50.83 -1.74 -26.31
CA THR F 54 -51.52 -0.99 -27.34
C THR F 54 -50.51 -0.24 -28.18
N HIS F 55 -50.63 -0.36 -29.50
CA HIS F 55 -49.76 0.33 -30.44
C HIS F 55 -50.47 1.57 -30.95
N ILE F 56 -49.99 2.74 -30.55
CA ILE F 56 -50.44 4.01 -31.11
C ILE F 56 -49.37 4.46 -32.09
N MET F 57 -49.76 4.77 -33.31
CA MET F 57 -48.83 5.20 -34.34
C MET F 57 -49.13 6.64 -34.72
N LEU F 58 -48.09 7.47 -34.71
CA LEU F 58 -48.21 8.88 -35.06
C LEU F 58 -48.24 9.04 -36.57
N GLU F 59 -48.47 10.27 -37.02
CA GLU F 59 -48.46 10.58 -38.44
C GLU F 59 -47.03 10.53 -38.98
N GLU F 60 -46.92 10.15 -40.25
CA GLU F 60 -45.61 10.07 -40.89
C GLU F 60 -44.94 11.44 -40.92
N GLY F 61 -43.66 11.47 -40.59
CA GLY F 61 -42.92 12.71 -40.57
C GLY F 61 -43.13 13.55 -39.33
N GLU F 62 -43.89 13.05 -38.36
CA GLU F 62 -44.17 13.77 -37.13
C GLU F 62 -43.09 13.46 -36.11
N GLN F 63 -42.59 14.49 -35.44
CA GLN F 63 -41.48 14.33 -34.51
C GLN F 63 -41.98 14.41 -33.08
N TYR F 64 -41.68 13.37 -32.30
CA TYR F 64 -41.96 13.35 -30.88
C TYR F 64 -41.17 14.44 -30.16
N LEU F 65 -41.85 15.18 -29.29
CA LEU F 65 -41.16 16.13 -28.42
C LEU F 65 -41.15 15.67 -26.97
N THR F 66 -42.33 15.45 -26.40
CA THR F 66 -42.45 15.11 -25.00
C THR F 66 -43.78 14.39 -24.81
N HIS F 67 -43.86 13.61 -23.75
CA HIS F 67 -45.13 13.06 -23.29
C HIS F 67 -45.22 13.29 -21.79
N ALA F 68 -46.43 13.14 -21.26
CA ALA F 68 -46.64 13.24 -19.82
C ALA F 68 -47.75 12.29 -19.43
N PHE F 69 -47.52 11.49 -18.41
CA PHE F 69 -48.57 10.69 -17.81
C PHE F 69 -49.10 11.40 -16.58
N GLY F 70 -50.41 11.30 -16.38
CA GLY F 70 -50.97 11.72 -15.11
C GLY F 70 -50.54 10.81 -13.98
N ASP F 71 -50.10 9.60 -14.32
CA ASP F 71 -49.53 8.65 -13.37
C ASP F 71 -48.55 7.77 -14.13
N SER F 72 -47.25 8.03 -13.96
CA SER F 72 -46.24 7.33 -14.74
C SER F 72 -46.13 5.86 -14.38
N GLU F 73 -46.27 5.51 -13.10
CA GLU F 73 -46.12 4.12 -12.68
C GLU F 73 -47.30 3.25 -13.04
N ALA F 74 -48.40 3.83 -13.51
CA ALA F 74 -49.55 3.04 -13.92
C ALA F 74 -49.34 2.37 -15.27
N TYR F 75 -48.55 2.98 -16.14
CA TYR F 75 -48.37 2.50 -17.50
C TYR F 75 -46.89 2.45 -17.87
N ALA F 76 -46.56 1.57 -18.81
CA ALA F 76 -45.25 1.51 -19.40
C ALA F 76 -45.29 2.19 -20.76
N PHE F 77 -44.26 2.96 -21.07
CA PHE F 77 -44.18 3.74 -22.28
C PHE F 77 -42.92 3.31 -23.04
N ALA F 78 -43.07 3.00 -24.32
CA ALA F 78 -41.93 2.75 -25.18
C ALA F 78 -42.19 3.40 -26.53
N ARG F 79 -41.16 4.04 -27.06
CA ARG F 79 -41.29 4.73 -28.33
C ARG F 79 -40.04 4.50 -29.15
N LYS F 80 -40.23 4.23 -30.44
CA LYS F 80 -39.14 4.23 -31.41
C LYS F 80 -39.71 4.85 -32.68
N GLY F 81 -39.27 6.07 -32.96
CA GLY F 81 -39.78 6.79 -34.11
C GLY F 81 -41.19 7.29 -33.86
N ARG F 82 -42.12 6.90 -34.72
CA ARG F 82 -43.51 7.30 -34.57
C ARG F 82 -44.38 6.19 -34.01
N HIS F 83 -43.78 5.18 -33.39
CA HIS F 83 -44.50 4.05 -32.85
C HIS F 83 -44.44 4.10 -31.33
N ILE F 84 -45.60 4.08 -30.69
CA ILE F 84 -45.72 4.18 -29.25
C ILE F 84 -46.45 2.95 -28.74
N PHE F 85 -45.91 2.31 -27.72
CA PHE F 85 -46.56 1.19 -27.05
C PHE F 85 -46.82 1.57 -25.60
N ILE F 86 -48.05 1.34 -25.14
CA ILE F 86 -48.41 1.55 -23.75
C ILE F 86 -49.01 0.27 -23.21
N LYS F 87 -48.91 0.11 -21.90
CA LYS F 87 -49.19 -1.14 -21.23
C LYS F 87 -49.34 -0.89 -19.73
N PRO F 88 -50.45 -1.27 -19.12
CA PRO F 88 -50.63 -1.01 -17.69
C PRO F 88 -49.63 -1.78 -16.84
N GLN F 89 -49.15 -1.12 -15.79
CA GLN F 89 -48.17 -1.65 -14.85
C GLN F 89 -48.74 -1.81 -13.45
N ALA F 90 -50.00 -1.46 -13.24
CA ALA F 90 -50.51 -1.40 -11.88
C ALA F 90 -52.02 -1.58 -11.89
N GLU F 91 -52.55 -1.84 -10.70
CA GLU F 91 -54.00 -1.97 -10.53
C GLU F 91 -54.65 -0.60 -10.61
N LEU F 92 -55.86 -0.58 -11.17
CA LEU F 92 -56.68 0.63 -11.26
C LEU F 92 -55.93 1.74 -11.98
N ALA F 93 -55.29 1.38 -13.10
CA ALA F 93 -54.45 2.31 -13.84
C ALA F 93 -55.33 3.22 -14.69
N ASN F 94 -55.92 4.21 -14.03
CA ASN F 94 -56.80 5.18 -14.66
C ASN F 94 -56.13 6.55 -14.60
N THR F 95 -55.66 7.02 -15.75
CA THR F 95 -54.90 8.27 -15.81
C THR F 95 -55.13 8.89 -17.18
N ASN F 96 -54.28 9.83 -17.55
CA ASN F 96 -54.31 10.45 -18.87
C ASN F 96 -52.91 10.48 -19.45
N LEU F 97 -52.83 10.57 -20.76
CA LEU F 97 -51.58 10.67 -21.49
C LEU F 97 -51.67 11.81 -22.48
N ILE F 98 -50.65 12.65 -22.51
CA ILE F 98 -50.54 13.75 -23.47
C ILE F 98 -49.20 13.56 -24.18
N VAL F 99 -49.24 13.45 -25.51
CA VAL F 99 -48.03 13.40 -26.33
C VAL F 99 -48.03 14.65 -27.19
N VAL F 100 -46.95 15.43 -27.11
CA VAL F 100 -46.81 16.64 -27.91
C VAL F 100 -45.76 16.39 -28.97
N THR F 101 -46.06 16.81 -30.19
CA THR F 101 -45.17 16.65 -31.33
C THR F 101 -44.92 18.00 -31.97
N ASP F 102 -44.22 17.98 -33.10
CA ASP F 102 -44.03 19.21 -33.87
C ASP F 102 -45.35 19.77 -34.36
N ARG F 103 -46.27 18.92 -34.80
CA ARG F 103 -47.47 19.42 -35.43
C ARG F 103 -48.68 19.49 -34.52
N ARG F 104 -48.78 18.61 -33.53
CA ARG F 104 -49.97 18.59 -32.69
C ARG F 104 -49.64 17.98 -31.34
N SER F 105 -50.65 17.95 -30.46
CA SER F 105 -50.58 17.24 -29.19
C SER F 105 -51.79 16.31 -29.09
N TYR F 106 -51.54 15.09 -28.64
CA TYR F 106 -52.58 14.07 -28.52
C TYR F 106 -53.01 13.95 -27.07
N LYS F 107 -54.32 13.84 -26.85
CA LYS F 107 -54.89 13.71 -25.52
C LYS F 107 -55.59 12.37 -25.42
N PHE F 108 -55.11 11.53 -24.50
CA PHE F 108 -55.67 10.21 -24.28
C PHE F 108 -56.16 10.07 -22.86
N ARG F 109 -57.35 9.51 -22.70
CA ARG F 109 -57.87 9.18 -21.38
C ARG F 109 -57.73 7.68 -21.23
N LEU F 110 -56.76 7.26 -20.43
CA LEU F 110 -56.44 5.85 -20.25
C LEU F 110 -57.30 5.27 -19.14
N GLN F 111 -58.17 4.32 -19.47
CA GLN F 111 -59.10 3.74 -18.51
C GLN F 111 -58.93 2.23 -18.52
N MET F 112 -58.38 1.69 -17.45
CA MET F 112 -58.20 0.24 -17.34
C MET F 112 -59.53 -0.46 -17.16
N ARG F 113 -59.69 -1.57 -17.87
CA ARG F 113 -60.90 -2.38 -17.81
C ARG F 113 -60.77 -3.45 -16.75
N ASN F 114 -61.87 -4.10 -16.41
CA ASN F 114 -61.85 -5.13 -15.39
C ASN F 114 -61.91 -6.55 -15.93
N ASP F 115 -62.62 -6.78 -17.03
CA ASP F 115 -62.93 -8.13 -17.48
C ASP F 115 -61.98 -8.67 -18.55
N ARG F 116 -60.92 -7.94 -18.89
CA ARG F 116 -59.94 -8.37 -19.90
C ARG F 116 -60.62 -8.67 -21.23
N ASN F 117 -61.63 -7.87 -21.57
CA ASN F 117 -62.39 -8.01 -22.80
C ASN F 117 -62.38 -6.68 -23.55
N GLY F 118 -62.60 -6.76 -24.86
CA GLY F 118 -62.61 -5.56 -25.67
C GLY F 118 -61.30 -4.81 -25.67
N ALA F 119 -60.20 -5.55 -25.84
CA ALA F 119 -58.88 -4.94 -25.85
C ALA F 119 -58.67 -4.12 -27.11
N MET F 120 -57.71 -3.22 -27.06
CA MET F 120 -57.29 -2.42 -28.20
C MET F 120 -55.83 -2.73 -28.49
N TYR F 121 -55.55 -3.25 -29.68
CA TYR F 121 -54.19 -3.56 -30.06
C TYR F 121 -53.49 -2.42 -30.77
N GLU F 122 -54.15 -1.78 -31.72
CA GLU F 122 -53.63 -0.55 -32.32
C GLU F 122 -54.69 0.52 -32.36
N LEU F 123 -54.24 1.76 -32.23
CA LEU F 123 -55.03 2.95 -32.46
C LEU F 123 -54.41 3.72 -33.61
N ALA F 124 -55.18 3.96 -34.66
CA ALA F 124 -54.70 4.70 -35.82
C ALA F 124 -55.51 5.99 -35.95
N PHE F 125 -54.82 7.07 -36.29
CA PHE F 125 -55.43 8.38 -36.40
C PHE F 125 -55.65 8.75 -37.87
N ARG F 126 -56.83 9.29 -38.14
CA ARG F 126 -57.16 9.89 -39.43
C ARG F 126 -57.13 11.39 -39.22
N TYR F 127 -56.28 12.09 -39.96
CA TYR F 127 -56.07 13.51 -39.70
C TYR F 127 -56.82 14.36 -40.71
N PRO F 128 -57.91 15.02 -40.34
CA PRO F 128 -58.59 15.92 -41.27
C PRO F 128 -57.97 17.30 -41.31
N ASP F 129 -57.08 17.63 -40.38
CA ASP F 129 -56.39 18.92 -40.47
C ASP F 129 -55.44 18.95 -41.66
N THR F 130 -54.68 17.88 -41.87
CA THR F 130 -53.87 17.79 -43.08
C THR F 130 -54.74 17.73 -44.32
N GLN F 131 -55.92 17.09 -44.21
CA GLN F 131 -56.83 17.07 -45.35
C GLN F 131 -57.33 18.47 -45.68
N ALA F 132 -57.61 19.28 -44.67
CA ALA F 132 -58.01 20.67 -44.89
C ALA F 132 -56.86 21.48 -45.47
N ARG F 133 -55.64 21.23 -45.01
CA ARG F 133 -54.48 21.88 -45.59
C ARG F 133 -54.35 21.52 -47.07
N GLN F 134 -54.58 20.26 -47.41
CA GLN F 134 -54.59 19.85 -48.81
C GLN F 134 -55.71 20.53 -49.59
N THR F 135 -56.88 20.70 -48.98
CA THR F 135 -58.02 21.34 -49.61
C THR F 135 -57.72 22.81 -49.91
N LYS G 135 -51.15 -16.20 -4.43
CA LYS G 135 -50.88 -17.59 -4.11
C LYS G 135 -51.43 -18.53 -5.17
N THR G 136 -52.72 -18.40 -5.45
CA THR G 136 -53.33 -19.17 -6.52
C THR G 136 -52.68 -18.76 -7.85
N PRO G 137 -52.49 -19.70 -8.79
CA PRO G 137 -51.68 -19.36 -9.96
C PRO G 137 -52.26 -18.25 -10.82
N TYR G 138 -53.58 -18.02 -10.78
CA TYR G 138 -54.13 -16.85 -11.44
C TYR G 138 -53.56 -15.57 -10.86
N GLU G 139 -53.42 -15.51 -9.54
CA GLU G 139 -52.88 -14.30 -8.90
C GLU G 139 -51.42 -14.09 -9.26
N LEU G 140 -50.63 -15.17 -9.26
CA LEU G 140 -49.23 -15.03 -9.65
C LEU G 140 -49.10 -14.63 -11.12
N ALA G 141 -49.96 -15.16 -11.97
CA ALA G 141 -49.97 -14.75 -13.37
C ALA G 141 -50.31 -13.28 -13.50
N ARG G 142 -51.29 -12.81 -12.72
CA ARG G 142 -51.71 -11.42 -12.80
C ARG G 142 -50.60 -10.48 -12.32
N GLU G 143 -49.91 -10.88 -11.24
CA GLU G 143 -48.75 -10.13 -10.79
C GLU G 143 -47.64 -10.11 -11.83
N ARG G 144 -47.42 -11.24 -12.50
CA ARG G 144 -46.41 -11.28 -13.56
C ARG G 144 -46.80 -10.35 -14.72
N MET G 145 -48.08 -10.37 -15.10
CA MET G 145 -48.53 -9.51 -16.20
C MET G 145 -48.35 -8.03 -15.84
N LEU G 146 -48.70 -7.65 -14.61
CA LEU G 146 -48.45 -6.27 -14.20
C LEU G 146 -46.96 -5.94 -14.17
N ARG G 147 -46.14 -6.89 -13.74
CA ARG G 147 -44.73 -6.60 -13.47
C ARG G 147 -43.91 -6.42 -14.75
N SER G 148 -44.22 -7.19 -15.79
CA SER G 148 -43.33 -7.29 -16.94
C SER G 148 -43.38 -6.05 -17.83
N GLY G 149 -42.27 -5.80 -18.53
CA GLY G 149 -42.21 -4.77 -19.54
C GLY G 149 -42.73 -5.23 -20.88
N LEU G 150 -42.63 -4.33 -21.87
CA LEU G 150 -43.03 -4.66 -23.23
C LEU G 150 -42.00 -5.53 -23.94
N THR G 151 -40.72 -5.35 -23.62
CA THR G 151 -39.67 -6.15 -24.22
C THR G 151 -38.80 -6.70 -23.11
N ALA G 152 -38.35 -7.94 -23.24
CA ALA G 152 -37.46 -8.55 -22.27
C ALA G 152 -36.05 -8.00 -22.45
N GLY G 153 -35.41 -7.64 -21.34
CA GLY G 153 -34.08 -7.10 -21.38
C GLY G 153 -33.59 -6.58 -20.04
N LEU H 21 -60.24 -11.51 -36.25
CA LEU H 21 -59.40 -12.56 -35.70
C LEU H 21 -59.23 -13.70 -36.68
N ASP H 22 -58.10 -13.70 -37.38
CA ASP H 22 -57.89 -14.68 -38.44
C ASP H 22 -57.18 -15.91 -37.89
N VAL H 23 -57.75 -17.09 -38.15
CA VAL H 23 -57.19 -18.37 -37.72
C VAL H 23 -56.36 -18.92 -38.88
N PRO H 24 -55.06 -19.16 -38.70
CA PRO H 24 -54.25 -19.69 -39.80
C PRO H 24 -54.70 -21.07 -40.23
N SER H 25 -54.46 -21.37 -41.50
CA SER H 25 -54.84 -22.64 -42.10
C SER H 25 -53.64 -23.57 -42.17
N SER H 26 -53.87 -24.85 -41.92
CA SER H 26 -52.81 -25.84 -41.91
C SER H 26 -52.47 -26.30 -43.32
N SER H 27 -51.28 -26.90 -43.46
CA SER H 27 -50.91 -27.52 -44.71
C SER H 27 -51.54 -28.91 -44.81
N ARG H 28 -51.57 -29.44 -46.03
CA ARG H 28 -52.15 -30.76 -46.26
C ARG H 28 -51.29 -31.90 -45.74
N TYR H 29 -50.02 -31.62 -45.40
CA TYR H 29 -49.15 -32.66 -44.88
C TYR H 29 -49.22 -32.74 -43.37
N ASP H 30 -48.89 -31.66 -42.67
CA ASP H 30 -48.88 -31.64 -41.23
C ASP H 30 -49.64 -30.42 -40.73
N HIS H 31 -50.33 -30.57 -39.60
CA HIS H 31 -51.08 -29.48 -39.00
C HIS H 31 -50.17 -28.48 -38.29
N ARG H 32 -48.89 -28.78 -38.12
CA ARG H 32 -47.96 -27.90 -37.42
C ARG H 32 -47.42 -26.78 -38.31
N ILE H 33 -47.65 -26.86 -39.62
CA ILE H 33 -47.26 -25.82 -40.56
C ILE H 33 -48.52 -25.10 -40.99
N ARG H 34 -48.60 -23.81 -40.68
CA ARG H 34 -49.83 -23.06 -40.88
C ARG H 34 -49.57 -21.79 -41.69
N TYR H 35 -50.60 -21.38 -42.42
CA TYR H 35 -50.54 -20.25 -43.34
C TYR H 35 -51.67 -19.28 -43.02
N VAL H 36 -51.40 -17.99 -43.20
CA VAL H 36 -52.42 -16.97 -43.06
C VAL H 36 -52.13 -15.87 -44.05
N THR H 37 -53.19 -15.26 -44.58
CA THR H 37 -53.06 -14.11 -45.47
C THR H 37 -53.04 -12.84 -44.64
N TYR H 38 -52.08 -11.96 -44.92
CA TYR H 38 -51.92 -10.76 -44.12
C TYR H 38 -53.06 -9.79 -44.38
N ASN H 39 -53.54 -9.17 -43.31
CA ASN H 39 -54.58 -8.15 -43.39
C ASN H 39 -54.21 -7.08 -42.37
N PRO H 40 -53.97 -5.84 -42.79
CA PRO H 40 -53.60 -4.80 -41.83
C PRO H 40 -54.66 -4.51 -40.79
N ALA H 41 -55.92 -4.86 -41.06
CA ALA H 41 -57.03 -4.54 -40.17
C ALA H 41 -57.52 -5.77 -39.40
N ASP H 42 -56.66 -6.76 -39.20
CA ASP H 42 -57.06 -7.96 -38.51
C ASP H 42 -55.90 -8.47 -37.65
N VAL H 43 -56.24 -9.34 -36.70
CA VAL H 43 -55.29 -9.92 -35.78
C VAL H 43 -55.18 -11.41 -36.08
N VAL H 44 -53.97 -11.93 -35.96
CA VAL H 44 -53.67 -13.33 -36.28
C VAL H 44 -53.67 -14.12 -34.97
N GLN H 45 -54.45 -15.20 -34.94
CA GLN H 45 -54.55 -16.06 -33.77
C GLN H 45 -53.41 -17.08 -33.78
N VAL H 46 -52.62 -17.11 -32.72
CA VAL H 46 -51.50 -18.01 -32.58
C VAL H 46 -51.72 -18.87 -31.35
N ASP H 47 -51.81 -20.18 -31.54
CA ASP H 47 -51.96 -21.13 -30.44
C ASP H 47 -50.57 -21.63 -30.07
N THR H 48 -50.16 -21.37 -28.84
CA THR H 48 -48.85 -21.77 -28.35
C THR H 48 -49.03 -22.88 -27.34
N VAL H 49 -48.13 -23.85 -27.35
CA VAL H 49 -48.21 -24.97 -26.44
C VAL H 49 -46.90 -25.08 -25.66
N LEU H 50 -46.92 -25.91 -24.62
CA LEU H 50 -45.77 -26.11 -23.76
C LEU H 50 -44.62 -26.77 -24.53
N GLY H 51 -43.42 -26.21 -24.39
CA GLY H 51 -42.23 -26.81 -24.94
C GLY H 51 -42.13 -26.79 -26.44
N VAL H 52 -42.85 -25.91 -27.12
CA VAL H 52 -42.80 -25.80 -28.57
C VAL H 52 -42.45 -24.38 -28.96
N ALA H 53 -41.46 -24.26 -29.83
CA ALA H 53 -41.06 -22.99 -30.42
C ALA H 53 -41.81 -22.81 -31.72
N THR H 54 -42.32 -21.61 -31.95
CA THR H 54 -43.00 -21.27 -33.18
C THR H 54 -42.12 -20.36 -34.01
N HIS H 55 -41.96 -20.71 -35.29
CA HIS H 55 -41.17 -19.92 -36.21
C HIS H 55 -42.10 -19.05 -37.05
N ILE H 56 -42.07 -17.75 -36.82
CA ILE H 56 -42.76 -16.79 -37.67
C ILE H 56 -41.71 -16.15 -38.56
N MET H 57 -41.95 -16.16 -39.86
CA MET H 57 -41.00 -15.61 -40.83
C MET H 57 -41.63 -14.40 -41.50
N LEU H 58 -40.91 -13.28 -41.51
CA LEU H 58 -41.37 -12.07 -42.14
C LEU H 58 -41.17 -12.14 -43.65
N GLU H 59 -41.65 -11.11 -44.35
CA GLU H 59 -41.47 -11.03 -45.79
C GLU H 59 -40.02 -10.69 -46.12
N GLU H 60 -39.57 -11.19 -47.26
CA GLU H 60 -38.20 -10.94 -47.70
C GLU H 60 -37.97 -9.45 -47.91
N GLY H 61 -36.84 -8.96 -47.43
CA GLY H 61 -36.51 -7.56 -47.54
C GLY H 61 -37.17 -6.66 -46.52
N GLU H 62 -37.93 -7.23 -45.59
CA GLU H 62 -38.63 -6.48 -44.57
C GLU H 62 -37.71 -6.28 -43.37
N GLN H 63 -37.67 -5.06 -42.85
CA GLN H 63 -36.75 -4.72 -41.78
C GLN H 63 -37.51 -4.62 -40.46
N TYR H 64 -37.06 -5.37 -39.46
CA TYR H 64 -37.58 -5.28 -38.12
C TYR H 64 -37.29 -3.91 -37.52
N LEU H 65 -38.31 -3.30 -36.90
CA LEU H 65 -38.11 -2.07 -36.15
C LEU H 65 -38.23 -2.30 -34.65
N THR H 66 -39.37 -2.81 -34.22
CA THR H 66 -39.65 -2.96 -32.80
C THR H 66 -40.71 -4.04 -32.65
N HIS H 67 -40.76 -4.65 -31.47
CA HIS H 67 -41.87 -5.49 -31.09
C HIS H 67 -42.30 -5.10 -29.69
N ALA H 68 -43.49 -5.56 -29.30
CA ALA H 68 -43.98 -5.33 -27.95
C ALA H 68 -44.81 -6.51 -27.54
N PHE H 69 -44.54 -7.05 -26.36
CA PHE H 69 -45.41 -8.05 -25.76
C PHE H 69 -46.35 -7.38 -24.77
N GLY H 70 -47.58 -7.86 -24.73
CA GLY H 70 -48.47 -7.47 -23.65
C GLY H 70 -48.00 -8.03 -22.31
N ASP H 71 -47.17 -9.06 -22.35
CA ASP H 71 -46.54 -9.63 -21.17
C ASP H 71 -45.22 -10.26 -21.61
N SER H 72 -44.11 -9.57 -21.33
CA SER H 72 -42.81 -10.02 -21.82
C SER H 72 -42.34 -11.31 -21.18
N GLU H 73 -42.61 -11.50 -19.89
CA GLU H 73 -42.14 -12.69 -19.19
C GLU H 73 -42.93 -13.94 -19.53
N ALA H 74 -44.04 -13.81 -20.24
CA ALA H 74 -44.81 -14.98 -20.63
C ALA H 74 -44.17 -15.72 -21.81
N TYR H 75 -43.44 -15.03 -22.66
CA TYR H 75 -42.88 -15.61 -23.87
C TYR H 75 -41.42 -15.23 -24.02
N ALA H 76 -40.69 -16.09 -24.71
CA ALA H 76 -39.31 -15.81 -25.12
C ALA H 76 -39.31 -15.37 -26.57
N PHE H 77 -38.50 -14.37 -26.89
CA PHE H 77 -38.43 -13.79 -28.20
C PHE H 77 -37.00 -13.89 -28.70
N ALA H 78 -36.80 -14.41 -29.89
CA ALA H 78 -35.51 -14.40 -30.54
C ALA H 78 -35.68 -14.06 -32.00
N ARG H 79 -34.81 -13.21 -32.52
CA ARG H 79 -34.90 -12.79 -33.90
C ARG H 79 -33.51 -12.71 -34.49
N LYS H 80 -33.37 -13.21 -35.71
CA LYS H 80 -32.17 -13.00 -36.51
C LYS H 80 -32.65 -12.77 -37.94
N GLY H 81 -32.54 -11.54 -38.40
CA GLY H 81 -33.03 -11.19 -39.71
C GLY H 81 -34.54 -11.14 -39.75
N ARG H 82 -35.14 -11.92 -40.64
CA ARG H 82 -36.59 -11.97 -40.76
C ARG H 82 -37.18 -13.21 -40.11
N HIS H 83 -36.43 -13.87 -39.23
CA HIS H 83 -36.87 -15.09 -38.57
C HIS H 83 -37.11 -14.81 -37.11
N ILE H 84 -38.32 -15.11 -36.64
CA ILE H 84 -38.73 -14.84 -35.26
C ILE H 84 -39.15 -16.17 -34.64
N PHE H 85 -38.63 -16.45 -33.45
CA PHE H 85 -39.05 -17.61 -32.67
C PHE H 85 -39.66 -17.14 -31.37
N ILE H 86 -40.84 -17.67 -31.04
CA ILE H 86 -41.50 -17.40 -29.77
C ILE H 86 -41.78 -18.71 -29.08
N LYS H 87 -41.88 -18.64 -27.76
CA LYS H 87 -41.89 -19.81 -26.90
C LYS H 87 -42.39 -19.41 -25.51
N PRO H 88 -43.44 -20.05 -25.00
CA PRO H 88 -43.95 -19.66 -23.67
C PRO H 88 -42.94 -19.93 -22.57
N GLN H 89 -42.87 -19.00 -21.61
CA GLN H 89 -41.97 -19.06 -20.47
C GLN H 89 -42.72 -19.19 -19.14
N ALA H 90 -44.04 -19.26 -19.17
CA ALA H 90 -44.79 -19.15 -17.94
C ALA H 90 -46.15 -19.80 -18.10
N GLU H 91 -46.79 -20.06 -16.97
CA GLU H 91 -48.14 -20.62 -16.97
C GLU H 91 -49.15 -19.56 -17.41
N LEU H 92 -50.19 -20.01 -18.11
CA LEU H 92 -51.28 -19.15 -18.53
C LEU H 92 -50.78 -17.96 -19.34
N ALA H 93 -49.88 -18.25 -20.28
CA ALA H 93 -49.20 -17.22 -21.07
C ALA H 93 -50.14 -16.77 -22.19
N ASN H 94 -51.11 -15.94 -21.80
CA ASN H 94 -52.10 -15.40 -22.73
C ASN H 94 -51.89 -13.90 -22.84
N THR H 95 -51.37 -13.47 -23.98
CA THR H 95 -51.02 -12.06 -24.18
C THR H 95 -51.15 -11.75 -25.67
N ASN H 96 -50.56 -10.64 -26.10
CA ASN H 96 -50.54 -10.27 -27.50
C ASN H 96 -49.13 -9.87 -27.88
N LEU H 97 -48.84 -9.94 -29.17
CA LEU H 97 -47.56 -9.55 -29.73
C LEU H 97 -47.79 -8.65 -30.93
N ILE H 98 -47.07 -7.54 -30.99
CA ILE H 98 -47.11 -6.62 -32.12
C ILE H 98 -45.67 -6.46 -32.60
N VAL H 99 -45.43 -6.76 -33.85
CA VAL H 99 -44.13 -6.54 -34.49
C VAL H 99 -44.33 -5.49 -35.58
N VAL H 100 -43.57 -4.40 -35.50
CA VAL H 100 -43.64 -3.34 -36.49
C VAL H 100 -42.38 -3.39 -37.34
N THR H 101 -42.57 -3.25 -38.64
CA THR H 101 -41.49 -3.29 -39.60
C THR H 101 -41.52 -2.03 -40.45
N ASP H 102 -40.66 -1.98 -41.46
CA ASP H 102 -40.69 -0.88 -42.41
C ASP H 102 -42.01 -0.84 -43.17
N ARG H 103 -42.53 -2.00 -43.55
CA ARG H 103 -43.69 -2.00 -44.44
C ARG H 103 -45.01 -2.20 -43.71
N ARG H 104 -45.03 -2.92 -42.59
CA ARG H 104 -46.31 -3.20 -41.93
C ARG H 104 -46.06 -3.48 -40.45
N SER H 105 -47.16 -3.70 -39.73
CA SER H 105 -47.12 -4.16 -38.35
C SER H 105 -47.99 -5.40 -38.23
N TYR H 106 -47.50 -6.41 -37.53
CA TYR H 106 -48.19 -7.67 -37.35
C TYR H 106 -48.82 -7.73 -35.98
N LYS H 107 -50.06 -8.21 -35.92
CA LYS H 107 -50.80 -8.32 -34.66
C LYS H 107 -51.09 -9.80 -34.40
N PHE H 108 -50.57 -10.30 -33.29
CA PHE H 108 -50.74 -11.69 -32.90
C PHE H 108 -51.43 -11.77 -31.55
N ARG H 109 -52.41 -12.65 -31.45
CA ARG H 109 -53.05 -12.94 -30.17
C ARG H 109 -52.49 -14.29 -29.72
N LEU H 110 -51.61 -14.26 -28.72
CA LEU H 110 -50.94 -15.46 -28.25
C LEU H 110 -51.78 -16.10 -27.16
N GLN H 111 -52.25 -17.32 -27.42
CA GLN H 111 -53.13 -18.03 -26.51
C GLN H 111 -52.53 -19.39 -26.20
N MET H 112 -52.04 -19.56 -24.97
CA MET H 112 -51.47 -20.85 -24.57
C MET H 112 -52.55 -21.91 -24.45
N ARG H 113 -52.24 -23.11 -24.93
CA ARG H 113 -53.16 -24.24 -24.88
C ARG H 113 -52.91 -25.05 -23.62
N ASN H 114 -53.82 -25.96 -23.32
CA ASN H 114 -53.69 -26.78 -22.12
C ASN H 114 -53.23 -28.20 -22.39
N ASP H 115 -53.62 -28.81 -23.52
CA ASP H 115 -53.43 -30.23 -23.73
C ASP H 115 -52.20 -30.58 -24.54
N ARG H 116 -51.35 -29.61 -24.87
CA ARG H 116 -50.12 -29.84 -25.63
C ARG H 116 -50.42 -30.52 -26.97
N ASN H 117 -51.54 -30.14 -27.59
CA ASN H 117 -51.98 -30.70 -28.86
C ASN H 117 -52.23 -29.55 -29.83
N GLY H 118 -52.17 -29.88 -31.12
CA GLY H 118 -52.38 -28.87 -32.14
C GLY H 118 -51.36 -27.76 -32.12
N ALA H 119 -50.09 -28.11 -31.99
CA ALA H 119 -49.03 -27.12 -31.94
C ALA H 119 -48.84 -26.47 -33.31
N MET H 120 -48.21 -25.31 -33.29
CA MET H 120 -47.84 -24.58 -34.51
C MET H 120 -46.33 -24.45 -34.54
N TYR H 121 -45.69 -25.02 -35.56
CA TYR H 121 -44.25 -24.93 -35.69
C TYR H 121 -43.81 -23.72 -36.50
N GLU H 122 -44.44 -23.48 -37.65
CA GLU H 122 -44.19 -22.25 -38.39
C GLU H 122 -45.50 -21.58 -38.77
N LEU H 123 -45.46 -20.26 -38.82
CA LEU H 123 -46.52 -19.44 -39.38
C LEU H 123 -45.94 -18.67 -40.57
N ALA H 124 -46.54 -18.84 -41.73
CA ALA H 124 -46.11 -18.16 -42.94
C ALA H 124 -47.20 -17.23 -43.41
N PHE H 125 -46.81 -16.04 -43.87
CA PHE H 125 -47.74 -15.02 -44.30
C PHE H 125 -47.79 -14.96 -45.83
N ARG H 126 -49.01 -14.88 -46.36
CA ARG H 126 -49.25 -14.60 -47.77
C ARG H 126 -49.70 -13.15 -47.83
N TYR H 127 -48.97 -12.32 -48.59
CA TYR H 127 -49.25 -10.89 -48.58
C TYR H 127 -50.01 -10.49 -49.83
N PRO H 128 -51.30 -10.16 -49.73
CA PRO H 128 -52.02 -9.66 -50.89
C PRO H 128 -51.83 -8.18 -51.12
N ASP H 129 -51.27 -7.45 -50.16
CA ASP H 129 -50.98 -6.04 -50.40
C ASP H 129 -49.88 -5.87 -51.45
N THR H 130 -48.82 -6.66 -51.35
CA THR H 130 -47.81 -6.65 -52.40
C THR H 130 -48.38 -7.17 -53.70
N GLN H 131 -49.31 -8.12 -53.64
CA GLN H 131 -49.95 -8.61 -54.86
C GLN H 131 -50.78 -7.50 -55.51
N ALA H 132 -51.47 -6.68 -54.71
CA ALA H 132 -52.20 -5.54 -55.26
C ALA H 132 -51.26 -4.49 -55.82
N ARG H 133 -50.12 -4.28 -55.16
CA ARG H 133 -49.11 -3.38 -55.70
C ARG H 133 -48.62 -3.87 -57.06
N GLN H 134 -48.40 -5.18 -57.19
CA GLN H 134 -48.03 -5.76 -58.47
C GLN H 134 -49.14 -5.59 -59.49
N THR H 135 -50.40 -5.73 -59.08
CA THR H 135 -51.53 -5.57 -59.98
C THR H 135 -51.64 -4.15 -60.51
N LYS I 135 -42.59 -32.24 -8.54
CA LYS I 135 -42.00 -33.43 -7.94
C LYS I 135 -42.06 -34.62 -8.88
N THR I 136 -43.26 -34.93 -9.36
CA THR I 136 -43.43 -35.99 -10.34
C THR I 136 -42.68 -35.58 -11.62
N PRO I 137 -42.05 -36.53 -12.33
CA PRO I 137 -41.18 -36.11 -13.43
C PRO I 137 -41.89 -35.35 -14.54
N TYR I 138 -43.19 -35.54 -14.72
CA TYR I 138 -43.94 -34.70 -15.66
C TYR I 138 -43.87 -33.23 -15.24
N GLU I 139 -44.00 -32.96 -13.94
CA GLU I 139 -43.94 -31.58 -13.48
C GLU I 139 -42.56 -30.97 -13.66
N LEU I 140 -41.50 -31.73 -13.36
CA LEU I 140 -40.15 -31.23 -13.58
C LEU I 140 -39.89 -31.00 -15.06
N ALA I 141 -40.39 -31.89 -15.91
CA ALA I 141 -40.25 -31.68 -17.35
C ALA I 141 -40.97 -30.42 -17.79
N ARG I 142 -42.17 -30.17 -17.25
CA ARG I 142 -42.94 -29.01 -17.63
C ARG I 142 -42.26 -27.73 -17.18
N GLU I 143 -41.69 -27.74 -15.97
CA GLU I 143 -40.90 -26.61 -15.50
C GLU I 143 -39.66 -26.38 -16.36
N ARG I 144 -39.00 -27.47 -16.78
CA ARG I 144 -37.86 -27.33 -17.68
C ARG I 144 -38.28 -26.73 -19.02
N MET I 145 -39.40 -27.19 -19.57
CA MET I 145 -39.87 -26.66 -20.85
C MET I 145 -40.19 -25.18 -20.74
N LEU I 146 -40.84 -24.75 -19.67
CA LEU I 146 -41.08 -23.32 -19.47
C LEU I 146 -39.78 -22.56 -19.30
N ARG I 147 -38.81 -23.15 -18.60
CA ARG I 147 -37.62 -22.39 -18.20
C ARG I 147 -36.67 -22.14 -19.37
N SER I 148 -36.54 -23.10 -20.29
CA SER I 148 -35.47 -23.07 -21.27
C SER I 148 -35.70 -22.02 -22.36
N GLY I 149 -34.61 -21.55 -22.95
CA GLY I 149 -34.65 -20.68 -24.10
C GLY I 149 -34.76 -21.45 -25.40
N LEU I 150 -34.74 -20.70 -26.50
CA LEU I 150 -34.77 -21.32 -27.83
C LEU I 150 -33.43 -21.92 -28.22
N THR I 151 -32.34 -21.31 -27.78
CA THR I 151 -31.00 -21.81 -28.07
C THR I 151 -30.24 -21.92 -26.76
N ALA I 152 -29.44 -22.96 -26.62
CA ALA I 152 -28.61 -23.13 -25.44
C ALA I 152 -27.41 -22.21 -25.52
N GLY I 153 -27.11 -21.52 -24.41
CA GLY I 153 -26.00 -20.60 -24.38
C GLY I 153 -25.94 -19.79 -23.09
N LEU J 21 -46.43 -35.18 -40.99
CA LEU J 21 -45.43 -35.81 -40.13
C LEU J 21 -44.76 -36.96 -40.86
N ASP J 22 -43.58 -36.71 -41.39
CA ASP J 22 -42.89 -37.69 -42.22
C ASP J 22 -41.97 -38.54 -41.35
N VAL J 23 -42.12 -39.86 -41.46
CA VAL J 23 -41.29 -40.82 -40.73
C VAL J 23 -40.14 -41.23 -41.66
N PRO J 24 -38.88 -41.03 -41.27
CA PRO J 24 -37.77 -41.41 -42.14
C PRO J 24 -37.70 -42.91 -42.35
N SER J 25 -37.15 -43.30 -43.50
CA SER J 25 -37.04 -44.69 -43.89
C SER J 25 -35.63 -45.18 -43.63
N SER J 26 -35.52 -46.43 -43.18
CA SER J 26 -34.23 -47.02 -42.85
C SER J 26 -33.51 -47.53 -44.09
N SER J 27 -32.21 -47.73 -43.96
CA SER J 27 -31.45 -48.37 -45.02
C SER J 27 -31.61 -49.89 -44.93
N ARG J 28 -31.27 -50.58 -46.02
CA ARG J 28 -31.39 -52.02 -46.06
C ARG J 28 -30.32 -52.73 -45.24
N TYR J 29 -29.29 -52.02 -44.79
CA TYR J 29 -28.25 -52.64 -43.97
C TYR J 29 -28.56 -52.54 -42.49
N ASP J 30 -28.70 -51.31 -41.99
CA ASP J 30 -28.96 -51.10 -40.57
C ASP J 30 -30.11 -50.13 -40.41
N HIS J 31 -30.93 -50.33 -39.39
CA HIS J 31 -32.05 -49.46 -39.09
C HIS J 31 -31.63 -48.13 -38.48
N ARG J 32 -30.37 -47.98 -38.09
CA ARG J 32 -29.88 -46.76 -37.47
C ARG J 32 -29.54 -45.67 -38.47
N ILE J 33 -29.50 -46.00 -39.76
CA ILE J 33 -29.27 -45.03 -40.82
C ILE J 33 -30.59 -44.81 -41.54
N ARG J 34 -31.10 -43.59 -41.48
CA ARG J 34 -32.44 -43.30 -41.98
C ARG J 34 -32.42 -42.14 -42.97
N TYR J 35 -33.38 -42.19 -43.89
CA TYR J 35 -33.48 -41.25 -44.99
C TYR J 35 -34.88 -40.65 -45.01
N VAL J 36 -34.98 -39.39 -45.40
CA VAL J 36 -36.26 -38.73 -45.59
C VAL J 36 -36.13 -37.74 -46.72
N THR J 37 -37.21 -37.58 -47.48
CA THR J 37 -37.26 -36.60 -48.55
C THR J 37 -37.76 -35.28 -47.98
N TYR J 38 -37.08 -34.19 -48.30
CA TYR J 38 -37.42 -32.91 -47.72
C TYR J 38 -38.73 -32.39 -48.30
N ASN J 39 -39.55 -31.81 -47.43
CA ASN J 39 -40.82 -31.21 -47.84
C ASN J 39 -40.96 -29.94 -47.00
N PRO J 40 -41.03 -28.77 -47.62
CA PRO J 40 -41.16 -27.53 -46.83
C PRO J 40 -42.43 -27.46 -46.00
N ALA J 41 -43.46 -28.23 -46.36
CA ALA J 41 -44.76 -28.16 -45.70
C ALA J 41 -44.99 -29.36 -44.79
N ASP J 42 -43.92 -29.98 -44.30
CA ASP J 42 -44.07 -31.14 -43.43
C ASP J 42 -43.01 -31.12 -42.35
N VAL J 43 -43.24 -31.91 -41.31
CA VAL J 43 -42.33 -32.04 -40.19
C VAL J 43 -41.74 -33.43 -40.19
N VAL J 44 -40.47 -33.52 -39.82
CA VAL J 44 -39.72 -34.78 -39.81
C VAL J 44 -39.73 -35.33 -38.41
N GLN J 45 -40.14 -36.59 -38.27
CA GLN J 45 -40.20 -37.28 -36.98
C GLN J 45 -38.83 -37.86 -36.66
N VAL J 46 -38.29 -37.48 -35.51
CA VAL J 46 -36.98 -37.97 -35.07
C VAL J 46 -37.16 -38.66 -33.73
N ASP J 47 -36.82 -39.94 -33.69
CA ASP J 47 -36.89 -40.72 -32.45
C ASP J 47 -35.50 -40.71 -31.82
N THR J 48 -35.42 -40.15 -30.62
CA THR J 48 -34.16 -40.04 -29.90
C THR J 48 -34.18 -41.01 -28.72
N VAL J 49 -33.05 -41.63 -28.44
CA VAL J 49 -32.95 -42.57 -27.36
C VAL J 49 -31.83 -42.16 -26.41
N LEU J 50 -31.81 -42.78 -25.24
CA LEU J 50 -30.81 -42.49 -24.22
C LEU J 50 -29.40 -42.84 -24.69
N GLY J 51 -28.48 -41.92 -24.51
CA GLY J 51 -27.08 -42.18 -24.78
C GLY J 51 -26.71 -42.33 -26.23
N VAL J 52 -27.53 -41.84 -27.15
CA VAL J 52 -27.25 -41.93 -28.57
C VAL J 52 -27.27 -40.52 -29.18
N ALA J 53 -26.21 -40.22 -29.92
CA ALA J 53 -26.11 -38.99 -30.67
C ALA J 53 -26.63 -39.23 -32.08
N THR J 54 -27.43 -38.30 -32.59
CA THR J 54 -27.94 -38.39 -33.95
C THR J 54 -27.22 -37.36 -34.81
N HIS J 55 -26.75 -37.80 -35.96
CA HIS J 55 -26.06 -36.95 -36.92
C HIS J 55 -27.05 -36.55 -38.02
N ILE J 56 -27.44 -35.29 -38.03
CA ILE J 56 -28.22 -34.72 -39.13
C ILE J 56 -27.26 -33.92 -39.98
N MET J 57 -27.25 -34.18 -41.28
CA MET J 57 -26.34 -33.50 -42.20
C MET J 57 -27.16 -32.66 -43.17
N LEU J 58 -26.82 -31.38 -43.30
CA LEU J 58 -27.49 -30.47 -44.20
C LEU J 58 -27.01 -30.68 -45.63
N GLU J 59 -27.64 -29.98 -46.57
CA GLU J 59 -27.23 -30.05 -47.95
C GLU J 59 -25.92 -29.32 -48.16
N GLU J 60 -25.12 -29.79 -49.12
CA GLU J 60 -23.84 -29.18 -49.42
C GLU J 60 -24.03 -27.74 -49.87
N GLY J 61 -23.20 -26.85 -49.34
CA GLY J 61 -23.29 -25.45 -49.68
C GLY J 61 -24.35 -24.68 -48.94
N GLU J 62 -25.06 -25.33 -48.02
CA GLU J 62 -26.12 -24.69 -47.26
C GLU J 62 -25.53 -24.05 -46.01
N GLN J 63 -25.94 -22.82 -45.73
CA GLN J 63 -25.37 -22.07 -44.62
C GLN J 63 -26.36 -22.02 -43.46
N TYR J 64 -25.89 -22.44 -42.29
CA TYR J 64 -26.66 -22.35 -41.06
C TYR J 64 -26.89 -20.88 -40.71
N LEU J 65 -28.14 -20.56 -40.35
CA LEU J 65 -28.44 -19.23 -39.83
C LEU J 65 -28.76 -19.28 -38.34
N THR J 66 -29.77 -20.06 -37.96
CA THR J 66 -30.24 -20.09 -36.59
C THR J 66 -30.94 -21.42 -36.39
N HIS J 67 -31.03 -21.84 -35.13
CA HIS J 67 -31.89 -22.94 -34.74
C HIS J 67 -32.66 -22.51 -33.50
N ALA J 68 -33.71 -23.27 -33.19
CA ALA J 68 -34.49 -23.02 -31.99
C ALA J 68 -34.99 -24.35 -31.46
N PHE J 69 -34.79 -24.59 -30.18
CA PHE J 69 -35.42 -25.72 -29.52
C PHE J 69 -36.67 -25.25 -28.80
N GLY J 70 -37.70 -26.10 -28.82
CA GLY J 70 -38.84 -25.87 -27.97
C GLY J 70 -38.48 -26.05 -26.50
N ASP J 71 -37.40 -26.77 -26.24
CA ASP J 71 -36.84 -26.94 -24.90
C ASP J 71 -35.34 -27.16 -25.05
N SER J 72 -34.55 -26.12 -24.75
CA SER J 72 -33.11 -26.19 -24.99
C SER J 72 -32.41 -27.15 -24.05
N GLU J 73 -32.83 -27.24 -22.79
CA GLU J 73 -32.17 -28.12 -21.83
C GLU J 73 -32.48 -29.58 -22.03
N ALA J 74 -33.44 -29.92 -22.89
CA ALA J 74 -33.75 -31.31 -23.14
C ALA J 74 -32.71 -31.97 -24.06
N TYR J 75 -32.07 -31.20 -24.93
CA TYR J 75 -31.17 -31.74 -25.93
C TYR J 75 -29.87 -30.94 -25.96
N ALA J 76 -28.81 -31.60 -26.38
CA ALA J 76 -27.54 -30.95 -26.65
C ALA J 76 -27.39 -30.75 -28.15
N PHE J 77 -26.88 -29.59 -28.54
CA PHE J 77 -26.75 -29.21 -29.92
C PHE J 77 -25.28 -28.91 -30.19
N ALA J 78 -24.72 -29.51 -31.24
CA ALA J 78 -23.39 -29.17 -31.71
C ALA J 78 -23.40 -29.13 -33.22
N ARG J 79 -22.73 -28.11 -33.76
CA ARG J 79 -22.70 -27.94 -35.20
C ARG J 79 -21.30 -27.50 -35.61
N LYS J 80 -20.80 -28.09 -36.69
CA LYS J 80 -19.59 -27.63 -37.35
C LYS J 80 -19.86 -27.77 -38.85
N GLY J 81 -20.03 -26.64 -39.52
CA GLY J 81 -20.36 -26.65 -40.93
C GLY J 81 -21.78 -27.08 -41.16
N ARG J 82 -21.96 -28.13 -41.96
CA ARG J 82 -23.27 -28.67 -42.25
C ARG J 82 -23.58 -29.93 -41.46
N HIS J 83 -22.86 -30.19 -40.39
CA HIS J 83 -23.02 -31.38 -39.58
C HIS J 83 -23.60 -30.98 -38.23
N ILE J 84 -24.73 -31.58 -37.87
CA ILE J 84 -25.44 -31.27 -36.63
C ILE J 84 -25.55 -32.56 -35.84
N PHE J 85 -25.21 -32.50 -34.55
CA PHE J 85 -25.39 -33.61 -33.63
C PHE J 85 -26.35 -33.18 -32.53
N ILE J 86 -27.36 -34.01 -32.26
CA ILE J 86 -28.27 -33.79 -31.16
C ILE J 86 -28.28 -35.02 -30.27
N LYS J 87 -28.64 -34.80 -29.01
CA LYS J 87 -28.47 -35.78 -27.96
C LYS J 87 -29.29 -35.37 -26.75
N PRO J 88 -30.19 -36.22 -26.27
CA PRO J 88 -31.02 -35.84 -25.12
C PRO J 88 -30.19 -35.63 -23.86
N GLN J 89 -30.57 -34.61 -23.09
CA GLN J 89 -29.92 -34.21 -21.85
C GLN J 89 -30.81 -34.38 -20.64
N ALA J 90 -32.03 -34.87 -20.82
CA ALA J 90 -32.99 -34.85 -19.73
C ALA J 90 -34.04 -35.92 -19.95
N GLU J 91 -34.77 -36.20 -18.88
CA GLU J 91 -35.88 -37.14 -18.94
C GLU J 91 -37.06 -36.55 -19.70
N LEU J 92 -37.77 -37.40 -20.43
CA LEU J 92 -38.98 -36.99 -21.14
C LEU J 92 -38.70 -35.84 -22.09
N ALA J 93 -37.60 -35.96 -22.83
CA ALA J 93 -37.14 -34.88 -23.71
C ALA J 93 -37.95 -34.91 -25.00
N ASN J 94 -39.17 -34.38 -24.91
CA ASN J 94 -40.09 -34.34 -26.04
C ASN J 94 -40.31 -32.87 -26.40
N THR J 95 -39.75 -32.46 -27.54
CA THR J 95 -39.79 -31.07 -27.95
C THR J 95 -39.75 -31.01 -29.47
N ASN J 96 -39.44 -29.84 -30.02
CA ASN J 96 -39.27 -29.68 -31.45
C ASN J 96 -37.99 -28.91 -31.72
N LEU J 97 -37.47 -29.07 -32.92
CA LEU J 97 -36.28 -28.36 -33.37
C LEU J 97 -36.54 -27.77 -34.74
N ILE J 98 -36.18 -26.50 -34.92
CA ILE J 98 -36.29 -25.81 -36.20
C ILE J 98 -34.90 -25.26 -36.51
N VAL J 99 -34.36 -25.65 -37.65
CA VAL J 99 -33.10 -25.11 -38.14
C VAL J 99 -33.38 -24.34 -39.42
N VAL J 100 -33.01 -23.07 -39.46
CA VAL J 100 -33.21 -22.24 -40.63
C VAL J 100 -31.86 -22.00 -41.29
N THR J 101 -31.84 -22.12 -42.60
CA THR J 101 -30.63 -21.93 -43.39
C THR J 101 -30.89 -20.88 -44.46
N ASP J 102 -29.91 -20.71 -45.34
CA ASP J 102 -30.08 -19.82 -46.47
C ASP J 102 -31.19 -20.30 -47.39
N ARG J 103 -31.28 -21.61 -47.62
CA ARG J 103 -32.21 -22.10 -48.62
C ARG J 103 -33.53 -22.61 -48.04
N ARG J 104 -33.54 -23.14 -46.82
CA ARG J 104 -34.76 -23.71 -46.29
C ARG J 104 -34.73 -23.69 -44.77
N SER J 105 -35.82 -24.15 -44.17
CA SER J 105 -35.90 -24.38 -42.73
C SER J 105 -36.37 -25.80 -42.49
N TYR J 106 -35.73 -26.49 -41.56
CA TYR J 106 -36.05 -27.87 -41.24
C TYR J 106 -36.88 -27.94 -39.96
N LYS J 107 -37.91 -28.78 -39.97
CA LYS J 107 -38.80 -28.95 -38.83
C LYS J 107 -38.67 -30.38 -38.34
N PHE J 108 -38.24 -30.53 -37.09
CA PHE J 108 -38.07 -31.84 -36.47
C PHE J 108 -38.93 -31.94 -35.23
N ARG J 109 -39.61 -33.07 -35.09
CA ARG J 109 -40.35 -33.37 -33.87
C ARG J 109 -39.52 -34.39 -33.11
N LEU J 110 -38.89 -33.93 -32.04
CA LEU J 110 -37.99 -34.78 -31.26
C LEU J 110 -38.78 -35.50 -30.19
N GLN J 111 -38.82 -36.82 -30.26
CA GLN J 111 -39.60 -37.65 -29.35
C GLN J 111 -38.69 -38.69 -28.73
N MET J 112 -38.41 -38.53 -27.43
CA MET J 112 -37.57 -39.49 -26.73
C MET J 112 -38.29 -40.81 -26.54
N ARG J 113 -37.56 -41.90 -26.75
CA ARG J 113 -38.10 -43.25 -26.61
C ARG J 113 -37.85 -43.75 -25.19
N ASN J 114 -38.50 -44.87 -24.85
CA ASN J 114 -38.35 -45.42 -23.51
C ASN J 114 -37.45 -46.64 -23.44
N ASP J 115 -37.44 -47.48 -24.47
CA ASP J 115 -36.80 -48.80 -24.39
C ASP J 115 -35.39 -48.85 -24.95
N ARG J 116 -34.83 -47.70 -25.36
CA ARG J 116 -33.47 -47.64 -25.89
C ARG J 116 -33.31 -48.56 -27.11
N ASN J 117 -34.35 -48.64 -27.91
CA ASN J 117 -34.38 -49.48 -29.11
C ASN J 117 -34.77 -48.62 -30.31
N GLY J 118 -34.38 -49.08 -31.49
CA GLY J 118 -34.70 -48.35 -32.70
C GLY J 118 -34.08 -46.98 -32.76
N ALA J 119 -32.80 -46.89 -32.40
CA ALA J 119 -32.09 -45.62 -32.41
C ALA J 119 -31.86 -45.13 -33.84
N MET J 120 -31.62 -43.84 -33.97
CA MET J 120 -31.27 -43.21 -35.24
C MET J 120 -29.88 -42.61 -35.09
N TYR J 121 -28.94 -43.07 -35.90
CA TYR J 121 -27.58 -42.55 -35.85
C TYR J 121 -27.37 -41.40 -36.82
N GLU J 122 -27.83 -41.53 -38.06
CA GLU J 122 -27.83 -40.40 -38.99
C GLU J 122 -29.18 -40.25 -39.65
N LEU J 123 -29.53 -39.00 -39.94
CA LEU J 123 -30.65 -38.64 -40.78
C LEU J 123 -30.13 -37.91 -42.00
N ALA J 124 -30.43 -38.42 -43.18
CA ALA J 124 -30.00 -37.81 -44.43
C ALA J 124 -31.22 -37.35 -45.21
N PHE J 125 -31.11 -36.19 -45.82
CA PHE J 125 -32.21 -35.59 -46.56
C PHE J 125 -32.01 -35.76 -48.06
N ARG J 126 -33.07 -36.14 -48.75
CA ARG J 126 -33.13 -36.15 -50.20
C ARG J 126 -33.96 -34.95 -50.60
N TYR J 127 -33.40 -34.05 -51.40
CA TYR J 127 -34.07 -32.79 -51.69
C TYR J 127 -34.68 -32.82 -53.08
N PRO J 128 -36.00 -32.92 -53.21
CA PRO J 128 -36.63 -32.85 -54.53
C PRO J 128 -36.84 -31.43 -55.01
N ASP J 129 -36.69 -30.43 -54.14
CA ASP J 129 -36.79 -29.05 -54.60
C ASP J 129 -35.62 -28.69 -55.51
N THR J 130 -34.41 -29.08 -55.13
CA THR J 130 -33.27 -28.90 -56.02
C THR J 130 -33.42 -29.74 -57.27
N GLN J 131 -34.04 -30.92 -57.15
CA GLN J 131 -34.28 -31.75 -58.33
C GLN J 131 -35.24 -31.06 -59.29
N ALA J 132 -36.28 -30.41 -58.75
CA ALA J 132 -37.21 -29.65 -59.58
C ALA J 132 -36.53 -28.45 -60.21
N ARG J 133 -35.64 -27.79 -59.46
CA ARG J 133 -34.86 -26.70 -60.03
C ARG J 133 -34.01 -27.18 -61.19
N GLN J 134 -33.40 -28.37 -61.04
CA GLN J 134 -32.65 -28.98 -62.13
C GLN J 134 -33.55 -29.31 -63.31
N THR J 135 -34.77 -29.78 -63.04
CA THR J 135 -35.72 -30.13 -64.09
C THR J 135 -36.14 -28.90 -64.89
N LYS K 135 -28.65 -45.12 -7.53
CA LYS K 135 -27.85 -45.99 -6.67
C LYS K 135 -27.41 -47.25 -7.40
N THR K 136 -28.38 -47.97 -7.96
CA THR K 136 -28.07 -49.14 -8.77
C THR K 136 -27.28 -48.68 -9.99
N PRO K 137 -26.30 -49.47 -10.46
CA PRO K 137 -25.41 -48.95 -11.50
C PRO K 137 -26.11 -48.58 -12.80
N TYR K 138 -27.26 -49.18 -13.10
CA TYR K 138 -28.04 -48.73 -14.25
C TYR K 138 -28.47 -47.27 -14.08
N GLU K 139 -28.88 -46.90 -12.87
CA GLU K 139 -29.30 -45.51 -12.63
C GLU K 139 -28.13 -44.55 -12.74
N LEU K 140 -26.98 -44.91 -12.20
CA LEU K 140 -25.80 -44.05 -12.33
C LEU K 140 -25.37 -43.93 -13.79
N ALA K 141 -25.46 -45.03 -14.53
CA ALA K 141 -25.15 -44.97 -15.96
C ALA K 141 -26.12 -44.05 -16.69
N ARG K 142 -27.40 -44.12 -16.35
CA ARG K 142 -28.40 -43.29 -17.01
C ARG K 142 -28.19 -41.82 -16.70
N GLU K 143 -27.85 -41.51 -15.45
CA GLU K 143 -27.50 -40.15 -15.08
C GLU K 143 -26.25 -39.67 -15.82
N ARG K 144 -25.26 -40.54 -15.97
CA ARG K 144 -24.07 -40.18 -16.73
C ARG K 144 -24.41 -39.90 -18.19
N MET K 145 -25.26 -40.74 -18.79
CA MET K 145 -25.64 -40.54 -20.18
C MET K 145 -26.38 -39.22 -20.37
N LEU K 146 -27.29 -38.90 -19.46
CA LEU K 146 -27.95 -37.59 -19.53
C LEU K 146 -26.97 -36.45 -19.34
N ARG K 147 -26.00 -36.62 -18.44
CA ARG K 147 -25.15 -35.50 -18.03
C ARG K 147 -24.13 -35.12 -19.10
N SER K 148 -23.59 -36.09 -19.83
CA SER K 148 -22.43 -35.86 -20.67
C SER K 148 -22.77 -35.09 -21.94
N GLY K 149 -21.77 -34.37 -22.45
CA GLY K 149 -21.87 -33.71 -23.73
C GLY K 149 -21.54 -34.63 -24.89
N LEU K 150 -21.55 -34.05 -26.09
CA LEU K 150 -21.20 -34.81 -27.28
C LEU K 150 -19.69 -35.01 -27.40
N THR K 151 -18.90 -34.05 -26.95
CA THR K 151 -17.45 -34.16 -26.99
C THR K 151 -16.91 -33.86 -25.60
N ALA K 152 -15.88 -34.59 -25.19
CA ALA K 152 -15.24 -34.35 -23.91
C ALA K 152 -14.36 -33.10 -24.00
N GLY K 153 -14.45 -32.24 -23.00
CA GLY K 153 -13.67 -31.03 -22.98
C GLY K 153 -14.05 -30.09 -21.85
N LEU L 21 -25.65 -53.55 -39.27
CA LEU L 21 -24.69 -53.72 -38.19
C LEU L 21 -23.59 -54.67 -38.61
N ASP L 22 -22.45 -54.12 -39.01
CA ASP L 22 -21.37 -54.94 -39.54
C ASP L 22 -20.42 -55.33 -38.42
N VAL L 23 -20.14 -56.63 -38.30
CA VAL L 23 -19.21 -57.15 -37.30
C VAL L 23 -17.84 -57.30 -37.98
N PRO L 24 -16.80 -56.65 -37.47
CA PRO L 24 -15.48 -56.77 -38.10
C PRO L 24 -14.94 -58.18 -38.03
N SER L 25 -14.10 -58.52 -39.00
CA SER L 25 -13.52 -59.86 -39.10
C SER L 25 -12.09 -59.83 -38.57
N SER L 26 -11.69 -60.90 -37.89
CA SER L 26 -10.38 -60.98 -37.28
C SER L 26 -9.34 -61.40 -38.31
N SER L 27 -8.07 -61.15 -37.98
CA SER L 27 -6.98 -61.66 -38.79
C SER L 27 -6.69 -63.12 -38.44
N ARG L 28 -5.97 -63.79 -39.32
CA ARG L 28 -5.65 -65.19 -39.11
C ARG L 28 -4.60 -65.40 -38.04
N TYR L 29 -3.92 -64.35 -37.61
CA TYR L 29 -2.91 -64.49 -36.56
C TYR L 29 -3.50 -64.28 -35.18
N ASP L 30 -4.08 -63.11 -34.94
CA ASP L 30 -4.64 -62.80 -33.64
C ASP L 30 -6.04 -62.23 -33.81
N HIS L 31 -6.92 -62.55 -32.87
CA HIS L 31 -8.30 -62.05 -32.90
C HIS L 31 -8.40 -60.59 -32.49
N ARG L 32 -7.33 -59.98 -31.98
CA ARG L 32 -7.35 -58.61 -31.53
C ARG L 32 -7.18 -57.61 -32.67
N ILE L 33 -6.80 -58.08 -33.86
CA ILE L 33 -6.68 -57.25 -35.04
C ILE L 33 -7.86 -57.57 -35.95
N ARG L 34 -8.70 -56.58 -36.21
CA ARG L 34 -9.95 -56.81 -36.91
C ARG L 34 -10.10 -55.86 -38.10
N TYR L 35 -10.81 -56.33 -39.11
CA TYR L 35 -10.99 -55.63 -40.36
C TYR L 35 -12.47 -55.52 -40.67
N VAL L 36 -12.87 -54.42 -41.30
CA VAL L 36 -14.23 -54.24 -41.77
C VAL L 36 -14.20 -53.44 -43.05
N THR L 37 -15.11 -53.74 -43.96
CA THR L 37 -15.27 -52.98 -45.19
C THR L 37 -16.23 -51.83 -44.94
N TYR L 38 -15.85 -50.64 -45.37
CA TYR L 38 -16.65 -49.46 -45.09
C TYR L 38 -17.93 -49.48 -45.92
N ASN L 39 -19.03 -49.08 -45.30
CA ASN L 39 -20.32 -48.98 -45.96
C ASN L 39 -20.98 -47.73 -45.41
N PRO L 40 -21.29 -46.73 -46.24
CA PRO L 40 -21.91 -45.51 -45.71
C PRO L 40 -23.28 -45.74 -45.09
N ALA L 41 -23.95 -46.83 -45.44
CA ALA L 41 -25.31 -47.09 -44.96
C ALA L 41 -25.34 -48.16 -43.88
N ASP L 42 -24.25 -48.34 -43.15
CA ASP L 42 -24.20 -49.36 -42.11
C ASP L 42 -23.39 -48.85 -40.93
N VAL L 43 -23.57 -49.52 -39.80
CA VAL L 43 -22.89 -49.19 -38.55
C VAL L 43 -21.92 -50.31 -38.21
N VAL L 44 -20.77 -49.93 -37.68
CA VAL L 44 -19.70 -50.86 -37.35
C VAL L 44 -19.79 -51.20 -35.86
N GLN L 45 -19.84 -52.48 -35.55
CA GLN L 45 -19.93 -52.97 -34.18
C GLN L 45 -18.52 -53.03 -33.57
N VAL L 46 -18.32 -52.34 -32.46
CA VAL L 46 -17.04 -52.31 -31.77
C VAL L 46 -17.24 -52.84 -30.35
N ASP L 47 -16.56 -53.93 -30.03
CA ASP L 47 -16.61 -54.51 -28.69
C ASP L 47 -15.44 -53.96 -27.90
N THR L 48 -15.73 -53.25 -26.82
CA THR L 48 -14.73 -52.63 -25.98
C THR L 48 -14.67 -53.39 -24.66
N VAL L 49 -13.48 -53.57 -24.13
CA VAL L 49 -13.30 -54.27 -22.88
C VAL L 49 -12.55 -53.39 -21.89
N LEU L 50 -12.54 -53.81 -20.62
CA LEU L 50 -11.89 -53.07 -19.56
C LEU L 50 -10.38 -53.02 -19.77
N GLY L 51 -9.81 -51.82 -19.64
CA GLY L 51 -8.38 -51.66 -19.68
C GLY L 51 -7.72 -51.89 -21.02
N VAL L 52 -8.48 -51.81 -22.11
CA VAL L 52 -7.91 -52.00 -23.45
C VAL L 52 -8.25 -50.78 -24.30
N ALA L 53 -7.21 -50.25 -24.94
CA ALA L 53 -7.34 -49.17 -25.90
C ALA L 53 -7.50 -49.76 -27.28
N THR L 54 -8.43 -49.22 -28.05
CA THR L 54 -8.65 -49.65 -29.43
C THR L 54 -8.11 -48.58 -30.37
N HIS L 55 -7.33 -49.00 -31.35
CA HIS L 55 -6.77 -48.11 -32.35
C HIS L 55 -7.61 -48.20 -33.62
N ILE L 56 -8.35 -47.14 -33.92
CA ILE L 56 -9.04 -47.02 -35.20
C ILE L 56 -8.23 -46.07 -36.05
N MET L 57 -7.90 -46.49 -37.27
CA MET L 57 -7.09 -45.69 -38.17
C MET L 57 -7.93 -45.31 -39.39
N LEU L 58 -7.96 -44.02 -39.70
CA LEU L 58 -8.70 -43.50 -40.84
C LEU L 58 -7.93 -43.75 -42.13
N GLU L 59 -8.55 -43.41 -43.25
CA GLU L 59 -7.90 -43.53 -44.54
C GLU L 59 -6.84 -42.46 -44.71
N GLU L 60 -5.79 -42.78 -45.45
CA GLU L 60 -4.72 -41.84 -45.69
C GLU L 60 -5.23 -40.61 -46.42
N GLY L 61 -4.80 -39.43 -45.97
CA GLY L 61 -5.24 -38.19 -46.57
C GLY L 61 -6.60 -37.72 -46.14
N GLU L 62 -7.24 -38.42 -45.21
CA GLU L 62 -8.56 -38.07 -44.72
C GLU L 62 -8.43 -37.11 -43.55
N GLN L 63 -9.23 -36.05 -43.56
CA GLN L 63 -9.12 -35.01 -42.56
C GLN L 63 -10.26 -35.12 -41.56
N TYR L 64 -9.92 -35.21 -40.28
CA TYR L 64 -10.88 -35.19 -39.20
C TYR L 64 -11.60 -33.85 -39.17
N LEU L 65 -12.93 -33.89 -39.04
CA LEU L 65 -13.71 -32.68 -38.81
C LEU L 65 -14.26 -32.61 -37.39
N THR L 66 -15.05 -33.61 -37.01
CA THR L 66 -15.72 -33.61 -35.73
C THR L 66 -16.03 -35.06 -35.37
N HIS L 67 -16.21 -35.31 -34.09
CA HIS L 67 -16.76 -36.55 -33.60
C HIS L 67 -17.84 -36.23 -32.58
N ALA L 68 -18.65 -37.23 -32.27
CA ALA L 68 -19.68 -37.08 -31.24
C ALA L 68 -19.86 -38.42 -30.56
N PHE L 69 -19.84 -38.42 -29.23
CA PHE L 69 -20.21 -39.58 -28.46
C PHE L 69 -21.65 -39.44 -28.00
N GLY L 70 -22.36 -40.58 -28.01
CA GLY L 70 -23.65 -40.60 -27.37
C GLY L 70 -23.53 -40.45 -25.85
N ASP L 71 -22.34 -40.74 -25.32
CA ASP L 71 -22.01 -40.53 -23.92
C ASP L 71 -20.52 -40.28 -23.82
N SER L 72 -20.14 -39.02 -23.63
CA SER L 72 -18.72 -38.64 -23.65
C SER L 72 -17.94 -39.20 -22.48
N GLU L 73 -18.55 -39.25 -21.28
CA GLU L 73 -17.85 -39.72 -20.10
C GLU L 73 -17.67 -41.22 -20.05
N ALA L 74 -18.30 -41.96 -20.96
CA ALA L 74 -18.13 -43.40 -20.99
C ALA L 74 -16.81 -43.81 -21.62
N TYR L 75 -16.28 -43.00 -22.53
CA TYR L 75 -15.09 -43.35 -23.28
C TYR L 75 -14.11 -42.19 -23.30
N ALA L 76 -12.83 -42.53 -23.45
CA ALA L 76 -11.78 -41.55 -23.67
C ALA L 76 -11.45 -41.52 -25.14
N PHE L 77 -11.23 -40.32 -25.67
CA PHE L 77 -10.96 -40.11 -27.08
C PHE L 77 -9.63 -39.40 -27.21
N ALA L 78 -8.74 -39.92 -28.04
CA ALA L 78 -7.50 -39.24 -28.39
C ALA L 78 -7.25 -39.40 -29.88
N ARG L 79 -6.83 -38.32 -30.50
CA ARG L 79 -6.58 -38.34 -31.93
C ARG L 79 -5.33 -37.54 -32.24
N LYS L 80 -4.49 -38.09 -33.11
CA LYS L 80 -3.37 -37.35 -33.68
C LYS L 80 -3.31 -37.77 -35.15
N GLY L 81 -3.69 -36.87 -36.03
CA GLY L 81 -3.73 -37.17 -37.44
C GLY L 81 -4.89 -38.07 -37.78
N ARG L 82 -4.60 -39.23 -38.38
CA ARG L 82 -5.63 -40.18 -38.73
C ARG L 82 -5.70 -41.36 -37.77
N HIS L 83 -5.13 -41.22 -36.58
CA HIS L 83 -5.08 -42.27 -35.58
C HIS L 83 -5.98 -41.91 -34.43
N ILE L 84 -6.93 -42.78 -34.11
CA ILE L 84 -7.91 -42.55 -33.06
C ILE L 84 -7.78 -43.68 -32.05
N PHE L 85 -7.71 -43.33 -30.77
CA PHE L 85 -7.72 -44.30 -29.68
C PHE L 85 -8.94 -44.06 -28.82
N ILE L 86 -9.69 -45.13 -28.53
CA ILE L 86 -10.82 -45.06 -27.62
C ILE L 86 -10.62 -46.10 -26.53
N LYS L 87 -11.25 -45.83 -25.40
CA LYS L 87 -10.99 -46.55 -24.16
C LYS L 87 -12.10 -46.26 -23.16
N PRO L 88 -12.77 -47.29 -22.64
CA PRO L 88 -13.88 -47.03 -21.70
C PRO L 88 -13.40 -46.39 -20.41
N GLN L 89 -14.19 -45.45 -19.90
CA GLN L 89 -13.92 -44.70 -18.69
C GLN L 89 -14.93 -44.99 -17.58
N ALA L 90 -15.90 -45.86 -17.84
CA ALA L 90 -17.00 -45.99 -16.90
C ALA L 90 -17.63 -47.37 -17.05
N GLU L 91 -18.43 -47.73 -16.05
CA GLU L 91 -19.18 -48.97 -16.07
C GLU L 91 -20.32 -48.89 -17.07
N LEU L 92 -20.61 -50.02 -17.72
CA LEU L 92 -21.73 -50.13 -18.64
C LEU L 92 -21.64 -49.09 -19.76
N ALA L 93 -20.44 -48.94 -20.30
CA ALA L 93 -20.16 -47.91 -21.31
C ALA L 93 -20.68 -48.38 -22.66
N ASN L 94 -21.99 -48.26 -22.84
CA ASN L 94 -22.68 -48.67 -24.06
C ASN L 94 -23.24 -47.42 -24.71
N THR L 95 -22.64 -47.01 -25.82
CA THR L 95 -23.01 -45.77 -26.49
C THR L 95 -22.70 -45.92 -27.97
N ASN L 96 -22.66 -44.80 -28.69
CA ASN L 96 -22.30 -44.80 -30.09
C ASN L 96 -21.28 -43.70 -30.34
N LEU L 97 -20.52 -43.84 -31.41
CA LEU L 97 -19.53 -42.86 -31.83
C LEU L 97 -19.71 -42.58 -33.31
N ILE L 98 -19.70 -41.30 -33.67
CA ILE L 98 -19.79 -40.86 -35.06
C ILE L 98 -18.59 -39.95 -35.28
N VAL L 99 -17.75 -40.29 -36.25
CA VAL L 99 -16.64 -39.45 -36.67
C VAL L 99 -16.90 -39.00 -38.10
N VAL L 100 -16.92 -37.69 -38.32
CA VAL L 100 -17.15 -37.13 -39.65
C VAL L 100 -15.83 -36.56 -40.16
N THR L 101 -15.54 -36.85 -41.42
CA THR L 101 -14.32 -36.40 -42.05
C THR L 101 -14.67 -35.65 -43.32
N ASP L 102 -13.64 -35.28 -44.09
CA ASP L 102 -13.87 -34.66 -45.39
C ASP L 102 -14.60 -35.61 -46.33
N ARG L 103 -14.25 -36.89 -46.32
CA ARG L 103 -14.79 -37.79 -47.33
C ARG L 103 -15.98 -38.61 -46.84
N ARG L 104 -16.06 -38.94 -45.56
CA ARG L 104 -17.14 -39.79 -45.08
C ARG L 104 -17.39 -39.55 -43.60
N SER L 105 -18.39 -40.25 -43.07
CA SER L 105 -18.65 -40.29 -41.64
C SER L 105 -18.72 -41.75 -41.20
N TYR L 106 -18.09 -42.06 -40.08
CA TYR L 106 -18.03 -43.41 -39.55
C TYR L 106 -19.03 -43.56 -38.40
N LYS L 107 -19.74 -44.68 -38.39
CA LYS L 107 -20.73 -44.97 -37.36
C LYS L 107 -20.28 -46.20 -36.58
N PHE L 108 -20.05 -46.04 -35.30
CA PHE L 108 -19.61 -47.11 -34.43
C PHE L 108 -20.62 -47.31 -33.30
N ARG L 109 -20.96 -48.58 -33.05
CA ARG L 109 -21.79 -48.92 -31.90
C ARG L 109 -20.85 -49.51 -30.85
N LEU L 110 -20.57 -48.72 -29.82
CA LEU L 110 -19.62 -49.13 -28.78
C LEU L 110 -20.34 -49.92 -27.71
N GLN L 111 -19.98 -51.19 -27.54
CA GLN L 111 -20.64 -52.08 -26.60
C GLN L 111 -19.59 -52.68 -25.67
N MET L 112 -19.59 -52.26 -24.41
CA MET L 112 -18.66 -52.78 -23.44
C MET L 112 -18.98 -54.24 -23.10
N ARG L 113 -17.93 -55.05 -23.01
CA ARG L 113 -18.06 -56.46 -22.68
C ARG L 113 -17.94 -56.66 -21.18
N ASN L 114 -18.28 -57.86 -20.72
CA ASN L 114 -18.22 -58.15 -19.29
C ASN L 114 -17.03 -58.99 -18.88
N ASP L 115 -16.58 -59.92 -19.73
CA ASP L 115 -15.62 -60.93 -19.32
C ASP L 115 -14.17 -60.60 -19.67
N ARG L 116 -13.91 -59.41 -20.21
CA ARG L 116 -12.56 -58.99 -20.57
C ARG L 116 -11.91 -59.96 -21.56
N ASN L 117 -12.72 -60.49 -22.46
CA ASN L 117 -12.28 -61.44 -23.47
C ASN L 117 -12.68 -60.93 -24.85
N GLY L 118 -11.97 -61.40 -25.86
CA GLY L 118 -12.26 -60.99 -27.22
C GLY L 118 -12.07 -59.51 -27.46
N ALA L 119 -10.97 -58.96 -26.96
CA ALA L 119 -10.69 -57.54 -27.12
C ALA L 119 -10.35 -57.22 -28.56
N MET L 120 -10.48 -55.94 -28.90
CA MET L 120 -10.11 -55.41 -30.21
C MET L 120 -9.01 -54.39 -30.00
N TYR L 121 -7.84 -54.64 -30.57
CA TYR L 121 -6.73 -53.70 -30.46
C TYR L 121 -6.70 -52.69 -31.59
N GLU L 122 -6.87 -53.12 -32.84
CA GLU L 122 -7.02 -52.18 -33.94
C GLU L 122 -8.22 -52.57 -34.79
N LEU L 123 -8.86 -51.56 -35.35
CA LEU L 123 -9.87 -51.70 -36.39
C LEU L 123 -9.37 -51.01 -37.64
N ALA L 124 -9.29 -51.76 -38.74
CA ALA L 124 -8.85 -51.21 -40.01
C ALA L 124 -9.98 -51.28 -41.01
N PHE L 125 -10.11 -50.24 -41.82
CA PHE L 125 -11.19 -50.14 -42.80
C PHE L 125 -10.67 -50.44 -44.20
N ARG L 126 -11.44 -51.23 -44.92
CA ARG L 126 -11.22 -51.47 -46.35
C ARG L 126 -12.29 -50.66 -47.07
N TYR L 127 -11.87 -49.74 -47.94
CA TYR L 127 -12.82 -48.82 -48.56
C TYR L 127 -13.13 -49.23 -49.98
N PRO L 128 -14.32 -49.77 -50.26
CA PRO L 128 -14.69 -50.09 -51.64
C PRO L 128 -15.22 -48.89 -52.40
N ASP L 129 -15.53 -47.79 -51.72
CA ASP L 129 -15.96 -46.60 -52.44
C ASP L 129 -14.80 -46.00 -53.23
N THR L 130 -13.62 -45.92 -52.63
CA THR L 130 -12.44 -45.50 -53.40
C THR L 130 -12.11 -46.52 -54.48
N GLN L 131 -12.35 -47.81 -54.21
CA GLN L 131 -12.13 -48.82 -55.23
C GLN L 131 -13.07 -48.63 -56.42
N ALA L 132 -14.33 -48.28 -56.15
CA ALA L 132 -15.27 -47.98 -57.22
C ALA L 132 -14.87 -46.72 -57.97
N ARG L 133 -14.37 -45.71 -57.25
CA ARG L 133 -13.85 -44.52 -57.91
C ARG L 133 -12.70 -44.86 -58.84
N GLN L 134 -11.81 -45.75 -58.39
CA GLN L 134 -10.73 -46.23 -59.25
C GLN L 134 -11.26 -47.00 -60.44
N THR L 135 -12.31 -47.79 -60.25
CA THR L 135 -12.91 -48.56 -61.33
C THR L 135 -13.53 -47.67 -62.40
N LYS M 135 -12.41 -52.71 -3.00
CA LYS M 135 -11.58 -53.09 -1.86
C LYS M 135 -10.62 -54.21 -2.24
N THR M 136 -11.16 -55.30 -2.78
CA THR M 136 -10.32 -56.39 -3.27
C THR M 136 -9.45 -55.85 -4.42
N PRO M 137 -8.21 -56.30 -4.56
CA PRO M 137 -7.32 -55.65 -5.53
C PRO M 137 -7.79 -55.75 -6.96
N TYR M 138 -8.60 -56.75 -7.31
CA TYR M 138 -9.21 -56.78 -8.63
C TYR M 138 -10.11 -55.55 -8.85
N GLU M 139 -10.87 -55.18 -7.82
CA GLU M 139 -11.75 -54.03 -7.94
C GLU M 139 -10.97 -52.72 -8.07
N LEU M 140 -9.90 -52.58 -7.30
CA LEU M 140 -9.07 -51.38 -7.41
C LEU M 140 -8.39 -51.31 -8.76
N ALA M 141 -7.96 -52.47 -9.28
CA ALA M 141 -7.38 -52.51 -10.61
C ALA M 141 -8.40 -52.11 -11.66
N ARG M 142 -9.63 -52.58 -11.52
CA ARG M 142 -10.67 -52.27 -12.50
C ARG M 142 -11.02 -50.79 -12.47
N GLU M 143 -11.08 -50.21 -11.26
CA GLU M 143 -11.29 -48.76 -11.14
C GLU M 143 -10.13 -47.99 -11.75
N ARG M 144 -8.89 -48.46 -11.56
CA ARG M 144 -7.74 -47.80 -12.18
C ARG M 144 -7.83 -47.87 -13.70
N MET M 145 -8.20 -49.03 -14.24
CA MET M 145 -8.30 -49.18 -15.69
C MET M 145 -9.37 -48.26 -16.26
N LEU M 146 -10.52 -48.15 -15.60
CA LEU M 146 -11.53 -47.20 -16.04
C LEU M 146 -11.03 -45.76 -15.93
N ARG M 147 -10.29 -45.45 -14.88
CA ARG M 147 -9.96 -44.06 -14.58
C ARG M 147 -8.91 -43.49 -15.54
N SER M 148 -7.94 -44.29 -15.94
CA SER M 148 -6.75 -43.78 -16.61
C SER M 148 -7.03 -43.37 -18.06
N GLY M 149 -6.22 -42.43 -18.55
CA GLY M 149 -6.25 -42.02 -19.93
C GLY M 149 -5.39 -42.93 -20.81
N LEU M 150 -5.32 -42.57 -22.10
CA LEU M 150 -4.49 -43.31 -23.03
C LEU M 150 -3.01 -42.98 -22.87
N THR M 151 -2.69 -41.74 -22.50
CA THR M 151 -1.32 -41.32 -22.28
C THR M 151 -1.23 -40.67 -20.92
N ALA M 152 -0.13 -40.91 -20.21
CA ALA M 152 0.09 -40.28 -18.92
C ALA M 152 0.53 -38.84 -19.12
N GLY M 153 -0.06 -37.93 -18.35
CA GLY M 153 0.27 -36.52 -18.46
C GLY M 153 -0.64 -35.64 -17.63
N LEU N 21 -1.13 -63.87 -31.48
CA LEU N 21 -0.37 -63.55 -30.27
C LEU N 21 1.01 -64.16 -30.34
N ASP N 22 1.99 -63.35 -30.70
CA ASP N 22 3.34 -63.85 -30.91
C ASP N 22 4.15 -63.74 -29.62
N VAL N 23 4.76 -64.85 -29.22
CA VAL N 23 5.60 -64.91 -28.03
C VAL N 23 7.05 -64.70 -28.47
N PRO N 24 7.75 -63.69 -27.96
CA PRO N 24 9.14 -63.47 -28.39
C PRO N 24 10.04 -64.61 -27.97
N SER N 25 11.11 -64.81 -28.74
CA SER N 25 12.07 -65.88 -28.51
C SER N 25 13.30 -65.32 -27.81
N SER N 26 13.86 -66.11 -26.89
CA SER N 26 15.01 -65.69 -26.11
C SER N 26 16.30 -65.89 -26.89
N SER N 27 17.35 -65.21 -26.44
CA SER N 27 18.68 -65.45 -26.99
C SER N 27 19.30 -66.67 -26.34
N ARG N 28 20.34 -67.20 -26.98
CA ARG N 28 21.01 -68.38 -26.46
C ARG N 28 21.86 -68.10 -25.24
N TYR N 29 22.12 -66.83 -24.92
CA TYR N 29 22.91 -66.50 -23.74
C TYR N 29 22.04 -66.30 -22.52
N ASP N 30 21.11 -65.35 -22.58
CA ASP N 30 20.24 -65.06 -21.44
C ASP N 30 18.80 -65.00 -21.91
N HIS N 31 17.89 -65.44 -21.06
CA HIS N 31 16.46 -65.42 -21.36
C HIS N 31 15.86 -64.02 -21.25
N ARG N 32 16.59 -63.05 -20.73
CA ARG N 32 16.09 -61.70 -20.56
C ARG N 32 16.18 -60.86 -21.83
N ILE N 33 16.88 -61.35 -22.84
CA ILE N 33 16.98 -60.69 -24.14
C ILE N 33 16.13 -61.50 -25.12
N ARG N 34 15.10 -60.88 -25.66
CA ARG N 34 14.12 -61.59 -26.48
C ARG N 34 13.93 -60.90 -27.82
N TYR N 35 13.58 -61.71 -28.82
CA TYR N 35 13.44 -61.29 -30.20
C TYR N 35 12.07 -61.71 -30.72
N VAL N 36 11.50 -60.89 -31.59
CA VAL N 36 10.25 -61.23 -32.25
C VAL N 36 10.30 -60.63 -33.65
N THR N 37 9.68 -61.33 -34.60
CA THR N 37 9.55 -60.84 -35.96
C THR N 37 8.26 -60.03 -36.07
N TYR N 38 8.35 -58.84 -36.66
CA TYR N 38 7.20 -57.97 -36.71
C TYR N 38 6.16 -58.50 -37.69
N ASN N 39 4.90 -58.39 -37.30
CA ASN N 39 3.79 -58.80 -38.14
C ASN N 39 2.69 -57.77 -37.93
N PRO N 40 2.27 -57.03 -38.97
CA PRO N 40 1.23 -56.02 -38.76
C PRO N 40 -0.10 -56.59 -38.30
N ALA N 41 -0.35 -57.87 -38.52
CA ALA N 41 -1.63 -58.48 -38.19
C ALA N 41 -1.55 -59.34 -36.94
N ASP N 42 -0.61 -59.06 -36.04
CA ASP N 42 -0.46 -59.86 -34.84
C ASP N 42 -0.07 -58.96 -33.67
N VAL N 43 -0.25 -59.48 -32.47
CA VAL N 43 0.06 -58.79 -31.24
C VAL N 43 1.23 -59.49 -30.56
N VAL N 44 2.11 -58.68 -29.96
CA VAL N 44 3.32 -59.17 -29.32
C VAL N 44 3.05 -59.31 -27.83
N GLN N 45 3.33 -60.49 -27.28
CA GLN N 45 3.14 -60.79 -25.87
C GLN N 45 4.36 -60.31 -25.08
N VAL N 46 4.14 -59.45 -24.10
CA VAL N 46 5.20 -58.91 -23.27
C VAL N 46 4.91 -59.28 -21.82
N ASP N 47 5.80 -60.03 -21.20
CA ASP N 47 5.69 -60.42 -19.80
C ASP N 47 6.48 -59.41 -18.97
N THR N 48 5.79 -58.69 -18.10
CA THR N 48 6.41 -57.68 -17.26
C THR N 48 6.43 -58.19 -15.83
N VAL N 49 7.51 -57.91 -15.11
CA VAL N 49 7.64 -58.34 -13.75
C VAL N 49 7.90 -57.14 -12.85
N LEU N 50 7.80 -57.35 -11.55
CA LEU N 50 8.01 -56.30 -10.56
C LEU N 50 9.45 -55.79 -10.57
N GLY N 51 9.60 -54.48 -10.60
CA GLY N 51 10.91 -53.87 -10.47
C GLY N 51 11.84 -54.06 -11.64
N VAL N 52 11.32 -54.38 -12.82
CA VAL N 52 12.13 -54.56 -14.01
C VAL N 52 11.63 -53.65 -15.11
N ALA N 53 12.57 -52.91 -15.70
CA ALA N 53 12.31 -52.06 -16.85
C ALA N 53 12.59 -52.87 -18.11
N THR N 54 11.70 -52.76 -19.09
CA THR N 54 11.88 -53.42 -20.38
C THR N 54 12.23 -52.37 -21.42
N HIS N 55 13.28 -52.66 -22.19
CA HIS N 55 13.72 -51.78 -23.26
C HIS N 55 13.20 -52.31 -24.58
N ILE N 56 12.25 -51.60 -25.18
CA ILE N 56 11.80 -51.88 -26.54
C ILE N 56 12.45 -50.84 -27.44
N MET N 57 13.11 -51.31 -28.50
CA MET N 57 13.80 -50.42 -29.43
C MET N 57 13.12 -50.50 -30.78
N LEU N 58 12.78 -49.33 -31.34
CA LEU N 58 12.14 -49.25 -32.65
C LEU N 58 13.18 -49.40 -33.75
N GLU N 59 12.71 -49.46 -34.99
CA GLU N 59 13.58 -49.54 -36.13
C GLU N 59 14.29 -48.21 -36.35
N GLU N 60 15.52 -48.30 -36.88
CA GLU N 60 16.30 -47.09 -37.14
C GLU N 60 15.58 -46.20 -38.17
N GLY N 61 15.56 -44.91 -37.89
CA GLY N 61 14.90 -43.97 -38.76
C GLY N 61 13.40 -43.89 -38.61
N GLU N 62 12.84 -44.63 -37.65
CA GLU N 62 11.40 -44.66 -37.43
C GLU N 62 11.03 -43.55 -36.46
N GLN N 63 9.98 -42.81 -36.77
CA GLN N 63 9.59 -41.65 -35.98
C GLN N 63 8.36 -41.99 -35.14
N TYR N 64 8.48 -41.79 -33.83
CA TYR N 64 7.37 -41.92 -32.91
C TYR N 64 6.29 -40.89 -33.22
N LEU N 65 5.04 -41.34 -33.27
CA LEU N 65 3.92 -40.41 -33.38
C LEU N 65 3.11 -40.34 -32.08
N THR N 66 2.60 -41.47 -31.63
CA THR N 66 1.73 -41.51 -30.47
C THR N 66 1.79 -42.91 -29.90
N HIS N 67 1.46 -43.02 -28.62
CA HIS N 67 1.20 -44.30 -27.99
C HIS N 67 -0.08 -44.21 -27.20
N ALA N 68 -0.62 -45.36 -26.82
CA ALA N 68 -1.80 -45.41 -25.98
C ALA N 68 -1.71 -46.62 -25.08
N PHE N 69 -1.93 -46.42 -23.80
CA PHE N 69 -2.09 -47.53 -22.87
C PHE N 69 -3.56 -47.80 -22.65
N GLY N 70 -3.90 -49.08 -22.53
CA GLY N 70 -5.22 -49.44 -22.06
C GLY N 70 -5.43 -49.04 -20.61
N ASP N 71 -4.33 -48.86 -19.88
CA ASP N 71 -4.35 -48.37 -18.51
C ASP N 71 -3.04 -47.64 -18.27
N SER N 72 -3.09 -46.31 -18.27
CA SER N 72 -1.86 -45.52 -18.18
C SER N 72 -1.19 -45.62 -16.82
N GLU N 73 -1.96 -45.70 -15.74
CA GLU N 73 -1.38 -45.75 -14.40
C GLU N 73 -0.78 -47.10 -14.05
N ALA N 74 -1.00 -48.11 -14.87
CA ALA N 74 -0.41 -49.42 -14.60
C ALA N 74 1.07 -49.47 -14.96
N TYR N 75 1.49 -48.67 -15.94
CA TYR N 75 2.86 -48.72 -16.44
C TYR N 75 3.44 -47.32 -16.54
N ALA N 76 4.76 -47.25 -16.46
CA ALA N 76 5.50 -46.03 -16.71
C ALA N 76 6.09 -46.09 -18.11
N PHE N 77 6.04 -44.97 -18.82
CA PHE N 77 6.49 -44.89 -20.19
C PHE N 77 7.56 -43.81 -20.28
N ALA N 78 8.70 -44.15 -20.87
CA ALA N 78 9.72 -43.15 -21.17
C ALA N 78 10.29 -43.42 -22.55
N ARG N 79 10.48 -42.37 -23.32
CA ARG N 79 10.98 -42.51 -24.67
C ARG N 79 11.97 -41.40 -24.95
N LYS N 80 13.08 -41.76 -25.58
CA LYS N 80 14.03 -40.80 -26.14
C LYS N 80 14.48 -41.38 -27.47
N GLY N 81 14.03 -40.77 -28.55
CA GLY N 81 14.33 -41.26 -29.88
C GLY N 81 13.56 -42.53 -30.19
N ARG N 82 14.28 -43.60 -30.51
CA ARG N 82 13.66 -44.88 -30.82
C ARG N 82 13.77 -45.87 -29.66
N HIS N 83 14.04 -45.38 -28.46
CA HIS N 83 14.21 -46.23 -27.29
C HIS N 83 13.04 -46.00 -26.34
N ILE N 84 12.35 -47.08 -25.99
CA ILE N 84 11.17 -47.03 -25.14
C ILE N 84 11.43 -47.91 -23.94
N PHE N 85 11.16 -47.39 -22.74
CA PHE N 85 11.24 -48.15 -21.51
C PHE N 85 9.85 -48.19 -20.87
N ILE N 86 9.42 -49.39 -20.49
CA ILE N 86 8.16 -49.56 -19.77
C ILE N 86 8.44 -50.32 -18.48
N LYS N 87 7.58 -50.12 -17.52
CA LYS N 87 7.79 -50.53 -16.15
C LYS N 87 6.48 -50.48 -15.38
N PRO N 88 6.06 -51.58 -14.77
CA PRO N 88 4.77 -51.57 -14.05
C PRO N 88 4.79 -50.63 -12.85
N GLN N 89 3.68 -49.94 -12.64
CA GLN N 89 3.49 -48.98 -11.56
C GLN N 89 2.43 -49.41 -10.57
N ALA N 90 1.82 -50.57 -10.77
CA ALA N 90 0.64 -50.93 -9.99
C ALA N 90 0.48 -52.43 -9.96
N GLU N 91 -0.35 -52.88 -9.03
CA GLU N 91 -0.67 -54.29 -8.91
C GLU N 91 -1.59 -54.72 -10.05
N LEU N 92 -1.41 -55.96 -10.51
CA LEU N 92 -2.26 -56.56 -11.53
C LEU N 92 -2.27 -55.70 -12.80
N ALA N 93 -1.08 -55.25 -13.21
CA ALA N 93 -0.94 -54.34 -14.33
C ALA N 93 -1.04 -55.13 -15.64
N ASN N 94 -2.27 -55.47 -15.99
CA ASN N 94 -2.57 -56.23 -17.20
C ASN N 94 -3.34 -55.33 -18.15
N THR N 95 -2.69 -54.90 -19.23
CA THR N 95 -3.27 -53.95 -20.16
C THR N 95 -2.68 -54.20 -21.53
N ASN N 96 -2.83 -53.24 -22.44
CA ASN N 96 -2.22 -53.30 -23.75
C ASN N 96 -1.54 -51.99 -24.06
N LEU N 97 -0.59 -52.04 -24.98
CA LEU N 97 0.13 -50.86 -25.44
C LEU N 97 0.15 -50.85 -26.95
N ILE N 98 -0.16 -49.70 -27.55
CA ILE N 98 -0.10 -49.50 -28.99
C ILE N 98 0.81 -48.30 -29.22
N VAL N 99 1.87 -48.49 -29.99
CA VAL N 99 2.74 -47.40 -30.41
C VAL N 99 2.63 -47.27 -31.92
N VAL N 100 2.26 -46.07 -32.38
CA VAL N 100 2.14 -45.81 -33.82
C VAL N 100 3.30 -44.93 -34.24
N THR N 101 3.90 -45.27 -35.37
CA THR N 101 5.03 -44.55 -35.91
C THR N 101 4.71 -44.13 -37.34
N ASP N 102 5.71 -43.57 -38.01
CA ASP N 102 5.56 -43.24 -39.42
C ASP N 102 5.32 -44.48 -40.27
N ARG N 103 6.02 -45.58 -39.95
CA ARG N 103 5.96 -46.74 -40.84
C ARG N 103 4.99 -47.82 -40.37
N ARG N 104 4.78 -47.97 -39.07
CA ARG N 104 3.93 -49.05 -38.60
C ARG N 104 3.35 -48.70 -37.23
N SER N 105 2.52 -49.60 -36.72
CA SER N 105 2.02 -49.52 -35.35
C SER N 105 2.30 -50.85 -34.65
N TYR N 106 2.77 -50.78 -33.42
CA TYR N 106 3.12 -51.96 -32.64
C TYR N 106 2.03 -52.27 -31.63
N LYS N 107 1.68 -53.54 -31.50
CA LYS N 107 0.64 -53.98 -30.58
C LYS N 107 1.27 -54.89 -29.54
N PHE N 108 1.21 -54.48 -28.28
CA PHE N 108 1.77 -55.23 -27.17
C PHE N 108 0.67 -55.59 -26.18
N ARG N 109 0.68 -56.83 -25.74
CA ARG N 109 -0.21 -57.27 -24.67
C ARG N 109 0.66 -57.37 -23.41
N LEU N 110 0.48 -56.41 -22.51
CA LEU N 110 1.30 -56.33 -21.31
C LEU N 110 0.66 -57.16 -20.20
N GLN N 111 1.34 -58.21 -19.75
CA GLN N 111 0.81 -59.13 -18.76
C GLN N 111 1.80 -59.22 -17.60
N MET N 112 1.43 -58.66 -16.46
CA MET N 112 2.28 -58.73 -15.29
C MET N 112 2.35 -60.13 -14.73
N ARG N 113 3.54 -60.55 -14.34
CA ARG N 113 3.77 -61.87 -13.78
C ARG N 113 3.67 -61.82 -12.26
N ASN N 114 3.62 -62.98 -11.63
CA ASN N 114 3.49 -63.04 -10.18
C ASN N 114 4.79 -63.40 -9.46
N ASP N 115 5.63 -64.24 -10.05
CA ASP N 115 6.75 -64.82 -9.33
C ASP N 115 8.07 -64.10 -9.56
N ARG N 116 8.07 -62.98 -10.26
CA ARG N 116 9.29 -62.20 -10.51
C ARG N 116 10.36 -63.04 -11.21
N ASN N 117 9.92 -63.92 -12.09
CA ASN N 117 10.80 -64.82 -12.83
C ASN N 117 10.53 -64.66 -14.33
N GLY N 118 11.52 -65.02 -15.13
CA GLY N 118 11.38 -64.90 -16.56
C GLY N 118 11.17 -63.49 -17.04
N ALA N 119 11.95 -62.55 -16.52
CA ALA N 119 11.83 -61.15 -16.90
C ALA N 119 12.33 -60.95 -18.33
N MET N 120 11.89 -59.84 -18.91
CA MET N 120 12.33 -59.40 -20.24
C MET N 120 13.03 -58.05 -20.08
N TYR N 121 14.30 -58.00 -20.44
CA TYR N 121 15.05 -56.74 -20.36
C TYR N 121 14.98 -55.94 -21.65
N GLU N 122 15.18 -56.58 -22.80
CA GLU N 122 14.97 -55.91 -24.08
C GLU N 122 14.12 -56.77 -24.98
N LEU N 123 13.33 -56.10 -25.81
CA LEU N 123 12.61 -56.70 -26.92
C LEU N 123 13.11 -56.06 -28.21
N ALA N 124 13.60 -56.89 -29.12
CA ALA N 124 14.11 -56.41 -30.40
C ALA N 124 13.24 -56.98 -31.51
N PHE N 125 12.96 -56.16 -32.51
CA PHE N 125 12.10 -56.54 -33.62
C PHE N 125 12.93 -56.85 -34.86
N ARG N 126 12.58 -57.93 -35.53
CA ARG N 126 13.12 -58.29 -36.83
C ARG N 126 12.01 -57.97 -37.83
N TYR N 127 12.30 -57.09 -38.80
CA TYR N 127 11.26 -56.62 -39.69
C TYR N 127 11.34 -57.31 -41.05
N PRO N 128 10.43 -58.22 -41.37
CA PRO N 128 10.44 -58.83 -42.69
C PRO N 128 9.73 -57.99 -43.74
N ASP N 129 8.98 -56.95 -43.32
CA ASP N 129 8.38 -56.07 -44.31
C ASP N 129 9.43 -55.26 -45.05
N THR N 130 10.41 -54.72 -44.32
CA THR N 130 11.54 -54.06 -44.98
C THR N 130 12.35 -55.05 -45.79
N GLN N 131 12.45 -56.30 -45.33
CA GLN N 131 13.14 -57.33 -46.10
C GLN N 131 12.43 -57.61 -47.41
N ALA N 132 11.09 -57.64 -47.39
CA ALA N 132 10.31 -57.81 -48.61
C ALA N 132 10.45 -56.61 -49.53
N ARG N 133 10.50 -55.40 -48.95
CA ARG N 133 10.76 -54.21 -49.75
C ARG N 133 12.11 -54.30 -50.44
N GLN N 134 13.13 -54.78 -49.71
CA GLN N 134 14.44 -55.00 -50.31
C GLN N 134 14.38 -56.06 -51.40
N THR N 135 13.59 -57.11 -51.21
CA THR N 135 13.45 -58.18 -52.19
C THR N 135 12.81 -57.67 -53.48
N LYS O 135 4.41 -53.55 5.50
CA LYS O 135 5.07 -53.48 6.78
C LYS O 135 6.38 -54.27 6.77
N THR O 136 6.31 -55.54 6.39
CA THR O 136 7.51 -56.34 6.26
C THR O 136 8.37 -55.73 5.13
N PRO O 137 9.70 -55.77 5.27
CA PRO O 137 10.51 -55.00 4.31
C PRO O 137 10.38 -55.47 2.87
N TYR O 138 9.99 -56.71 2.62
CA TYR O 138 9.68 -57.13 1.26
C TYR O 138 8.52 -56.32 0.69
N GLU O 139 7.49 -56.07 1.52
CA GLU O 139 6.34 -55.30 1.04
C GLU O 139 6.71 -53.84 0.77
N LEU O 140 7.51 -53.24 1.64
CA LEU O 140 7.96 -51.87 1.40
C LEU O 140 8.84 -51.79 0.16
N ALA O 141 9.69 -52.80 -0.05
CA ALA O 141 10.49 -52.84 -1.27
C ALA O 141 9.62 -52.95 -2.50
N ARG O 142 8.57 -53.78 -2.43
CA ARG O 142 7.70 -53.97 -3.58
C ARG O 142 6.92 -52.70 -3.89
N GLU O 143 6.46 -52.00 -2.85
CA GLU O 143 5.82 -50.71 -3.04
C GLU O 143 6.78 -49.69 -3.63
N ARG O 144 8.04 -49.70 -3.19
CA ARG O 144 9.03 -48.79 -3.78
C ARG O 144 9.27 -49.11 -5.24
N MET O 145 9.37 -50.40 -5.58
CA MET O 145 9.58 -50.79 -6.97
C MET O 145 8.43 -50.36 -7.86
N LEU O 146 7.19 -50.53 -7.39
CA LEU O 146 6.04 -50.05 -8.15
C LEU O 146 6.06 -48.53 -8.27
N ARG O 147 6.46 -47.83 -7.21
CA ARG O 147 6.29 -46.38 -7.15
C ARG O 147 7.29 -45.65 -8.04
N SER O 148 8.52 -46.14 -8.15
CA SER O 148 9.60 -45.38 -8.75
C SER O 148 9.49 -45.29 -10.27
N GLY O 149 10.05 -44.21 -10.83
CA GLY O 149 10.18 -44.06 -12.26
C GLY O 149 11.41 -44.75 -12.82
N LEU O 150 11.61 -44.57 -14.12
CA LEU O 150 12.80 -45.13 -14.77
C LEU O 150 14.05 -44.31 -14.48
N THR O 151 13.91 -43.00 -14.33
CA THR O 151 15.03 -42.13 -14.02
C THR O 151 14.65 -41.29 -12.81
N ALA O 152 15.62 -41.05 -11.93
CA ALA O 152 15.39 -40.20 -10.78
C ALA O 152 15.41 -38.74 -11.20
N GLY O 153 14.44 -37.98 -10.71
CA GLY O 153 14.35 -36.57 -11.06
C GLY O 153 13.08 -35.92 -10.55
N LEU P 21 23.59 -64.56 -18.71
CA LEU P 21 23.98 -63.86 -17.50
C LEU P 21 25.47 -63.98 -17.26
N ASP P 22 26.22 -62.95 -17.63
CA ASP P 22 27.67 -63.01 -17.56
C ASP P 22 28.15 -62.48 -16.22
N VAL P 23 28.98 -63.27 -15.54
CA VAL P 23 29.56 -62.90 -14.25
C VAL P 23 30.95 -62.31 -14.53
N PRO P 24 31.21 -61.07 -14.13
CA PRO P 24 32.52 -60.46 -14.40
C PRO P 24 33.63 -61.19 -13.65
N SER P 25 34.83 -61.13 -14.22
CA SER P 25 36.00 -61.80 -13.67
C SER P 25 36.86 -60.79 -12.93
N SER P 26 37.43 -61.22 -11.81
CA SER P 26 38.25 -60.35 -10.98
C SER P 26 39.66 -60.23 -11.52
N SER P 27 40.36 -59.19 -11.07
CA SER P 27 41.78 -59.07 -11.38
C SER P 27 42.60 -59.93 -10.43
N ARG P 28 43.85 -60.18 -10.81
CA ARG P 28 44.73 -61.00 -10.00
C ARG P 28 45.22 -60.29 -8.74
N TYR P 29 45.02 -58.98 -8.65
CA TYR P 29 45.45 -58.25 -7.46
C TYR P 29 44.34 -58.18 -6.42
N ASP P 30 43.20 -57.59 -6.78
CA ASP P 30 42.10 -57.44 -5.85
C ASP P 30 40.81 -57.91 -6.51
N HIS P 31 39.93 -58.52 -5.71
CA HIS P 31 38.65 -58.98 -6.20
C HIS P 31 37.66 -57.85 -6.45
N ARG P 32 37.96 -56.63 -6.02
CA ARG P 32 37.05 -55.51 -6.18
C ARG P 32 37.14 -54.87 -7.56
N ILE P 33 38.12 -55.24 -8.36
CA ILE P 33 38.26 -54.76 -9.73
C ILE P 33 37.89 -55.92 -10.65
N ARG P 34 36.84 -55.75 -11.43
CA ARG P 34 36.28 -56.84 -12.23
C ARG P 34 36.15 -56.45 -13.69
N TYR P 35 36.26 -57.45 -14.55
CA TYR P 35 36.25 -57.29 -15.99
C TYR P 35 35.20 -58.19 -16.60
N VAL P 36 34.57 -57.72 -17.68
CA VAL P 36 33.63 -58.53 -18.43
C VAL P 36 33.75 -58.15 -19.89
N THR P 37 33.56 -59.13 -20.77
CA THR P 37 33.54 -58.90 -22.20
C THR P 37 32.13 -58.57 -22.63
N TYR P 38 31.97 -57.51 -23.42
CA TYR P 38 30.65 -57.05 -23.80
C TYR P 38 30.01 -58.03 -24.79
N ASN P 39 28.72 -58.28 -24.60
CA ASN P 39 27.95 -59.13 -25.49
C ASN P 39 26.58 -58.49 -25.63
N PRO P 40 26.16 -58.08 -26.82
CA PRO P 40 24.85 -57.43 -26.96
C PRO P 40 23.69 -58.32 -26.58
N ALA P 41 23.87 -59.64 -26.58
CA ALA P 41 22.79 -60.58 -26.32
C ALA P 41 22.89 -61.19 -24.93
N ASP P 42 23.53 -60.50 -24.00
CA ASP P 42 23.67 -61.03 -22.65
C ASP P 42 23.55 -59.91 -21.63
N VAL P 43 23.31 -60.30 -20.39
CA VAL P 43 23.16 -59.37 -19.28
C VAL P 43 24.34 -59.56 -18.34
N VAL P 44 24.81 -58.45 -17.77
CA VAL P 44 25.98 -58.43 -16.89
C VAL P 44 25.49 -58.44 -15.46
N GLN P 45 26.00 -59.39 -14.67
CA GLN P 45 25.64 -59.52 -13.26
C GLN P 45 26.50 -58.58 -12.42
N VAL P 46 25.85 -57.71 -11.66
CA VAL P 46 26.54 -56.75 -10.80
C VAL P 46 26.09 -56.99 -9.37
N ASP P 47 27.05 -57.33 -8.50
CA ASP P 47 26.78 -57.54 -7.08
C ASP P 47 27.08 -56.23 -6.36
N THR P 48 26.06 -55.66 -5.74
CA THR P 48 26.18 -54.40 -5.03
C THR P 48 26.09 -54.67 -3.54
N VAL P 49 26.87 -53.95 -2.75
CA VAL P 49 26.87 -54.14 -1.31
C VAL P 49 26.60 -52.80 -0.64
N LEU P 50 26.33 -52.85 0.66
CA LEU P 50 26.02 -51.67 1.45
C LEU P 50 27.23 -50.74 1.53
N GLY P 51 26.99 -49.46 1.28
CA GLY P 51 28.02 -48.45 1.47
C GLY P 51 29.16 -48.49 0.48
N VAL P 52 28.98 -49.12 -0.67
CA VAL P 52 30.02 -49.19 -1.68
C VAL P 52 29.49 -48.65 -3.00
N ALA P 53 30.27 -47.73 -3.58
CA ALA P 53 29.99 -47.19 -4.89
C ALA P 53 30.72 -48.02 -5.92
N THR P 54 30.04 -48.33 -7.02
CA THR P 54 30.64 -49.07 -8.12
C THR P 54 30.86 -48.12 -9.29
N HIS P 55 32.06 -48.16 -9.84
CA HIS P 55 32.43 -47.34 -10.98
C HIS P 55 32.35 -48.18 -12.25
N ILE P 56 31.36 -47.90 -13.09
CA ILE P 56 31.26 -48.49 -14.42
C ILE P 56 31.74 -47.44 -15.40
N MET P 57 32.69 -47.80 -16.26
CA MET P 57 33.25 -46.88 -17.23
C MET P 57 32.89 -47.35 -18.64
N LEU P 58 32.33 -46.45 -19.43
CA LEU P 58 31.95 -46.75 -20.81
C LEU P 58 33.18 -46.72 -21.71
N GLU P 59 32.97 -47.09 -22.97
CA GLU P 59 34.04 -47.04 -23.95
C GLU P 59 34.36 -45.60 -24.32
N GLU P 60 35.63 -45.35 -24.65
CA GLU P 60 36.05 -44.01 -25.03
C GLU P 60 35.32 -43.55 -26.29
N GLY P 61 34.86 -42.30 -26.26
CA GLY P 61 34.13 -41.75 -27.38
C GLY P 61 32.68 -42.14 -27.45
N GLU P 62 32.19 -42.88 -26.46
CA GLU P 62 30.81 -43.33 -26.42
C GLU P 62 29.95 -42.28 -25.74
N GLN P 63 28.81 -41.97 -26.32
CA GLN P 63 27.95 -40.91 -25.81
C GLN P 63 26.75 -41.50 -25.11
N TYR P 64 26.55 -41.09 -23.86
CA TYR P 64 25.37 -41.45 -23.08
C TYR P 64 24.12 -40.87 -23.73
N LEU P 65 23.08 -41.70 -23.86
CA LEU P 65 21.78 -41.21 -24.29
C LEU P 65 20.77 -41.22 -23.16
N THR P 66 20.54 -42.38 -22.57
CA THR P 66 19.50 -42.54 -21.56
C THR P 66 19.88 -43.75 -20.71
N HIS P 67 19.36 -43.79 -19.50
CA HIS P 67 19.39 -44.99 -18.68
C HIS P 67 18.00 -45.21 -18.11
N ALA P 68 17.77 -46.40 -17.59
CA ALA P 68 16.51 -46.71 -16.92
C ALA P 68 16.79 -47.70 -15.81
N PHE P 69 16.28 -47.41 -14.63
CA PHE P 69 16.28 -48.37 -13.54
C PHE P 69 14.94 -49.07 -13.47
N GLY P 70 14.98 -50.36 -13.17
CA GLY P 70 13.75 -51.05 -12.82
C GLY P 70 13.18 -50.55 -11.51
N ASP P 71 14.01 -49.93 -10.69
CA ASP P 71 13.60 -49.29 -9.45
C ASP P 71 14.57 -48.16 -9.17
N SER P 72 14.14 -46.91 -9.43
CA SER P 72 15.04 -45.77 -9.32
C SER P 72 15.44 -45.47 -7.89
N GLU P 73 14.54 -45.64 -6.92
CA GLU P 73 14.85 -45.31 -5.54
C GLU P 73 15.73 -46.35 -4.87
N ALA P 74 15.98 -47.48 -5.50
CA ALA P 74 16.87 -48.48 -4.92
C ALA P 74 18.33 -48.09 -5.06
N TYR P 75 18.68 -47.34 -6.09
CA TYR P 75 20.07 -47.02 -6.40
C TYR P 75 20.23 -45.55 -6.67
N ALA P 76 21.43 -45.04 -6.43
CA ALA P 76 21.81 -43.68 -6.81
C ALA P 76 22.64 -43.75 -8.07
N PHE P 77 22.39 -42.82 -8.98
CA PHE P 77 23.05 -42.78 -10.28
C PHE P 77 23.75 -41.44 -10.41
N ALA P 78 25.03 -41.47 -10.79
CA ALA P 78 25.75 -40.24 -11.12
C ALA P 78 26.62 -40.52 -12.34
N ARG P 79 26.63 -39.56 -13.25
CA ARG P 79 27.40 -39.72 -14.47
C ARG P 79 28.06 -38.39 -14.81
N LYS P 80 29.32 -38.47 -15.22
CA LYS P 80 30.02 -37.34 -15.81
C LYS P 80 30.87 -37.92 -16.93
N GLY P 81 30.46 -37.64 -18.17
CA GLY P 81 31.15 -38.19 -19.32
C GLY P 81 30.86 -39.66 -19.49
N ARG P 82 31.90 -40.47 -19.50
CA ARG P 82 31.75 -41.91 -19.65
C ARG P 82 31.93 -42.65 -18.32
N HIS P 83 31.82 -41.94 -17.20
CA HIS P 83 32.00 -42.52 -15.88
C HIS P 83 30.67 -42.56 -15.17
N ILE P 84 30.27 -43.74 -14.72
CA ILE P 84 28.99 -43.96 -14.06
C ILE P 84 29.27 -44.54 -12.68
N PHE P 85 28.65 -43.97 -11.66
CA PHE P 85 28.70 -44.49 -10.31
C PHE P 85 27.31 -44.89 -9.86
N ILE P 86 27.17 -46.10 -9.32
CA ILE P 86 25.91 -46.56 -8.76
C ILE P 86 26.16 -47.00 -7.32
N LYS P 87 25.10 -46.96 -6.54
CA LYS P 87 25.18 -47.09 -5.10
C LYS P 87 23.78 -47.37 -4.54
N PRO P 88 23.59 -48.46 -3.79
CA PRO P 88 22.25 -48.75 -3.27
C PRO P 88 21.79 -47.70 -2.28
N GLN P 89 20.49 -47.38 -2.36
CA GLN P 89 19.83 -46.39 -1.51
C GLN P 89 18.78 -47.01 -0.61
N ALA P 90 18.58 -48.32 -0.67
CA ALA P 90 17.44 -48.92 0.00
C ALA P 90 17.73 -50.38 0.29
N GLU P 91 16.91 -50.94 1.17
CA GLU P 91 16.99 -52.35 1.50
C GLU P 91 16.47 -53.20 0.35
N LEU P 92 17.09 -54.36 0.17
CA LEU P 92 16.66 -55.34 -0.84
C LEU P 92 16.63 -54.71 -2.23
N ALA P 93 17.69 -53.97 -2.55
CA ALA P 93 17.77 -53.22 -3.80
C ALA P 93 18.14 -54.17 -4.93
N ASN P 94 17.16 -54.93 -5.39
CA ASN P 94 17.33 -55.91 -6.46
C ASN P 94 16.52 -55.44 -7.66
N THR P 95 17.21 -54.98 -8.69
CA THR P 95 16.55 -54.41 -9.85
C THR P 95 17.45 -54.63 -11.07
N ASN P 96 17.18 -53.90 -12.14
CA ASN P 96 18.02 -53.95 -13.34
C ASN P 96 18.33 -52.53 -13.79
N LEU P 97 19.41 -52.40 -14.55
CA LEU P 97 19.82 -51.13 -15.11
C LEU P 97 20.12 -51.32 -16.59
N ILE P 98 19.60 -50.42 -17.42
CA ILE P 98 19.88 -50.42 -18.86
C ILE P 98 20.41 -49.04 -19.19
N VAL P 99 21.60 -48.97 -19.76
CA VAL P 99 22.18 -47.73 -20.25
C VAL P 99 22.31 -47.84 -21.75
N VAL P 100 21.72 -46.90 -22.48
CA VAL P 100 21.79 -46.89 -23.93
C VAL P 100 22.70 -45.75 -24.36
N THR P 101 23.57 -46.04 -25.32
CA THR P 101 24.52 -45.08 -25.83
C THR P 101 24.36 -44.98 -27.34
N ASP P 102 25.25 -44.23 -27.97
CA ASP P 102 25.29 -44.16 -29.42
C ASP P 102 25.58 -45.51 -30.03
N ARG P 103 26.50 -46.27 -29.43
CA ARG P 103 26.95 -47.50 -30.09
C ARG P 103 26.27 -48.76 -29.56
N ARG P 104 25.87 -48.79 -28.29
CA ARG P 104 25.30 -50.01 -27.74
C ARG P 104 24.41 -49.68 -26.57
N SER P 105 23.79 -50.72 -26.00
CA SER P 105 23.05 -50.62 -24.75
C SER P 105 23.57 -51.68 -23.80
N TYR P 106 23.76 -51.30 -22.54
CA TYR P 106 24.30 -52.18 -21.51
C TYR P 106 23.17 -52.69 -20.62
N LYS P 107 23.19 -53.97 -20.31
CA LYS P 107 22.17 -54.59 -19.47
C LYS P 107 22.85 -55.09 -18.19
N PHE P 108 22.43 -54.57 -17.05
CA PHE P 108 22.96 -54.94 -15.76
C PHE P 108 21.86 -55.49 -14.88
N ARG P 109 22.14 -56.60 -14.20
CA ARG P 109 21.24 -57.14 -13.20
C ARG P 109 21.85 -56.79 -11.85
N LEU P 110 21.24 -55.82 -11.17
CA LEU P 110 21.76 -55.32 -9.91
C LEU P 110 21.19 -56.15 -8.77
N GLN P 111 22.05 -56.86 -8.05
CA GLN P 111 21.64 -57.75 -6.97
C GLN P 111 22.38 -57.37 -5.70
N MET P 112 21.65 -56.80 -4.74
CA MET P 112 22.26 -56.42 -3.47
C MET P 112 22.63 -57.65 -2.65
N ARG P 113 23.79 -57.61 -2.04
CA ARG P 113 24.29 -58.69 -1.21
C ARG P 113 23.89 -58.46 0.24
N ASN P 114 24.08 -59.49 1.06
CA ASN P 114 23.69 -59.39 2.47
C ASN P 114 24.89 -59.21 3.41
N ASP P 115 26.03 -59.81 3.11
CA ASP P 115 27.12 -59.90 4.07
C ASP P 115 28.20 -58.83 3.90
N ARG P 116 27.99 -57.86 3.00
CA ARG P 116 28.95 -56.78 2.77
C ARG P 116 30.33 -57.32 2.40
N ASN P 117 30.34 -58.41 1.64
CA ASN P 117 31.56 -59.07 1.21
C ASN P 117 31.54 -59.21 -0.30
N GLY P 118 32.73 -59.33 -0.89
CA GLY P 118 32.83 -59.48 -2.33
C GLY P 118 32.31 -58.28 -3.09
N ALA P 119 32.67 -57.08 -2.65
CA ALA P 119 32.22 -55.86 -3.30
C ALA P 119 32.88 -55.70 -4.66
N MET P 120 32.26 -54.88 -5.50
CA MET P 120 32.79 -54.51 -6.81
C MET P 120 33.03 -53.01 -6.81
N TYR P 121 34.27 -52.59 -7.00
CA TYR P 121 34.58 -51.17 -7.05
C TYR P 121 34.54 -50.61 -8.46
N GLU P 122 35.13 -51.30 -9.44
CA GLU P 122 34.96 -50.92 -10.83
C GLU P 122 34.59 -52.12 -11.68
N LEU P 123 33.80 -51.86 -12.71
CA LEU P 123 33.51 -52.80 -13.77
C LEU P 123 34.04 -52.23 -15.08
N ALA P 124 34.92 -52.96 -15.74
CA ALA P 124 35.48 -52.54 -17.02
C ALA P 124 35.05 -53.50 -18.10
N PHE P 125 34.73 -52.94 -19.27
CA PHE P 125 34.24 -53.73 -20.39
C PHE P 125 35.34 -53.92 -21.42
N ARG P 126 35.45 -55.15 -21.92
CA ARG P 126 36.30 -55.48 -23.06
C ARG P 126 35.36 -55.67 -24.23
N TYR P 127 35.55 -54.89 -25.29
CA TYR P 127 34.60 -54.91 -26.40
C TYR P 127 35.15 -55.71 -27.57
N PRO P 128 34.61 -56.90 -27.84
CA PRO P 128 35.05 -57.65 -29.02
C PRO P 128 34.33 -57.23 -30.28
N ASP P 129 33.25 -56.45 -30.17
CA ASP P 129 32.60 -55.94 -31.38
C ASP P 129 33.49 -54.95 -32.11
N THR P 130 34.12 -54.02 -31.36
CA THR P 130 35.10 -53.14 -31.98
C THR P 130 36.31 -53.92 -32.47
N GLN P 131 36.67 -55.00 -31.78
CA GLN P 131 37.78 -55.83 -32.24
C GLN P 131 37.43 -56.51 -33.57
N ALA P 132 36.18 -56.96 -33.72
CA ALA P 132 35.74 -57.54 -34.99
C ALA P 132 35.68 -56.49 -36.08
N ARG P 133 35.26 -55.27 -35.74
CA ARG P 133 35.30 -54.17 -36.71
C ARG P 133 36.74 -53.92 -37.17
N GLN P 134 37.69 -53.94 -36.24
CA GLN P 134 39.09 -53.82 -36.61
C GLN P 134 39.56 -54.98 -37.47
N THR P 135 39.09 -56.19 -37.19
CA THR P 135 39.46 -57.37 -37.96
C THR P 135 38.94 -57.28 -39.40
N LYS Q 135 18.78 -47.92 16.42
CA LYS Q 135 19.21 -47.48 17.74
C LYS Q 135 20.66 -47.87 18.00
N THR Q 136 20.97 -49.15 17.84
CA THR Q 136 22.34 -49.61 17.97
C THR Q 136 23.18 -48.95 16.87
N PRO Q 137 24.44 -48.59 17.14
CA PRO Q 137 25.16 -47.79 16.16
C PRO Q 137 25.36 -48.45 14.81
N TYR Q 138 25.35 -49.79 14.75
CA TYR Q 138 25.35 -50.46 13.45
C TYR Q 138 24.13 -50.08 12.64
N GLU Q 139 22.96 -50.01 13.28
CA GLU Q 139 21.75 -49.66 12.56
C GLU Q 139 21.77 -48.21 12.09
N LEU Q 140 22.26 -47.29 12.92
CA LEU Q 140 22.36 -45.90 12.49
C LEU Q 140 23.37 -45.75 11.35
N ALA Q 141 24.47 -46.50 11.42
CA ALA Q 141 25.43 -46.50 10.33
C ALA Q 141 24.80 -47.02 9.04
N ARG Q 142 24.01 -48.08 9.14
CA ARG Q 142 23.39 -48.66 7.95
C ARG Q 142 22.37 -47.70 7.35
N GLU Q 143 21.61 -47.02 8.19
CA GLU Q 143 20.69 -45.99 7.72
C GLU Q 143 21.44 -44.84 7.06
N ARG Q 144 22.58 -44.45 7.63
CA ARG Q 144 23.40 -43.40 7.01
C ARG Q 144 23.91 -43.84 5.66
N MET Q 145 24.38 -45.08 5.55
CA MET Q 145 24.90 -45.58 4.28
C MET Q 145 23.82 -45.62 3.22
N LEU Q 146 22.60 -46.06 3.58
CA LEU Q 146 21.51 -46.01 2.62
C LEU Q 146 21.15 -44.57 2.25
N ARG Q 147 21.20 -43.66 3.21
CA ARG Q 147 20.67 -42.31 2.99
C ARG Q 147 21.56 -41.47 2.10
N SER Q 148 22.88 -41.62 2.21
CA SER Q 148 23.82 -40.67 1.61
C SER Q 148 23.91 -40.83 0.09
N GLY Q 149 24.26 -39.73 -0.57
CA GLY Q 149 24.55 -39.75 -1.99
C GLY Q 149 25.99 -40.14 -2.29
N LEU Q 150 26.33 -40.10 -3.57
CA LEU Q 150 27.70 -40.40 -3.98
C LEU Q 150 28.64 -39.23 -3.71
N THR Q 151 28.15 -38.01 -3.80
CA THR Q 151 28.96 -36.83 -3.53
C THR Q 151 28.21 -35.96 -2.54
N ALA Q 152 28.95 -35.36 -1.61
CA ALA Q 152 28.35 -34.44 -0.65
C ALA Q 152 28.05 -33.10 -1.32
N GLY Q 153 26.86 -32.57 -1.07
CA GLY Q 153 26.47 -31.31 -1.66
C GLY Q 153 25.01 -30.96 -1.41
N LEU R 21 44.45 -55.50 -2.90
CA LEU R 21 44.39 -54.56 -1.80
C LEU R 21 45.78 -54.16 -1.34
N ASP R 22 46.25 -53.01 -1.80
CA ASP R 22 47.61 -52.60 -1.52
C ASP R 22 47.66 -51.76 -0.25
N VAL R 23 48.54 -52.13 0.67
CA VAL R 23 48.74 -51.41 1.92
C VAL R 23 49.91 -50.45 1.72
N PRO R 24 49.73 -49.14 1.90
CA PRO R 24 50.83 -48.21 1.71
C PRO R 24 51.94 -48.42 2.71
N SER R 25 53.16 -48.07 2.31
CA SER R 25 54.34 -48.24 3.13
C SER R 25 54.72 -46.91 3.77
N SER R 26 55.18 -46.97 5.03
CA SER R 26 55.53 -45.78 5.77
C SER R 26 56.93 -45.29 5.40
N SER R 27 57.20 -44.03 5.74
CA SER R 27 58.55 -43.51 5.59
C SER R 27 59.40 -43.92 6.79
N ARG R 28 60.71 -43.80 6.63
CA ARG R 28 61.63 -44.17 7.70
C ARG R 28 61.64 -43.18 8.84
N TYR R 29 61.06 -41.99 8.67
CA TYR R 29 61.03 -41.01 9.74
C TYR R 29 59.77 -41.15 10.59
N ASP R 30 58.60 -41.02 9.97
CA ASP R 30 57.35 -41.10 10.70
C ASP R 30 56.40 -42.05 9.99
N HIS R 31 55.60 -42.77 10.76
CA HIS R 31 54.63 -43.70 10.20
C HIS R 31 53.40 -42.99 9.62
N ARG R 32 53.25 -41.69 9.83
CA ARG R 32 52.10 -40.94 9.34
C ARG R 32 52.25 -40.52 7.89
N ILE R 33 53.44 -40.66 7.31
CA ILE R 33 53.68 -40.37 5.91
C ILE R 33 53.85 -41.71 5.19
N ARG R 34 52.94 -41.99 4.26
CA ARG R 34 52.90 -43.30 3.63
C ARG R 34 52.92 -43.18 2.11
N TYR R 35 53.47 -44.21 1.47
CA TYR R 35 53.70 -44.26 0.04
C TYR R 35 53.08 -45.53 -0.52
N VAL R 36 52.56 -45.44 -1.74
CA VAL R 36 52.05 -46.61 -2.45
C VAL R 36 52.33 -46.42 -3.92
N THR R 37 52.61 -47.52 -4.61
CA THR R 37 52.78 -47.51 -6.05
C THR R 37 51.43 -47.72 -6.72
N TYR R 38 51.13 -46.89 -7.71
CA TYR R 38 49.82 -46.94 -8.34
C TYR R 38 49.68 -48.20 -9.19
N ASN R 39 48.52 -48.81 -9.14
CA ASN R 39 48.21 -49.99 -9.94
C ASN R 39 46.76 -49.84 -10.38
N PRO R 40 46.48 -49.77 -11.67
CA PRO R 40 45.08 -49.60 -12.11
C PRO R 40 44.18 -50.75 -11.73
N ALA R 41 44.73 -51.92 -11.45
CA ALA R 41 43.95 -53.11 -11.16
C ALA R 41 43.97 -53.47 -9.68
N ASP R 42 44.18 -52.48 -8.81
CA ASP R 42 44.23 -52.74 -7.38
C ASP R 42 43.59 -51.58 -6.63
N VAL R 43 43.25 -51.85 -5.37
CA VAL R 43 42.64 -50.87 -4.48
C VAL R 43 43.63 -50.53 -3.38
N VAL R 44 43.64 -49.26 -2.98
CA VAL R 44 44.56 -48.75 -1.98
C VAL R 44 43.84 -48.71 -0.64
N GLN R 45 44.45 -49.32 0.36
CA GLN R 45 43.89 -49.37 1.72
C GLN R 45 44.26 -48.09 2.47
N VAL R 46 43.26 -47.37 2.96
CA VAL R 46 43.47 -46.14 3.70
C VAL R 46 42.85 -46.30 5.07
N ASP R 47 43.69 -46.19 6.11
CA ASP R 47 43.23 -46.27 7.49
C ASP R 47 43.00 -44.85 7.99
N THR R 48 41.75 -44.55 8.35
CA THR R 48 41.37 -43.23 8.81
C THR R 48 41.08 -43.30 10.30
N VAL R 49 41.48 -42.27 11.04
CA VAL R 49 41.26 -42.23 12.46
C VAL R 49 40.48 -40.98 12.83
N LEU R 50 40.00 -40.93 14.06
CA LEU R 50 39.22 -39.81 14.57
C LEU R 50 40.06 -38.54 14.62
N GLY R 51 39.52 -37.45 14.10
CA GLY R 51 40.15 -36.15 14.23
C GLY R 51 41.41 -35.96 13.44
N VAL R 52 41.65 -36.77 12.41
CA VAL R 52 42.84 -36.65 11.58
C VAL R 52 42.42 -36.49 10.12
N ALA R 53 42.98 -35.48 9.48
CA ALA R 53 42.81 -35.24 8.07
C ALA R 53 43.93 -35.93 7.31
N THR R 54 43.59 -36.60 6.22
CA THR R 54 44.57 -37.25 5.37
C THR R 54 44.71 -36.45 4.08
N HIS R 55 45.96 -36.18 3.72
CA HIS R 55 46.27 -35.45 2.49
C HIS R 55 46.67 -36.45 1.42
N ILE R 56 45.82 -36.62 0.41
CA ILE R 56 46.16 -37.40 -0.77
C ILE R 56 46.47 -36.39 -1.88
N MET R 57 47.63 -36.56 -2.51
CA MET R 57 48.07 -35.65 -3.56
C MET R 57 48.13 -36.40 -4.88
N LEU R 58 47.49 -35.85 -5.90
CA LEU R 58 47.48 -36.44 -7.23
C LEU R 58 48.78 -36.16 -7.96
N GLU R 59 48.93 -36.74 -9.15
CA GLU R 59 50.11 -36.49 -9.96
C GLU R 59 50.05 -35.09 -10.56
N GLU R 60 51.22 -34.50 -10.76
CA GLU R 60 51.30 -33.16 -11.32
C GLU R 60 50.71 -33.15 -12.72
N GLY R 61 49.92 -32.11 -13.00
CA GLY R 61 49.27 -31.99 -14.29
C GLY R 61 48.03 -32.83 -14.48
N GLU R 62 47.61 -33.55 -13.44
CA GLU R 62 46.44 -34.41 -13.50
C GLU R 62 45.20 -33.60 -13.15
N GLN R 63 44.15 -33.76 -13.93
CA GLN R 63 42.94 -32.97 -13.76
C GLN R 63 41.85 -33.80 -13.11
N TYR R 64 41.32 -33.31 -12.00
CA TYR R 64 40.17 -33.91 -11.34
C TYR R 64 38.96 -33.86 -12.24
N LEU R 65 38.25 -34.98 -12.35
CA LEU R 65 36.96 -35.00 -13.03
C LEU R 65 35.80 -35.18 -12.06
N THR R 66 35.81 -36.27 -11.31
CA THR R 66 34.71 -36.59 -10.42
C THR R 66 35.25 -37.49 -9.32
N HIS R 67 34.55 -37.53 -8.20
CA HIS R 67 34.77 -38.52 -7.17
C HIS R 67 33.43 -39.09 -6.76
N ALA R 68 33.47 -40.21 -6.06
CA ALA R 68 32.25 -40.81 -5.52
C ALA R 68 32.59 -41.49 -4.21
N PHE R 69 31.81 -41.21 -3.17
CA PHE R 69 31.90 -41.95 -1.94
C PHE R 69 30.83 -43.02 -1.91
N GLY R 70 31.19 -44.19 -1.36
CA GLY R 70 30.17 -45.18 -1.06
C GLY R 70 29.25 -44.71 0.04
N ASP R 71 29.70 -43.74 0.84
CA ASP R 71 28.90 -43.10 1.87
C ASP R 71 29.42 -41.68 2.04
N SER R 72 28.70 -40.70 1.50
CA SER R 72 29.19 -39.33 1.51
C SER R 72 29.21 -38.70 2.89
N GLU R 73 28.24 -39.02 3.75
CA GLU R 73 28.18 -38.42 5.07
C GLU R 73 29.19 -39.00 6.04
N ALA R 74 29.86 -40.09 5.67
CA ALA R 74 30.88 -40.65 6.55
C ALA R 74 32.16 -39.84 6.53
N TYR R 75 32.47 -39.17 5.42
CA TYR R 75 33.73 -38.47 5.26
C TYR R 75 33.50 -37.07 4.72
N ALA R 76 34.43 -36.18 5.02
CA ALA R 76 34.46 -34.85 4.45
C ALA R 76 35.50 -34.82 3.34
N PHE R 77 35.17 -34.15 2.24
CA PHE R 77 36.01 -34.09 1.06
C PHE R 77 36.30 -32.63 0.77
N ALA R 78 37.57 -32.29 0.57
CA ALA R 78 37.96 -30.97 0.12
C ALA R 78 39.07 -31.11 -0.90
N ARG R 79 38.98 -30.35 -1.97
CA ARG R 79 39.96 -30.43 -3.03
C ARG R 79 40.26 -29.02 -3.53
N LYS R 80 41.54 -28.75 -3.73
CA LYS R 80 41.99 -27.53 -4.43
C LYS R 80 43.16 -27.97 -5.31
N GLY R 81 42.93 -28.02 -6.62
CA GLY R 81 43.94 -28.47 -7.54
C GLY R 81 44.13 -29.96 -7.46
N ARG R 82 45.36 -30.40 -7.18
CA ARG R 82 45.65 -31.82 -7.06
C ARG R 82 45.79 -32.26 -5.61
N HIS R 83 45.27 -31.48 -4.67
CA HIS R 83 45.38 -31.77 -3.25
C HIS R 83 43.99 -32.14 -2.72
N ILE R 84 43.88 -33.30 -2.11
CA ILE R 84 42.63 -33.83 -1.60
C ILE R 84 42.80 -34.08 -0.11
N PHE R 85 41.85 -33.61 0.69
CA PHE R 85 41.81 -33.89 2.12
C PHE R 85 40.54 -34.65 2.43
N ILE R 86 40.67 -35.75 3.17
CA ILE R 86 39.52 -36.50 3.65
C ILE R 86 39.61 -36.63 5.16
N LYS R 87 38.47 -36.82 5.77
CA LYS R 87 38.30 -36.72 7.21
C LYS R 87 36.97 -37.34 7.62
N PRO R 88 36.97 -38.31 8.53
CA PRO R 88 35.71 -38.95 8.92
C PRO R 88 34.77 -37.98 9.62
N GLN R 89 33.48 -38.10 9.31
CA GLN R 89 32.41 -37.26 9.85
C GLN R 89 31.44 -38.05 10.71
N ALA R 90 31.65 -39.36 10.87
CA ALA R 90 30.63 -40.18 11.49
C ALA R 90 31.27 -41.42 12.09
N GLU R 91 30.51 -42.09 12.95
CA GLU R 91 30.94 -43.33 13.55
C GLU R 91 30.91 -44.46 12.52
N LEU R 92 31.86 -45.37 12.65
CA LEU R 92 31.93 -46.56 11.80
C LEU R 92 31.99 -46.19 10.33
N ALA R 93 32.82 -45.20 10.01
CA ALA R 93 32.90 -44.64 8.66
C ALA R 93 33.75 -45.57 7.80
N ASN R 94 33.13 -46.66 7.37
CA ASN R 94 33.77 -47.67 6.54
C ASN R 94 33.10 -47.67 5.18
N THR R 95 33.80 -47.17 4.17
CA THR R 95 33.23 -47.00 2.84
C THR R 95 34.36 -47.10 1.82
N ASN R 96 34.11 -46.65 0.60
CA ASN R 96 35.12 -46.60 -0.43
C ASN R 96 35.09 -45.23 -1.10
N LEU R 97 36.20 -44.87 -1.73
CA LEU R 97 36.32 -43.63 -2.47
C LEU R 97 36.93 -43.93 -3.83
N ILE R 98 36.34 -43.37 -4.87
CA ILE R 98 36.86 -43.48 -6.24
C ILE R 98 37.01 -42.06 -6.74
N VAL R 99 38.22 -41.69 -7.16
CA VAL R 99 38.49 -40.41 -7.79
C VAL R 99 38.93 -40.69 -9.23
N VAL R 100 38.23 -40.10 -10.19
CA VAL R 100 38.55 -40.27 -11.60
C VAL R 100 39.16 -38.98 -12.11
N THR R 101 40.23 -39.11 -12.87
CA THR R 101 40.94 -37.97 -13.42
C THR R 101 41.05 -38.14 -14.94
N ASP R 102 41.79 -37.24 -15.57
CA ASP R 102 42.06 -37.37 -16.99
C ASP R 102 42.85 -38.63 -17.29
N ARG R 103 43.82 -38.97 -16.44
CA ARG R 103 44.72 -40.06 -16.77
C ARG R 103 44.36 -41.38 -16.12
N ARG R 104 43.75 -41.37 -14.93
CA ARG R 104 43.48 -42.61 -14.23
C ARG R 104 42.32 -42.42 -13.27
N SER R 105 41.95 -43.52 -12.60
CA SER R 105 40.99 -43.49 -11.51
C SER R 105 41.61 -44.17 -10.30
N TYR R 106 41.45 -43.58 -9.13
CA TYR R 106 42.01 -44.09 -7.90
C TYR R 106 40.94 -44.79 -7.09
N LYS R 107 41.27 -45.95 -6.52
CA LYS R 107 40.34 -46.74 -5.72
C LYS R 107 40.88 -46.81 -4.30
N PHE R 108 40.12 -46.29 -3.35
CA PHE R 108 40.50 -46.28 -1.95
C PHE R 108 39.47 -47.03 -1.13
N ARG R 109 39.94 -47.88 -0.22
CA ARG R 109 39.06 -48.54 0.74
C ARG R 109 39.27 -47.82 2.06
N LEU R 110 38.29 -47.02 2.46
CA LEU R 110 38.40 -46.20 3.66
C LEU R 110 37.90 -47.00 4.85
N GLN R 111 38.78 -47.28 5.80
CA GLN R 111 38.45 -48.10 6.96
C GLN R 111 38.79 -47.32 8.23
N MET R 112 37.77 -46.88 8.95
CA MET R 112 37.99 -46.16 10.20
C MET R 112 38.54 -47.08 11.28
N ARG R 113 39.52 -46.58 12.02
CA ARG R 113 40.15 -47.32 13.10
C ARG R 113 39.44 -47.03 14.42
N ASN R 114 39.75 -47.82 15.43
CA ASN R 114 39.11 -47.64 16.73
C ASN R 114 39.99 -46.96 17.77
N ASP R 115 41.30 -47.19 17.75
CA ASP R 115 42.18 -46.79 18.85
C ASP R 115 42.89 -45.47 18.61
N ARG R 116 42.59 -44.76 17.52
CA ARG R 116 43.21 -43.47 17.22
C ARG R 116 44.74 -43.59 17.14
N ASN R 117 45.21 -44.72 16.62
CA ASN R 117 46.63 -44.99 16.49
C ASN R 117 46.94 -45.34 15.04
N GLY R 118 48.19 -45.17 14.65
CA GLY R 118 48.60 -45.47 13.30
C GLY R 118 47.89 -44.63 12.26
N ALA R 119 47.80 -43.33 12.50
CA ALA R 119 47.15 -42.42 11.57
C ALA R 119 47.97 -42.25 10.31
N MET R 120 47.30 -41.80 9.25
CA MET R 120 47.94 -41.47 7.98
C MET R 120 47.71 -40.00 7.72
N TYR R 121 48.79 -39.23 7.62
CA TYR R 121 48.69 -37.80 7.34
C TYR R 121 48.73 -37.50 5.85
N GLU R 122 49.67 -38.09 5.11
CA GLU R 122 49.66 -37.98 3.66
C GLU R 122 49.82 -39.35 3.02
N LEU R 123 49.20 -39.49 1.86
CA LEU R 123 49.41 -40.62 0.97
C LEU R 123 49.97 -40.10 -0.34
N ALA R 124 51.13 -40.61 -0.72
CA ALA R 124 51.77 -40.20 -1.97
C ALA R 124 51.85 -41.39 -2.91
N PHE R 125 51.61 -41.15 -4.18
CA PHE R 125 51.59 -42.19 -5.19
C PHE R 125 52.87 -42.16 -6.01
N ARG R 126 53.42 -43.35 -6.24
CA ARG R 126 54.53 -43.55 -7.17
C ARG R 126 53.92 -44.20 -8.40
N TYR R 127 54.07 -43.56 -9.56
CA TYR R 127 53.39 -44.03 -10.75
C TYR R 127 54.34 -44.77 -11.67
N PRO R 128 54.25 -46.09 -11.77
CA PRO R 128 55.10 -46.83 -12.72
C PRO R 128 54.53 -46.84 -14.12
N ASP R 129 53.27 -46.43 -14.31
CA ASP R 129 52.74 -46.34 -15.67
C ASP R 129 53.42 -45.23 -16.45
N THR R 130 53.59 -44.06 -15.82
CA THR R 130 54.37 -43.00 -16.46
C THR R 130 55.82 -43.42 -16.63
N GLN R 131 56.35 -44.21 -15.69
CA GLN R 131 57.72 -44.71 -15.85
C GLN R 131 57.84 -45.64 -17.04
N ALA R 132 56.83 -46.48 -17.27
CA ALA R 132 56.81 -47.35 -18.44
C ALA R 132 56.66 -46.53 -19.72
N ARG R 133 55.84 -45.47 -19.68
CA ARG R 133 55.75 -44.58 -20.82
C ARG R 133 57.09 -43.95 -21.14
N GLN R 134 57.82 -43.53 -20.10
CA GLN R 134 59.17 -43.01 -20.29
C GLN R 134 60.11 -44.07 -20.85
N THR R 135 59.97 -45.32 -20.41
CA THR R 135 60.80 -46.41 -20.89
C THR R 135 60.56 -46.69 -22.36
N LYS S 135 28.82 -36.54 27.36
CA LYS S 135 28.82 -35.82 28.62
C LYS S 135 30.24 -35.64 29.14
N THR S 136 30.97 -36.74 29.28
CA THR S 136 32.36 -36.67 29.68
C THR S 136 33.14 -35.92 28.60
N PRO S 137 34.15 -35.11 28.96
CA PRO S 137 34.75 -34.25 27.95
C PRO S 137 35.41 -34.99 26.80
N TYR S 138 35.84 -36.23 26.99
CA TYR S 138 36.30 -37.03 25.85
C TYR S 138 35.19 -37.22 24.83
N GLU S 139 33.97 -37.47 25.28
CA GLU S 139 32.86 -37.66 24.36
C GLU S 139 32.52 -36.37 23.61
N LEU S 140 32.51 -35.24 24.31
CA LEU S 140 32.26 -33.97 23.64
C LEU S 140 33.36 -33.64 22.65
N ALA S 141 34.61 -33.95 23.00
CA ALA S 141 35.71 -33.76 22.07
C ALA S 141 35.54 -34.62 20.83
N ARG S 142 35.12 -35.87 21.02
CA ARG S 142 34.96 -36.79 19.91
C ARG S 142 33.82 -36.34 19.00
N GLU S 143 32.73 -35.85 19.58
CA GLU S 143 31.64 -35.28 18.80
C GLU S 143 32.10 -34.05 18.03
N ARG S 144 32.92 -33.20 18.67
CA ARG S 144 33.46 -32.04 17.97
C ARG S 144 34.34 -32.46 16.80
N MET S 145 35.20 -33.46 17.01
CA MET S 145 36.08 -33.91 15.94
C MET S 145 35.29 -34.47 14.77
N LEU S 146 34.24 -35.24 15.04
CA LEU S 146 33.38 -35.70 13.96
C LEU S 146 32.67 -34.56 13.27
N ARG S 147 32.24 -33.55 14.03
CA ARG S 147 31.36 -32.52 13.49
C ARG S 147 32.09 -31.55 12.58
N SER S 148 33.34 -31.22 12.89
CA SER S 148 34.01 -30.10 12.25
C SER S 148 34.45 -30.42 10.82
N GLY S 149 34.55 -29.37 10.01
CA GLY S 149 35.10 -29.48 8.68
C GLY S 149 36.62 -29.38 8.66
N LEU S 150 37.17 -29.40 7.44
CA LEU S 150 38.61 -29.26 7.28
C LEU S 150 39.07 -27.81 7.46
N THR S 151 38.24 -26.86 7.06
CA THR S 151 38.56 -25.45 7.21
C THR S 151 37.40 -24.77 7.91
N ALA S 152 37.71 -23.82 8.79
CA ALA S 152 36.68 -23.05 9.46
C ALA S 152 36.11 -22.00 8.51
N GLY S 153 34.78 -21.89 8.49
CA GLY S 153 34.12 -20.93 7.62
C GLY S 153 32.61 -21.08 7.61
N LEU T 21 58.52 -38.14 13.57
CA LEU T 21 57.99 -37.11 14.45
C LEU T 21 59.10 -36.24 15.00
N ASP T 22 59.28 -35.07 14.39
CA ASP T 22 60.39 -34.20 14.76
C ASP T 22 59.97 -33.22 15.84
N VAL T 23 60.73 -33.16 16.93
CA VAL T 23 60.48 -32.25 18.03
C VAL T 23 61.34 -31.01 17.81
N PRO T 24 60.75 -29.81 17.71
CA PRO T 24 61.54 -28.61 17.48
C PRO T 24 62.47 -28.31 18.66
N SER T 25 63.58 -27.65 18.35
CA SER T 25 64.60 -27.32 19.33
C SER T 25 64.45 -25.87 19.76
N SER T 26 64.66 -25.61 21.04
CA SER T 26 64.51 -24.27 21.58
C SER T 26 65.74 -23.42 21.32
N SER T 27 65.57 -22.10 21.44
CA SER T 27 66.70 -21.19 21.37
C SER T 27 67.40 -21.14 22.73
N ARG T 28 68.63 -20.64 22.73
CA ARG T 28 69.41 -20.54 23.95
C ARG T 28 68.92 -19.44 24.88
N TYR T 29 68.06 -18.55 24.41
CA TYR T 29 67.55 -17.48 25.26
C TYR T 29 66.26 -17.90 25.95
N ASP T 30 65.23 -18.23 25.18
CA ASP T 30 63.95 -18.60 25.74
C ASP T 30 63.46 -19.90 25.09
N HIS T 31 62.79 -20.73 25.88
CA HIS T 31 62.25 -21.98 25.38
C HIS T 31 61.00 -21.79 24.53
N ARG T 32 60.44 -20.59 24.47
CA ARG T 32 59.22 -20.33 23.71
C ARG T 32 59.50 -20.08 22.23
N ILE T 33 60.76 -19.92 21.85
CA ILE T 33 61.17 -19.76 20.46
C ILE T 33 61.84 -21.07 20.03
N ARG T 34 61.25 -21.75 19.06
CA ARG T 34 61.70 -23.08 18.69
C ARG T 34 61.96 -23.16 17.20
N TYR T 35 62.90 -24.05 16.84
CA TYR T 35 63.38 -24.23 15.49
C TYR T 35 63.28 -25.70 15.10
N VAL T 36 62.99 -25.95 13.84
CA VAL T 36 62.98 -27.31 13.31
C VAL T 36 63.44 -27.24 11.86
N THR T 37 64.16 -28.29 11.44
CA THR T 37 64.59 -28.42 10.06
C THR T 37 63.50 -29.14 9.27
N TYR T 38 63.15 -28.60 8.11
CA TYR T 38 62.06 -29.16 7.34
C TYR T 38 62.46 -30.49 6.72
N ASN T 39 61.53 -31.44 6.75
CA ASN T 39 61.73 -32.76 6.14
C ASN T 39 60.40 -33.14 5.51
N PRO T 40 60.34 -33.33 4.18
CA PRO T 40 59.07 -33.69 3.56
C PRO T 40 58.49 -35.00 4.03
N ALA T 41 59.30 -35.89 4.59
CA ALA T 41 58.86 -37.21 5.01
C ALA T 41 58.70 -37.32 6.51
N ASP T 42 58.46 -36.21 7.21
CA ASP T 42 58.32 -36.24 8.64
C ASP T 42 57.25 -35.25 9.08
N VAL T 43 56.78 -35.43 10.30
CA VAL T 43 55.76 -34.59 10.90
C VAL T 43 56.39 -33.81 12.05
N VAL T 44 55.96 -32.56 12.19
CA VAL T 44 56.49 -31.64 13.18
C VAL T 44 55.56 -31.64 14.39
N GLN T 45 56.11 -31.88 15.57
CA GLN T 45 55.36 -31.91 16.82
C GLN T 45 55.20 -30.50 17.35
N VAL T 46 53.97 -30.08 17.56
CA VAL T 46 53.67 -28.74 18.08
C VAL T 46 52.88 -28.90 19.37
N ASP T 47 53.44 -28.39 20.47
CA ASP T 47 52.79 -28.41 21.77
C ASP T 47 52.06 -27.08 21.94
N THR T 48 50.75 -27.14 22.08
CA THR T 48 49.91 -25.96 22.23
C THR T 48 49.40 -25.92 23.66
N VAL T 49 49.32 -24.73 24.23
CA VAL T 49 48.85 -24.55 25.58
C VAL T 49 47.69 -23.57 25.59
N LEU T 50 47.00 -23.52 26.72
CA LEU T 50 45.84 -22.64 26.90
C LEU T 50 46.25 -21.17 26.83
N GLY T 51 45.52 -20.39 26.04
CA GLY T 51 45.71 -18.96 26.00
C GLY T 51 47.00 -18.49 25.36
N VAL T 52 47.63 -19.32 24.54
CA VAL T 52 48.86 -18.93 23.86
C VAL T 52 48.69 -19.13 22.36
N ALA T 53 49.04 -18.09 21.61
CA ALA T 53 49.06 -18.12 20.16
C ALA T 53 50.45 -18.51 19.71
N THR T 54 50.53 -19.40 18.74
CA THR T 54 51.79 -19.82 18.16
C THR T 54 51.94 -19.21 16.77
N HIS T 55 53.08 -18.61 16.53
CA HIS T 55 53.40 -18.00 15.24
C HIS T 55 54.26 -18.96 14.43
N ILE T 56 53.69 -19.53 13.38
CA ILE T 56 54.45 -20.31 12.41
C ILE T 56 54.66 -19.43 11.19
N MET T 57 55.90 -19.30 10.75
CA MET T 57 56.23 -18.46 9.62
C MET T 57 56.76 -19.34 8.48
N LEU T 58 56.19 -19.17 7.30
CA LEU T 58 56.59 -19.91 6.12
C LEU T 58 57.86 -19.32 5.53
N GLU T 59 58.39 -19.99 4.51
CA GLU T 59 59.57 -19.50 3.82
C GLU T 59 59.21 -18.28 2.96
N GLU T 60 60.18 -17.39 2.81
CA GLU T 60 59.97 -16.19 2.01
C GLU T 60 59.66 -16.55 0.57
N GLY T 61 58.67 -15.88 0.00
CA GLY T 61 58.26 -16.15 -1.37
C GLY T 61 57.38 -17.37 -1.54
N GLU T 62 57.00 -18.02 -0.46
CA GLU T 62 56.16 -19.21 -0.50
C GLU T 62 54.70 -18.80 -0.47
N GLN T 63 53.89 -19.39 -1.35
CA GLN T 63 52.50 -19.01 -1.48
C GLN T 63 51.60 -20.05 -0.83
N TYR T 64 50.76 -19.60 0.08
CA TYR T 64 49.74 -20.44 0.70
C TYR T 64 48.74 -20.91 -0.35
N LEU T 65 48.42 -22.21 -0.33
CA LEU T 65 47.35 -22.73 -1.16
C LEU T 65 46.13 -23.12 -0.34
N THR T 66 46.32 -24.03 0.62
CA THR T 66 45.22 -24.57 1.40
C THR T 66 45.80 -25.08 2.70
N HIS T 67 44.94 -25.18 3.71
CA HIS T 67 45.26 -25.90 4.93
C HIS T 67 44.08 -26.80 5.27
N ALA T 68 44.32 -27.75 6.16
CA ALA T 68 43.26 -28.62 6.64
C ALA T 68 43.53 -28.96 8.10
N PHE T 69 42.53 -28.80 8.94
CA PHE T 69 42.61 -29.30 10.30
C PHE T 69 41.91 -30.64 10.38
N GLY T 70 42.48 -31.54 11.19
CA GLY T 70 41.77 -32.75 11.54
C GLY T 70 40.56 -32.45 12.41
N ASP T 71 40.55 -31.28 13.05
CA ASP T 71 39.42 -30.79 13.83
C ASP T 71 39.47 -29.28 13.80
N SER T 72 38.61 -28.66 12.99
CA SER T 72 38.66 -27.21 12.80
C SER T 72 38.26 -26.43 14.03
N GLU T 73 37.28 -26.91 14.79
CA GLU T 73 36.80 -26.20 15.97
C GLU T 73 37.73 -26.28 17.15
N ALA T 74 38.76 -27.12 17.08
CA ALA T 74 39.72 -27.21 18.17
C ALA T 74 40.70 -26.05 18.17
N TYR T 75 40.99 -25.47 17.01
CA TYR T 75 42.00 -24.44 16.88
C TYR T 75 41.46 -23.27 16.06
N ALA T 76 42.03 -22.10 16.30
CA ALA T 76 41.77 -20.92 15.50
C ALA T 76 42.94 -20.73 14.55
N PHE T 77 42.64 -20.36 13.31
CA PHE T 77 43.62 -20.20 12.26
C PHE T 77 43.52 -18.77 11.73
N ALA T 78 44.65 -18.09 11.65
CA ALA T 78 44.71 -16.79 11.00
C ALA T 78 45.98 -16.70 10.18
N ARG T 79 45.87 -16.17 8.98
CA ARG T 79 47.00 -16.07 8.09
C ARG T 79 46.97 -14.74 7.38
N LYS T 80 48.13 -14.10 7.29
CA LYS T 80 48.32 -12.92 6.44
C LYS T 80 49.70 -13.07 5.82
N GLY T 81 49.73 -13.38 4.53
CA GLY T 81 50.99 -13.61 3.85
C GLY T 81 51.59 -14.94 4.23
N ARG T 82 52.81 -14.92 4.75
CA ARG T 82 53.49 -16.12 5.17
C ARG T 82 53.49 -16.30 6.69
N HIS T 83 52.60 -15.60 7.38
CA HIS T 83 52.52 -15.64 8.84
C HIS T 83 51.24 -16.35 9.24
N ILE T 84 51.37 -17.40 10.04
CA ILE T 84 50.24 -18.22 10.48
C ILE T 84 50.21 -18.19 11.99
N PHE T 85 49.04 -17.93 12.56
CA PHE T 85 48.82 -18.01 14.00
C PHE T 85 47.78 -19.08 14.28
N ILE T 86 48.10 -19.97 15.23
CA ILE T 86 47.14 -20.97 15.68
C ILE T 86 47.00 -20.86 17.20
N LYS T 87 45.86 -21.31 17.68
CA LYS T 87 45.43 -21.07 19.04
C LYS T 87 44.28 -22.02 19.38
N PRO T 88 44.40 -22.80 20.45
CA PRO T 88 43.33 -23.74 20.79
C PRO T 88 42.04 -23.03 21.16
N GLN T 89 40.92 -23.60 20.72
CA GLN T 89 39.58 -23.08 20.95
C GLN T 89 38.73 -24.02 21.80
N ALA T 90 39.28 -25.14 22.24
CA ALA T 90 38.45 -26.16 22.87
C ALA T 90 39.31 -27.03 23.77
N GLU T 91 38.62 -27.78 24.63
CA GLU T 91 39.29 -28.72 25.50
C GLU T 91 39.78 -29.93 24.73
N LEU T 92 40.92 -30.47 25.14
CA LEU T 92 41.49 -31.68 24.55
C LEU T 92 41.69 -31.51 23.05
N ALA T 93 42.24 -30.37 22.67
CA ALA T 93 42.40 -30.02 21.26
C ALA T 93 43.62 -30.73 20.70
N ASN T 94 43.44 -32.02 20.42
CA ASN T 94 44.49 -32.88 19.88
C ASN T 94 44.11 -33.28 18.46
N THR T 95 44.80 -32.71 17.47
CA THR T 95 44.46 -32.94 16.08
C THR T 95 45.74 -32.80 15.25
N ASN T 96 45.58 -32.64 13.95
CA ASN T 96 46.71 -32.41 13.06
C ASN T 96 46.40 -31.24 12.14
N LEU T 97 47.46 -30.64 11.61
CA LEU T 97 47.34 -29.53 10.67
C LEU T 97 48.25 -29.80 9.48
N ILE T 98 47.72 -29.62 8.29
CA ILE T 98 48.48 -29.75 7.05
C ILE T 98 48.31 -28.44 6.30
N VAL T 99 49.42 -27.76 5.99
CA VAL T 99 49.41 -26.57 5.16
C VAL T 99 50.17 -26.89 3.88
N VAL T 100 49.51 -26.71 2.74
CA VAL T 100 50.13 -26.96 1.44
C VAL T 100 50.41 -25.62 0.78
N THR T 101 51.59 -25.50 0.20
CA THR T 101 52.02 -24.30 -0.47
C THR T 101 52.45 -24.64 -1.89
N ASP T 102 52.99 -23.64 -2.59
CA ASP T 102 53.55 -23.88 -3.91
C ASP T 102 54.71 -24.85 -3.85
N ARG T 103 55.57 -24.73 -2.84
CA ARG T 103 56.79 -25.51 -2.84
C ARG T 103 56.72 -26.78 -1.99
N ARG T 104 55.93 -26.78 -0.92
CA ARG T 104 55.92 -27.95 -0.04
C ARG T 104 54.59 -28.01 0.71
N SER T 105 54.43 -29.05 1.51
CA SER T 105 53.33 -29.17 2.45
C SER T 105 53.89 -29.46 3.84
N TYR T 106 53.36 -28.78 4.85
CA TYR T 106 53.81 -28.92 6.22
C TYR T 106 52.85 -29.80 7.00
N LYS T 107 53.40 -30.70 7.81
CA LYS T 107 52.62 -31.61 8.62
C LYS T 107 52.89 -31.32 10.09
N PHE T 108 51.85 -30.94 10.81
CA PHE T 108 51.95 -30.61 12.23
C PHE T 108 51.04 -31.53 13.03
N ARG T 109 51.57 -32.05 14.14
CA ARG T 109 50.76 -32.81 15.08
C ARG T 109 50.51 -31.89 16.27
N LEU T 110 49.28 -31.38 16.36
CA LEU T 110 48.93 -30.42 17.40
C LEU T 110 48.47 -31.16 18.64
N GLN T 111 49.20 -31.00 19.73
CA GLN T 111 48.94 -31.72 20.98
C GLN T 111 48.80 -30.70 22.10
N MET T 112 47.58 -30.52 22.60
CA MET T 112 47.35 -29.60 23.69
C MET T 112 47.94 -30.13 24.99
N ARG T 113 48.57 -29.25 25.75
CA ARG T 113 49.18 -29.58 27.02
C ARG T 113 48.19 -29.36 28.15
N ASN T 114 48.53 -29.84 29.34
CA ASN T 114 47.63 -29.70 30.48
C ASN T 114 48.08 -28.64 31.47
N ASP T 115 49.38 -28.45 31.67
CA ASP T 115 49.88 -27.64 32.78
C ASP T 115 50.22 -26.21 32.39
N ARG T 116 49.92 -25.79 31.16
CA ARG T 116 50.19 -24.42 30.70
C ARG T 116 51.66 -24.06 30.85
N ASN T 117 52.54 -25.04 30.61
CA ASN T 117 53.97 -24.87 30.72
C ASN T 117 54.62 -25.30 29.42
N GLY T 118 55.82 -24.79 29.16
CA GLY T 118 56.54 -25.13 27.95
C GLY T 118 55.82 -24.71 26.69
N ALA T 119 55.31 -23.49 26.67
CA ALA T 119 54.60 -22.98 25.52
C ALA T 119 55.56 -22.73 24.35
N MET T 120 54.98 -22.67 23.16
CA MET T 120 55.71 -22.33 21.94
C MET T 120 55.12 -21.06 21.37
N TYR T 121 55.93 -20.01 21.27
CA TYR T 121 55.46 -18.76 20.72
C TYR T 121 55.70 -18.65 19.22
N GLU T 122 56.88 -19.02 18.74
CA GLU T 122 57.10 -19.12 17.30
C GLU T 122 57.77 -20.43 16.96
N LEU T 123 57.43 -20.94 15.78
CA LEU T 123 58.12 -22.06 15.15
C LEU T 123 58.73 -21.58 13.85
N ALA T 124 60.05 -21.72 13.71
CA ALA T 124 60.75 -21.32 12.52
C ALA T 124 61.35 -22.54 11.84
N PHE T 125 61.28 -22.57 10.51
CA PHE T 125 61.76 -23.70 9.73
C PHE T 125 63.10 -23.38 9.09
N ARG T 126 64.01 -24.35 9.17
CA ARG T 126 65.28 -24.31 8.44
C ARG T 126 65.11 -25.28 7.28
N TYR T 127 65.28 -24.80 6.06
CA TYR T 127 64.99 -25.63 4.90
C TYR T 127 66.27 -26.15 4.27
N PRO T 128 66.59 -27.44 4.41
CA PRO T 128 67.77 -27.98 3.75
C PRO T 128 67.49 -28.37 2.30
N ASP T 129 66.23 -28.42 1.88
CA ASP T 129 65.96 -28.69 0.47
C ASP T 129 66.41 -27.53 -0.41
N THR T 130 66.12 -26.30 0.00
CA THR T 130 66.65 -25.15 -0.73
C THR T 130 68.18 -25.10 -0.62
N GLN T 131 68.73 -25.54 0.50
CA GLN T 131 70.17 -25.60 0.64
C GLN T 131 70.78 -26.60 -0.35
N ALA T 132 70.12 -27.74 -0.53
CA ALA T 132 70.57 -28.73 -1.51
C ALA T 132 70.43 -28.19 -2.93
N ARG T 133 69.35 -27.45 -3.19
CA ARG T 133 69.20 -26.80 -4.50
C ARG T 133 70.34 -25.82 -4.74
N GLN T 134 70.71 -25.06 -3.72
CA GLN T 134 71.86 -24.17 -3.82
C GLN T 134 73.15 -24.94 -4.06
N THR T 135 73.30 -26.09 -3.39
CA THR T 135 74.49 -26.92 -3.56
C THR T 135 74.62 -27.46 -4.97
N LYS U 135 32.43 -21.39 37.39
CA LYS U 135 32.00 -20.54 38.48
C LYS U 135 33.18 -19.85 39.15
N THR U 136 34.17 -20.64 39.58
CA THR U 136 35.38 -20.07 40.15
C THR U 136 36.09 -19.27 39.04
N PRO U 137 36.73 -18.15 39.39
CA PRO U 137 37.23 -17.28 38.33
C PRO U 137 38.27 -17.92 37.42
N TYR U 138 39.00 -18.93 37.90
CA TYR U 138 39.88 -19.68 37.01
C TYR U 138 39.08 -20.35 35.90
N GLU U 139 37.92 -20.91 36.22
CA GLU U 139 37.10 -21.57 35.21
C GLU U 139 36.54 -20.57 34.20
N LEU U 140 36.08 -19.41 34.67
CA LEU U 140 35.59 -18.39 33.75
C LEU U 140 36.71 -17.87 32.87
N ALA U 141 37.92 -17.71 33.43
CA ALA U 141 39.07 -17.31 32.63
C ALA U 141 39.38 -18.35 31.57
N ARG U 142 39.31 -19.63 31.93
CA ARG U 142 39.63 -20.70 30.98
C ARG U 142 38.60 -20.75 29.86
N GLU U 143 37.32 -20.57 30.20
CA GLU U 143 36.28 -20.47 29.18
C GLU U 143 36.49 -19.27 28.28
N ARG U 144 36.90 -18.13 28.85
CA ARG U 144 37.20 -16.96 28.03
C ARG U 144 38.36 -17.22 27.08
N MET U 145 39.41 -17.87 27.59
CA MET U 145 40.57 -18.17 26.75
C MET U 145 40.20 -19.10 25.60
N LEU U 146 39.40 -20.12 25.87
CA LEU U 146 38.91 -20.97 24.78
C LEU U 146 38.04 -20.21 23.81
N ARG U 147 37.20 -19.30 24.31
CA ARG U 147 36.18 -18.68 23.48
C ARG U 147 36.75 -17.66 22.50
N SER U 148 37.77 -16.91 22.92
CA SER U 148 38.20 -15.73 22.17
C SER U 148 38.96 -16.09 20.91
N GLY U 149 38.90 -15.18 19.93
CA GLY U 149 39.69 -15.28 18.72
C GLY U 149 41.08 -14.72 18.88
N LEU U 150 41.83 -14.73 17.78
CA LEU U 150 43.18 -14.16 17.79
C LEU U 150 43.15 -12.64 17.74
N THR U 151 42.17 -12.05 17.09
CA THR U 151 42.03 -10.60 17.00
C THR U 151 40.61 -10.24 17.40
N ALA U 152 40.47 -9.14 18.14
CA ALA U 152 39.15 -8.65 18.51
C ALA U 152 38.49 -7.98 17.32
N GLY U 153 37.22 -8.30 17.09
CA GLY U 153 36.48 -7.72 15.99
C GLY U 153 35.12 -8.34 15.80
N LEU V 21 63.73 -14.93 28.19
CA LEU V 21 62.77 -14.03 28.79
C LEU V 21 63.44 -12.78 29.31
N ASP V 22 63.37 -11.71 28.52
CA ASP V 22 64.09 -10.49 28.85
C ASP V 22 63.19 -9.56 29.67
N VAL V 23 63.68 -9.11 30.81
CA VAL V 23 62.97 -8.18 31.68
C VAL V 23 63.44 -6.77 31.34
N PRO V 24 62.54 -5.87 30.94
CA PRO V 24 62.97 -4.51 30.60
C PRO V 24 63.54 -3.77 31.81
N SER V 25 64.43 -2.82 31.53
CA SER V 25 65.09 -2.05 32.55
C SER V 25 64.43 -0.68 32.67
N SER V 26 64.32 -0.18 33.90
CA SER V 26 63.68 1.09 34.16
C SER V 26 64.62 2.25 33.90
N SER V 27 64.04 3.45 33.75
CA SER V 27 64.85 4.65 33.66
C SER V 27 65.23 5.12 35.06
N ARG V 28 66.23 6.00 35.12
CA ARG V 28 66.70 6.50 36.40
C ARG V 28 65.75 7.50 37.02
N TYR V 29 64.75 7.99 36.28
CA TYR V 29 63.80 8.94 36.85
C TYR V 29 62.59 8.22 37.43
N ASP V 30 61.88 7.46 36.60
CA ASP V 30 60.68 6.76 37.05
C ASP V 30 60.73 5.32 36.60
N HIS V 31 60.21 4.43 37.44
CA HIS V 31 60.17 3.00 37.12
C HIS V 31 59.10 2.66 36.09
N ARG V 32 58.22 3.58 35.74
CA ARG V 32 57.16 3.34 34.78
C ARG V 32 57.62 3.44 33.33
N ILE V 33 58.82 3.96 33.10
CA ILE V 33 59.41 4.05 31.76
C ILE V 33 60.50 3.00 31.69
N ARG V 34 60.33 2.03 30.80
CA ARG V 34 61.23 0.88 30.74
C ARG V 34 61.78 0.67 29.33
N TYR V 35 62.99 0.11 29.29
CA TYR V 35 63.75 -0.08 28.07
C TYR V 35 64.15 -1.54 27.96
N VAL V 36 64.20 -2.05 26.73
CA VAL V 36 64.69 -3.39 26.47
C VAL V 36 65.38 -3.38 25.11
N THR V 37 66.44 -4.18 25.01
CA THR V 37 67.13 -4.37 23.74
C THR V 37 66.48 -5.50 22.96
N TYR V 38 66.20 -5.27 21.68
CA TYR V 38 65.49 -6.25 20.90
C TYR V 38 66.38 -7.46 20.61
N ASN V 39 65.79 -8.64 20.69
CA ASN V 39 66.49 -9.88 20.38
C ASN V 39 65.48 -10.77 19.65
N PRO V 40 65.73 -11.14 18.40
CA PRO V 40 64.76 -11.98 17.69
C PRO V 40 64.52 -13.33 18.32
N ALA V 41 65.45 -13.81 19.15
CA ALA V 41 65.36 -15.14 19.73
C ALA V 41 64.97 -15.10 21.20
N ASP V 42 64.28 -14.04 21.63
CA ASP V 42 63.89 -13.91 23.03
C ASP V 42 62.51 -13.27 23.12
N VAL V 43 61.90 -13.43 24.29
CA VAL V 43 60.58 -12.90 24.57
C VAL V 43 60.72 -11.80 25.62
N VAL V 44 59.91 -10.75 25.46
CA VAL V 44 59.95 -9.58 26.33
C VAL V 44 58.85 -9.73 27.38
N GLN V 45 59.24 -9.61 28.64
CA GLN V 45 58.31 -9.71 29.76
C GLN V 45 57.63 -8.37 29.99
N VAL V 46 56.31 -8.35 29.96
CA VAL V 46 55.53 -7.13 30.16
C VAL V 46 54.61 -7.35 31.35
N ASP V 47 54.78 -6.54 32.39
CA ASP V 47 53.93 -6.59 33.58
C ASP V 47 52.81 -5.58 33.40
N THR V 48 51.58 -6.05 33.37
CA THR V 48 50.42 -5.20 33.18
C THR V 48 49.65 -5.13 34.50
N VAL V 49 49.12 -3.96 34.82
CA VAL V 49 48.38 -3.76 36.04
C VAL V 49 46.99 -3.22 35.71
N LEU V 50 46.12 -3.25 36.72
CA LEU V 50 44.75 -2.78 36.57
C LEU V 50 44.71 -1.28 36.27
N GLY V 51 43.92 -0.90 35.27
CA GLY V 51 43.68 0.48 34.98
C GLY V 51 44.85 1.25 34.43
N VAL V 52 45.86 0.59 33.88
CA VAL V 52 47.02 1.25 33.31
C VAL V 52 47.18 0.81 31.86
N ALA V 53 47.34 1.79 30.98
CA ALA V 53 47.64 1.57 29.58
C ALA V 53 49.14 1.59 29.40
N THR V 54 49.66 0.65 28.63
CA THR V 54 51.08 0.60 28.31
C THR V 54 51.28 1.03 26.87
N HIS V 55 52.22 1.93 26.65
CA HIS V 55 52.57 2.43 25.33
C HIS V 55 53.82 1.70 24.85
N ILE V 56 53.65 0.83 23.85
CA ILE V 56 54.77 0.22 23.15
C ILE V 56 54.93 0.94 21.83
N MET V 57 56.14 1.41 21.55
CA MET V 57 56.41 2.15 20.32
C MET V 57 57.37 1.35 19.46
N LEU V 58 56.99 1.15 18.20
CA LEU V 58 57.82 0.42 17.24
C LEU V 58 58.94 1.31 16.72
N GLU V 59 59.82 0.73 15.92
CA GLU V 59 60.90 1.47 15.31
C GLU V 59 60.36 2.38 14.20
N GLU V 60 61.03 3.51 14.01
CA GLU V 60 60.62 4.45 12.98
C GLU V 60 60.71 3.81 11.60
N GLY V 61 59.68 4.03 10.79
CA GLY V 61 59.64 3.45 9.46
C GLY V 61 59.21 2.01 9.40
N GLU V 62 58.84 1.42 10.53
CA GLU V 62 58.43 0.03 10.61
C GLU V 62 56.93 -0.05 10.36
N GLN V 63 56.52 -1.00 9.53
CA GLN V 63 55.13 -1.12 9.14
C GLN V 63 54.49 -2.29 9.85
N TYR V 64 53.38 -2.03 10.54
CA TYR V 64 52.58 -3.06 11.16
C TYR V 64 51.97 -3.97 10.11
N LEU V 65 52.07 -5.28 10.33
CA LEU V 65 51.37 -6.24 9.48
C LEU V 65 50.20 -6.90 10.20
N THR V 66 50.47 -7.55 11.31
CA THR V 66 49.46 -8.31 12.03
C THR V 66 49.92 -8.42 13.47
N HIS V 67 48.96 -8.65 14.36
CA HIS V 67 49.24 -9.05 15.72
C HIS V 67 48.35 -10.23 16.07
N ALA V 68 48.69 -10.91 17.16
CA ALA V 68 47.87 -12.00 17.66
C ALA V 68 47.97 -12.03 19.16
N PHE V 69 46.83 -12.10 19.82
CA PHE V 69 46.79 -12.35 21.26
C PHE V 69 46.53 -13.83 21.51
N GLY V 70 47.19 -14.36 22.53
CA GLY V 70 46.82 -15.68 23.01
C GLY V 70 45.44 -15.68 23.63
N ASP V 71 44.97 -14.51 24.04
CA ASP V 71 43.61 -14.31 24.55
C ASP V 71 43.21 -12.88 24.25
N SER V 72 42.37 -12.69 23.22
CA SER V 72 42.01 -11.36 22.77
C SER V 72 41.16 -10.60 23.77
N GLU V 73 40.26 -11.26 24.48
CA GLU V 73 39.37 -10.58 25.41
C GLU V 73 40.07 -10.19 26.71
N ALA V 74 41.29 -10.65 26.93
CA ALA V 74 42.01 -10.26 28.14
C ALA V 74 42.57 -8.85 28.05
N TYR V 75 42.88 -8.39 26.85
CA TYR V 75 43.55 -7.11 26.65
C TYR V 75 42.85 -6.31 25.57
N ALA V 76 42.97 -4.99 25.65
CA ALA V 76 42.53 -4.08 24.61
C ALA V 76 43.74 -3.65 23.80
N PHE V 77 43.57 -3.57 22.49
CA PHE V 77 44.64 -3.24 21.56
C PHE V 77 44.21 -2.03 20.76
N ALA V 78 45.08 -1.02 20.71
CA ALA V 78 44.87 0.13 19.83
C ALA V 78 46.18 0.50 19.20
N ARG V 79 46.13 0.80 17.90
CA ARG V 79 47.33 1.15 17.18
C ARG V 79 47.02 2.29 16.22
N LYS V 80 47.94 3.25 16.17
CA LYS V 80 47.92 4.29 15.14
C LYS V 80 49.37 4.52 14.75
N GLY V 81 49.73 4.07 13.56
CA GLY V 81 51.10 4.16 13.10
C GLY V 81 51.98 3.18 13.81
N ARG V 82 53.03 3.67 14.46
CA ARG V 82 53.96 2.82 15.19
C ARG V 82 53.72 2.86 16.69
N HIS V 83 52.55 3.32 17.13
CA HIS V 83 52.23 3.46 18.54
C HIS V 83 51.16 2.43 18.89
N ILE V 84 51.46 1.61 19.89
CA ILE V 84 50.56 0.54 20.32
C ILE V 84 50.25 0.75 21.79
N PHE V 85 48.97 0.68 22.15
CA PHE V 85 48.51 0.74 23.53
C PHE V 85 47.82 -0.56 23.87
N ILE V 86 48.20 -1.16 25.00
CA ILE V 86 47.53 -2.34 25.51
C ILE V 86 47.08 -2.07 26.93
N LYS V 87 46.07 -2.81 27.34
CA LYS V 87 45.34 -2.54 28.56
C LYS V 87 44.49 -3.75 28.93
N PRO V 88 44.64 -4.29 30.13
CA PRO V 88 43.86 -5.48 30.50
C PRO V 88 42.36 -5.19 30.56
N GLN V 89 41.57 -6.15 30.08
CA GLN V 89 40.11 -6.08 30.04
C GLN V 89 39.45 -7.10 30.94
N ALA V 90 40.22 -7.92 31.64
CA ALA V 90 39.64 -9.05 32.34
C ALA V 90 40.54 -9.46 33.49
N GLU V 91 39.97 -10.26 34.38
CA GLU V 91 40.70 -10.81 35.51
C GLU V 91 41.67 -11.88 35.03
N LEU V 92 42.82 -11.96 35.69
CA LEU V 92 43.83 -12.99 35.43
C LEU V 92 44.25 -12.97 33.96
N ALA V 93 44.49 -11.77 33.44
CA ALA V 93 44.79 -11.59 32.02
C ALA V 93 46.26 -11.93 31.78
N ASN V 94 46.52 -13.23 31.71
CA ASN V 94 47.87 -13.76 31.50
C ASN V 94 47.89 -14.46 30.15
N THR V 95 48.55 -13.84 29.18
CA THR V 95 48.56 -14.34 27.81
C THR V 95 49.86 -13.92 27.16
N ASN V 96 49.91 -13.99 25.83
CA ASN V 96 51.06 -13.53 25.07
C ASN V 96 50.59 -12.67 23.91
N LEU V 97 51.49 -11.84 23.42
CA LEU V 97 51.22 -10.97 22.28
C LEU V 97 52.38 -11.09 21.30
N ILE V 98 52.04 -11.25 20.02
CA ILE V 98 53.04 -11.30 18.95
C ILE V 98 52.60 -10.23 17.94
N VAL V 99 53.50 -9.29 17.66
CA VAL V 99 53.29 -8.29 16.62
C VAL V 99 54.33 -8.51 15.54
N VAL V 100 53.88 -8.72 14.31
CA VAL V 100 54.76 -8.93 13.17
C VAL V 100 54.74 -7.68 12.31
N THR V 101 55.92 -7.25 11.89
CA THR V 101 56.08 -6.07 11.06
C THR V 101 56.85 -6.44 9.80
N ASP V 102 57.19 -5.43 9.01
CA ASP V 102 58.02 -5.66 7.84
C ASP V 102 59.39 -6.17 8.22
N ARG V 103 59.97 -5.64 9.30
CA ARG V 103 61.36 -5.98 9.61
C ARG V 103 61.51 -7.07 10.67
N ARG V 104 60.57 -7.18 11.61
CA ARG V 104 60.75 -8.16 12.68
C ARG V 104 59.39 -8.54 13.25
N SER V 105 59.42 -9.46 14.21
CA SER V 105 58.24 -9.80 15.00
C SER V 105 58.60 -9.70 16.48
N TYR V 106 57.70 -9.10 17.25
CA TYR V 106 57.92 -8.88 18.69
C TYR V 106 57.14 -9.91 19.49
N LYS V 107 57.78 -10.47 20.51
CA LYS V 107 57.17 -11.47 21.38
C LYS V 107 57.07 -10.90 22.78
N PHE V 108 55.84 -10.78 23.28
CA PHE V 108 55.57 -10.25 24.60
C PHE V 108 54.84 -11.30 25.44
N ARG V 109 55.29 -11.46 26.68
CA ARG V 109 54.60 -12.31 27.64
C ARG V 109 53.87 -11.35 28.59
N LEU V 110 52.55 -11.28 28.42
CA LEU V 110 51.73 -10.35 29.19
C LEU V 110 51.29 -11.02 30.49
N GLN V 111 51.74 -10.49 31.63
CA GLN V 111 51.47 -11.07 32.94
C GLN V 111 50.83 -10.01 33.82
N MET V 112 49.54 -10.17 34.10
CA MET V 112 48.83 -9.23 34.97
C MET V 112 49.31 -9.36 36.41
N ARG V 113 49.50 -8.22 37.05
CA ARG V 113 49.93 -8.16 38.44
C ARG V 113 48.73 -8.11 39.37
N ASN V 114 48.97 -8.30 40.66
CA ASN V 114 47.89 -8.30 41.62
C ASN V 114 47.80 -7.03 42.45
N ASP V 115 48.92 -6.39 42.77
CA ASP V 115 48.95 -5.32 43.76
C ASP V 115 48.90 -3.93 43.16
N ARG V 116 48.72 -3.79 41.84
CA ARG V 116 48.64 -2.50 41.17
C ARG V 116 49.89 -1.65 41.44
N ASN V 117 51.03 -2.32 41.51
CA ASN V 117 52.31 -1.66 41.77
C ASN V 117 53.29 -2.04 40.67
N GLY V 118 54.31 -1.21 40.49
CA GLY V 118 55.31 -1.45 39.47
C GLY V 118 54.74 -1.47 38.06
N ALA V 119 53.89 -0.50 37.75
CA ALA V 119 53.29 -0.41 36.44
C ALA V 119 54.33 -0.02 35.39
N MET V 120 54.00 -0.33 34.13
CA MET V 120 54.81 0.05 32.98
C MET V 120 53.97 0.97 32.11
N TYR V 121 54.43 2.20 31.92
CA TYR V 121 53.71 3.15 31.08
C TYR V 121 54.17 3.12 29.62
N GLU V 122 55.49 3.10 29.38
CA GLU V 122 55.99 2.88 28.03
C GLU V 122 57.07 1.82 28.04
N LEU V 123 57.13 1.07 26.94
CA LEU V 123 58.23 0.17 26.63
C LEU V 123 58.90 0.65 25.35
N ALA V 124 60.20 0.91 25.42
CA ALA V 124 60.96 1.36 24.28
C ALA V 124 62.00 0.32 23.93
N PHE V 125 62.19 0.09 22.64
CA PHE V 125 63.13 -0.92 22.15
C PHE V 125 64.40 -0.27 21.65
N ARG V 126 65.53 -0.85 22.02
CA ARG V 126 66.84 -0.51 21.48
C ARG V 126 67.20 -1.63 20.52
N TYR V 127 67.43 -1.30 19.25
CA TYR V 127 67.62 -2.33 18.24
C TYR V 127 69.10 -2.47 17.90
N PRO V 128 69.76 -3.55 18.32
CA PRO V 128 71.14 -3.77 17.92
C PRO V 128 71.28 -4.42 16.55
N ASP V 129 70.19 -4.94 15.99
CA ASP V 129 70.28 -5.48 14.64
C ASP V 129 70.51 -4.37 13.63
N THR V 130 69.79 -3.25 13.75
CA THR V 130 70.08 -2.11 12.90
C THR V 130 71.47 -1.55 13.19
N GLN V 131 71.91 -1.63 14.44
CA GLN V 131 73.26 -1.18 14.77
C GLN V 131 74.31 -2.05 14.09
N ALA V 132 74.07 -3.36 14.03
CA ALA V 132 74.97 -4.27 13.32
C ALA V 132 74.94 -4.01 11.82
N ARG V 133 73.74 -3.71 11.29
CA ARG V 133 73.65 -3.34 9.87
C ARG V 133 74.46 -2.08 9.60
N GLN V 134 74.40 -1.11 10.50
CA GLN V 134 75.23 0.09 10.38
C GLN V 134 76.71 -0.24 10.47
N THR V 135 77.08 -1.18 11.35
CA THR V 135 78.47 -1.58 11.51
C THR V 135 79.02 -2.24 10.25
N LYS W 135 29.78 -4.33 44.64
CA LYS W 135 28.91 -3.52 45.46
C LYS W 135 29.68 -2.40 46.15
N THR W 136 30.75 -2.77 46.86
CA THR W 136 31.61 -1.77 47.47
C THR W 136 32.27 -0.95 46.35
N PRO W 137 32.48 0.35 46.56
CA PRO W 137 32.91 1.18 45.43
C PRO W 137 34.25 0.78 44.84
N TYR W 138 35.12 0.13 45.61
CA TYR W 138 36.35 -0.42 45.02
C TYR W 138 36.01 -1.46 43.96
N GLU W 139 35.02 -2.30 44.22
CA GLU W 139 34.64 -3.34 43.24
C GLU W 139 34.04 -2.72 41.99
N LEU W 140 33.18 -1.71 42.15
CA LEU W 140 32.61 -1.04 40.98
C LEU W 140 33.70 -0.32 40.19
N ALA W 141 34.66 0.28 40.88
CA ALA W 141 35.78 0.91 40.19
C ALA W 141 36.59 -0.11 39.41
N ARG W 142 36.82 -1.28 40.00
CA ARG W 142 37.62 -2.32 39.36
C ARG W 142 36.89 -2.85 38.13
N GLU W 143 35.58 -3.04 38.23
CA GLU W 143 34.78 -3.43 37.08
C GLU W 143 34.81 -2.36 35.98
N ARG W 144 34.75 -1.09 36.37
CA ARG W 144 34.86 -0.02 35.39
C ARG W 144 36.22 -0.03 34.70
N MET W 145 37.29 -0.22 35.47
CA MET W 145 38.63 -0.25 34.88
C MET W 145 38.78 -1.41 33.90
N LEU W 146 38.26 -2.59 34.25
CA LEU W 146 38.28 -3.69 33.30
C LEU W 146 37.43 -3.39 32.06
N ARG W 147 36.29 -2.74 32.25
CA ARG W 147 35.32 -2.60 31.17
C ARG W 147 35.76 -1.61 30.11
N SER W 148 36.42 -0.52 30.51
CA SER W 148 36.63 0.62 29.61
C SER W 148 37.71 0.34 28.56
N GLY W 149 37.58 1.03 27.43
CA GLY W 149 38.59 1.01 26.41
C GLY W 149 39.71 2.01 26.65
N LEU W 150 40.63 2.08 25.70
CA LEU W 150 41.72 3.04 25.79
C LEU W 150 41.28 4.45 25.44
N THR W 151 40.31 4.60 24.54
CA THR W 151 39.79 5.89 24.16
C THR W 151 38.28 5.84 24.27
N ALA W 152 37.68 6.94 24.73
CA ALA W 152 36.24 7.03 24.81
C ALA W 152 35.66 7.28 23.42
N GLY W 153 34.61 6.55 23.08
CA GLY W 153 33.98 6.69 21.78
C GLY W 153 32.91 5.65 21.52
N LEU X 21 58.95 10.25 38.62
CA LEU X 21 57.66 10.87 38.89
C LEU X 21 57.84 12.34 39.24
N ASP X 22 57.61 13.21 38.28
CA ASP X 22 57.86 14.63 38.46
C ASP X 22 56.59 15.32 38.95
N VAL X 23 56.72 16.07 40.05
CA VAL X 23 55.62 16.83 40.63
C VAL X 23 55.70 18.26 40.09
N PRO X 24 54.67 18.76 39.41
CA PRO X 24 54.74 20.13 38.88
C PRO X 24 54.83 21.16 39.98
N SER X 25 55.45 22.30 39.65
CA SER X 25 55.66 23.39 40.59
C SER X 25 54.62 24.47 40.36
N SER X 26 54.14 25.07 41.45
CA SER X 26 53.11 26.09 41.37
C SER X 26 53.71 27.45 41.02
N SER X 27 52.85 28.36 40.56
CA SER X 27 53.27 29.73 40.36
C SER X 27 53.23 30.49 41.69
N ARG X 28 53.90 31.63 41.72
CA ARG X 28 53.95 32.45 42.92
C ARG X 28 52.65 33.16 43.22
N TYR X 29 51.72 33.20 42.27
CA TYR X 29 50.44 33.86 42.51
C TYR X 29 49.40 32.88 43.05
N ASP X 30 49.11 31.84 42.30
CA ASP X 30 48.11 30.86 42.71
C ASP X 30 48.66 29.45 42.55
N HIS X 31 48.28 28.57 43.46
CA HIS X 31 48.72 27.18 43.42
C HIS X 31 48.01 26.37 42.35
N ARG X 32 46.98 26.91 41.70
CA ARG X 32 46.23 26.20 40.69
C ARG X 32 46.89 26.25 39.32
N ILE X 33 47.91 27.08 39.15
CA ILE X 33 48.68 27.17 37.92
C ILE X 33 50.04 26.52 38.18
N ARG X 34 50.32 25.43 37.48
CA ARG X 34 51.50 24.64 37.76
C ARG X 34 52.34 24.43 36.51
N TYR X 35 53.65 24.27 36.73
CA TYR X 35 54.64 24.17 35.67
C TYR X 35 55.48 22.92 35.90
N VAL X 36 55.88 22.28 34.81
CA VAL X 36 56.80 21.15 34.87
C VAL X 36 57.69 21.19 33.65
N THR X 37 58.94 20.75 33.82
CA THR X 37 59.88 20.64 32.72
C THR X 37 59.74 19.26 32.10
N TYR X 38 59.64 19.21 30.78
CA TYR X 38 59.41 17.94 30.10
C TYR X 38 60.65 17.06 30.16
N ASN X 39 60.43 15.77 30.39
CA ASN X 39 61.50 14.79 30.42
C ASN X 39 60.94 13.54 29.74
N PRO X 40 61.52 13.09 28.64
CA PRO X 40 60.99 11.89 27.97
C PRO X 40 61.05 10.63 28.82
N ALA X 41 61.90 10.59 29.83
CA ALA X 41 62.10 9.41 30.64
C ALA X 41 61.45 9.53 32.01
N ASP X 42 60.41 10.36 32.13
CA ASP X 42 59.76 10.55 33.41
C ASP X 42 58.26 10.72 33.21
N VAL X 43 57.51 10.53 34.28
CA VAL X 43 56.06 10.66 34.28
C VAL X 43 55.68 11.87 35.11
N VAL X 44 54.64 12.58 34.65
CA VAL X 44 54.18 13.80 35.28
C VAL X 44 53.00 13.46 36.18
N GLN X 45 53.09 13.88 37.44
CA GLN X 45 52.04 13.65 38.44
C GLN X 45 50.97 14.72 38.31
N VAL X 46 49.73 14.31 38.10
CA VAL X 46 48.61 15.23 37.96
C VAL X 46 47.58 14.89 39.04
N ASP X 47 47.31 15.84 39.92
CA ASP X 47 46.31 15.69 40.97
C ASP X 47 45.00 16.27 40.46
N THR X 48 43.99 15.43 40.36
CA THR X 48 42.69 15.83 39.85
C THR X 48 41.70 15.84 41.02
N VAL X 49 40.81 16.81 41.03
CA VAL X 49 39.82 16.92 42.09
C VAL X 49 38.42 16.93 41.49
N LEU X 50 37.43 16.78 42.35
CA LEU X 50 36.04 16.77 41.94
C LEU X 50 35.61 18.11 41.36
N GLY X 51 34.96 18.07 40.21
CA GLY X 51 34.37 19.26 39.63
C GLY X 51 35.35 20.28 39.11
N VAL X 52 36.58 19.89 38.83
CA VAL X 52 37.59 20.80 38.29
C VAL X 52 38.15 20.24 37.00
N ALA X 53 38.16 21.09 35.98
CA ALA X 53 38.76 20.78 34.70
C ALA X 53 40.21 21.26 34.71
N THR X 54 41.11 20.44 34.21
CA THR X 54 42.51 20.80 34.10
C THR X 54 42.85 21.06 32.65
N HIS X 55 43.51 22.18 32.39
CA HIS X 55 43.93 22.57 31.06
C HIS X 55 45.40 22.22 30.88
N ILE X 56 45.68 21.22 30.06
CA ILE X 56 47.05 20.90 29.65
C ILE X 56 47.22 21.45 28.25
N MET X 57 48.27 22.23 28.04
CA MET X 57 48.54 22.84 26.74
C MET X 57 49.83 22.27 26.18
N LEU X 58 49.77 21.80 24.94
CA LEU X 58 50.93 21.24 24.26
C LEU X 58 51.82 22.36 23.73
N GLU X 59 52.97 21.98 23.19
CA GLU X 59 53.88 22.94 22.59
C GLU X 59 53.31 23.45 21.27
N GLU X 60 53.64 24.71 20.95
CA GLU X 60 53.17 25.31 19.72
C GLU X 60 53.70 24.55 18.51
N GLY X 61 52.82 24.32 17.55
CA GLY X 61 53.19 23.58 16.36
C GLY X 61 53.22 22.08 16.51
N GLU X 62 52.85 21.57 17.69
CA GLU X 62 52.85 20.14 17.96
C GLU X 62 51.52 19.55 17.54
N GLN X 63 51.56 18.41 16.86
CA GLN X 63 50.36 17.81 16.31
C GLN X 63 49.96 16.60 17.14
N TYR X 64 48.73 16.59 17.62
CA TYR X 64 48.16 15.45 18.31
C TYR X 64 48.05 14.26 17.38
N LEU X 65 48.48 13.10 17.86
CA LEU X 65 48.26 11.85 17.11
C LEU X 65 47.23 10.96 17.79
N THR X 66 47.47 10.60 19.03
CA THR X 66 46.60 9.67 19.74
C THR X 66 46.80 9.90 21.23
N HIS X 67 45.80 9.50 22.01
CA HIS X 67 45.93 9.41 23.44
C HIS X 67 45.38 8.07 23.89
N ALA X 68 45.70 7.69 25.12
CA ALA X 68 45.15 6.47 25.70
C ALA X 68 44.97 6.69 27.19
N PHE X 69 43.79 6.35 27.70
CA PHE X 69 43.58 6.30 29.13
C PHE X 69 43.72 4.87 29.61
N GLY X 70 44.30 4.72 30.80
CA GLY X 70 44.25 3.44 31.46
C GLY X 70 42.84 3.08 31.90
N ASP X 71 41.98 4.09 32.00
CA ASP X 71 40.56 3.91 32.28
C ASP X 71 39.81 5.08 31.66
N SER X 72 39.16 4.84 30.52
CA SER X 72 38.52 5.93 29.78
C SER X 72 37.32 6.51 30.49
N GLU X 73 36.53 5.69 31.19
CA GLU X 73 35.33 6.18 31.85
C GLU X 73 35.63 6.94 33.13
N ALA X 74 36.87 6.93 33.61
CA ALA X 74 37.21 7.70 34.80
C ALA X 74 37.35 9.19 34.51
N TYR X 75 37.72 9.55 33.29
CA TYR X 75 38.01 10.94 32.95
C TYR X 75 37.32 11.31 31.65
N ALA X 76 37.04 12.60 31.50
CA ALA X 76 36.54 13.16 30.26
C ALA X 76 37.70 13.84 29.55
N PHE X 77 37.76 13.68 28.24
CA PHE X 77 38.84 14.19 27.41
C PHE X 77 38.23 15.09 26.35
N ALA X 78 38.76 16.30 26.21
CA ALA X 78 38.38 17.19 25.12
C ALA X 78 39.63 17.87 24.60
N ARG X 79 39.73 17.96 23.29
CA ARG X 79 40.90 18.57 22.67
C ARG X 79 40.45 19.40 21.48
N LYS X 80 41.04 20.59 21.37
CA LYS X 80 40.90 21.41 20.17
C LYS X 80 42.27 22.03 19.94
N GLY X 81 42.96 21.57 18.91
CA GLY X 81 44.30 22.03 18.64
C GLY X 81 45.30 21.48 19.62
N ARG X 82 46.01 22.37 20.31
CA ARG X 82 46.99 21.97 21.30
C ARG X 82 46.48 22.15 22.73
N HIS X 83 45.17 22.26 22.90
CA HIS X 83 44.57 22.48 24.21
C HIS X 83 43.79 21.23 24.60
N ILE X 84 44.12 20.69 25.77
CA ILE X 84 43.52 19.46 26.27
C ILE X 84 42.89 19.77 27.63
N PHE X 85 41.65 19.35 27.80
CA PHE X 85 40.95 19.45 29.07
C PHE X 85 40.61 18.06 29.57
N ILE X 86 40.94 17.78 30.84
CA ILE X 86 40.57 16.51 31.47
C ILE X 86 39.80 16.83 32.74
N LYS X 87 38.99 15.87 33.15
CA LYS X 87 37.99 16.06 34.18
C LYS X 87 37.49 14.70 34.66
N PRO X 88 37.57 14.41 35.95
CA PRO X 88 37.11 13.10 36.43
C PRO X 88 35.60 12.90 36.24
N GLN X 89 35.24 11.68 35.85
CA GLN X 89 33.86 11.28 35.60
C GLN X 89 33.37 10.23 36.58
N ALA X 90 34.20 9.81 37.52
CA ALA X 90 33.85 8.67 38.34
C ALA X 90 34.60 8.72 39.65
N GLU X 91 34.13 7.91 40.59
CA GLU X 91 34.77 7.80 41.89
C GLU X 91 36.08 7.03 41.76
N LEU X 92 37.06 7.42 42.58
CA LEU X 92 38.36 6.74 42.64
C LEU X 92 39.03 6.68 41.27
N ALA X 93 38.99 7.82 40.57
CA ALA X 93 39.48 7.89 39.19
C ALA X 93 41.01 7.99 39.21
N ASN X 94 41.65 6.86 39.43
CA ASN X 94 43.10 6.76 39.50
C ASN X 94 43.57 5.92 38.32
N THR X 95 44.20 6.57 37.35
CA THR X 95 44.60 5.91 36.12
C THR X 95 45.82 6.63 35.57
N ASN X 96 46.14 6.40 34.30
CA ASN X 96 47.22 7.09 33.63
C ASN X 96 46.74 7.58 32.28
N LEU X 97 47.43 8.59 31.76
CA LEU X 97 47.14 9.15 30.45
C LEU X 97 48.44 9.27 29.67
N ILE X 98 48.41 8.84 28.42
CA ILE X 98 49.55 8.96 27.51
C ILE X 98 49.03 9.69 26.27
N VAL X 99 49.64 10.82 25.94
CA VAL X 99 49.34 11.54 24.71
C VAL X 99 50.59 11.50 23.84
N VAL X 100 50.44 11.02 22.62
CA VAL X 100 51.55 10.93 21.67
C VAL X 100 51.33 11.98 20.60
N THR X 101 52.39 12.69 20.26
CA THR X 101 52.34 13.73 19.25
C THR X 101 53.40 13.46 18.20
N ASP X 102 53.57 14.40 17.28
CA ASP X 102 54.64 14.29 16.30
C ASP X 102 56.01 14.30 16.96
N ARG X 103 56.19 15.14 17.97
CA ARG X 103 57.53 15.30 18.52
C ARG X 103 57.80 14.48 19.77
N ARG X 104 56.79 14.20 20.60
CA ARG X 104 57.02 13.50 21.84
C ARG X 104 55.77 12.78 22.29
N SER X 105 55.87 12.06 23.40
CA SER X 105 54.73 11.47 24.08
C SER X 105 54.76 11.90 25.54
N TYR X 106 53.60 12.28 26.07
CA TYR X 106 53.47 12.75 27.44
C TYR X 106 52.91 11.65 28.31
N LYS X 107 53.47 11.48 29.50
CA LYS X 107 53.03 10.46 30.45
C LYS X 107 52.51 11.15 31.70
N PHE X 108 51.24 10.94 31.99
CA PHE X 108 50.58 11.54 33.16
C PHE X 108 50.05 10.45 34.07
N ARG X 109 50.29 10.62 35.36
CA ARG X 109 49.71 9.73 36.36
C ARG X 109 48.57 10.52 37.00
N LEU X 110 47.34 10.15 36.66
CA LEU X 110 46.16 10.86 37.13
C LEU X 110 45.71 10.28 38.46
N GLN X 111 45.76 11.07 39.51
CA GLN X 111 45.44 10.63 40.86
C GLN X 111 44.36 11.54 41.44
N MET X 112 43.14 11.02 41.58
CA MET X 112 42.05 11.79 42.14
C MET X 112 42.27 12.02 43.64
N ARG X 113 41.99 13.24 44.08
CA ARG X 113 42.13 13.63 45.47
C ARG X 113 40.81 13.42 46.20
N ASN X 114 40.85 13.50 47.52
CA ASN X 114 39.66 13.29 48.32
C ASN X 114 39.05 14.57 48.88
N ASP X 115 39.85 15.57 49.21
CA ASP X 115 39.38 16.72 49.97
C ASP X 115 39.04 17.93 49.12
N ARG X 116 39.09 17.81 47.79
CA ARG X 116 38.75 18.91 46.88
C ARG X 116 39.62 20.13 47.15
N ASN X 117 40.89 19.90 47.49
CA ASN X 117 41.85 20.94 47.79
C ASN X 117 43.08 20.75 46.93
N GLY X 118 43.82 21.84 46.72
CA GLY X 118 45.02 21.77 45.91
C GLY X 118 44.75 21.38 44.47
N ALA X 119 43.74 21.98 43.87
CA ALA X 119 43.39 21.68 42.49
C ALA X 119 44.44 22.23 41.54
N MET X 120 44.44 21.68 40.32
CA MET X 120 45.30 22.13 39.25
C MET X 120 44.42 22.60 38.11
N TYR X 121 44.53 23.88 37.75
CA TYR X 121 43.73 24.41 36.66
C TYR X 121 44.45 24.33 35.32
N GLU X 122 45.72 24.69 35.25
CA GLU X 122 46.51 24.46 34.05
C GLU X 122 47.83 23.81 34.40
N LEU X 123 48.31 22.98 33.49
CA LEU X 123 49.65 22.44 33.51
C LEU X 123 50.39 22.93 32.26
N ALA X 124 51.51 23.60 32.45
CA ALA X 124 52.30 24.10 31.34
C ALA X 124 53.66 23.42 31.34
N PHE X 125 54.14 23.08 30.16
CA PHE X 125 55.40 22.36 29.99
C PHE X 125 56.50 23.30 29.55
N ARG X 126 57.66 23.16 30.17
CA ARG X 126 58.89 23.83 29.75
C ARG X 126 59.73 22.76 29.08
N TYR X 127 60.08 22.97 27.82
CA TYR X 127 60.76 21.93 27.05
C TYR X 127 62.25 22.21 26.95
N PRO X 128 63.10 21.47 27.65
CA PRO X 128 64.54 21.66 27.49
C PRO X 128 65.10 20.90 26.30
N ASP X 129 64.34 19.98 25.71
CA ASP X 129 64.83 19.31 24.50
C ASP X 129 64.91 20.29 23.33
N THR X 130 63.89 21.12 23.15
CA THR X 130 63.98 22.18 22.15
C THR X 130 65.08 23.18 22.50
N GLN X 131 65.27 23.43 23.80
CA GLN X 131 66.35 24.32 24.20
C GLN X 131 67.71 23.74 23.85
N ALA X 132 67.89 22.43 24.02
CA ALA X 132 69.12 21.77 23.62
C ALA X 132 69.29 21.79 22.10
N ARG X 133 68.20 21.62 21.36
CA ARG X 133 68.25 21.74 19.91
C ARG X 133 68.70 23.14 19.51
N GLN X 134 68.19 24.16 20.19
CA GLN X 134 68.64 25.53 19.95
C GLN X 134 70.11 25.70 20.30
N THR X 135 70.57 25.07 21.38
CA THR X 135 71.96 25.15 21.81
C THR X 135 72.89 24.54 20.78
N LYS Y 135 21.09 12.02 48.27
CA LYS Y 135 19.92 12.67 48.84
C LYS Y 135 20.28 14.04 49.42
N THR Y 136 21.27 14.06 50.31
CA THR Y 136 21.75 15.32 50.84
C THR Y 136 22.35 16.14 49.70
N PRO Y 137 22.20 17.47 49.71
CA PRO Y 137 22.59 18.23 48.51
C PRO Y 137 24.06 18.14 48.17
N TYR Y 138 24.93 17.85 49.13
CA TYR Y 138 26.33 17.57 48.79
C TYR Y 138 26.43 16.36 47.88
N GLU Y 139 25.66 15.32 48.15
CA GLU Y 139 25.71 14.12 47.32
C GLU Y 139 25.18 14.38 45.92
N LEU Y 140 24.08 15.14 45.80
CA LEU Y 140 23.55 15.47 44.49
C LEU Y 140 24.54 16.35 43.72
N ALA Y 141 25.20 17.27 44.41
CA ALA Y 141 26.23 18.09 43.78
C ALA Y 141 27.37 17.23 43.27
N ARG Y 142 27.79 16.25 44.08
CA ARG Y 142 28.91 15.40 43.70
C ARG Y 142 28.54 14.53 42.50
N GLU Y 143 27.32 14.01 42.47
CA GLU Y 143 26.83 13.28 41.30
C GLU Y 143 26.78 14.17 40.08
N ARG Y 144 26.34 15.42 40.23
CA ARG Y 144 26.32 16.35 39.11
C ARG Y 144 27.74 16.62 38.60
N MET Y 145 28.69 16.82 39.51
CA MET Y 145 30.07 17.07 39.10
C MET Y 145 30.66 15.89 38.35
N LEU Y 146 30.40 14.67 38.82
CA LEU Y 146 30.84 13.49 38.08
C LEU Y 146 30.15 13.40 36.71
N ARG Y 147 28.87 13.74 36.65
CA ARG Y 147 28.07 13.47 35.46
C ARG Y 147 28.41 14.41 34.30
N SER Y 148 28.71 15.68 34.60
CA SER Y 148 28.77 16.70 33.57
C SER Y 148 30.03 16.59 32.71
N GLY Y 149 29.92 17.08 31.48
CA GLY Y 149 31.06 17.19 30.59
C GLY Y 149 31.84 18.48 30.81
N LEU Y 150 32.85 18.68 29.97
CA LEU Y 150 33.65 19.90 30.04
C LEU Y 150 32.91 21.09 29.41
N THR Y 151 32.11 20.85 28.38
CA THR Y 151 31.35 21.91 27.74
C THR Y 151 29.90 21.46 27.67
N ALA Y 152 28.98 22.40 27.88
CA ALA Y 152 27.56 22.11 27.76
C ALA Y 152 27.17 22.02 26.29
N GLY Y 153 26.40 20.99 25.95
CA GLY Y 153 25.96 20.79 24.58
C GLY Y 153 25.24 19.48 24.38
N LEU Z 21 45.14 33.97 43.42
CA LEU Z 21 43.71 34.19 43.41
C LEU Z 21 43.37 35.67 43.49
N ASP Z 22 43.08 36.27 42.35
CA ASP Z 22 42.86 37.71 42.30
C ASP Z 22 41.38 38.03 42.48
N VAL Z 23 41.09 38.92 43.43
CA VAL Z 23 39.72 39.36 43.70
C VAL Z 23 39.49 40.65 42.92
N PRO Z 24 38.49 40.69 42.04
CA PRO Z 24 38.25 41.93 41.27
C PRO Z 24 37.83 43.08 42.16
N SER Z 25 38.14 44.28 41.70
CA SER Z 25 37.85 45.50 42.45
C SER Z 25 36.59 46.16 41.88
N SER Z 26 35.77 46.72 42.76
CA SER Z 26 34.53 47.34 42.36
C SER Z 26 34.75 48.76 41.84
N SER Z 27 33.75 49.27 41.12
CA SER Z 27 33.77 50.66 40.72
C SER Z 27 33.29 51.55 41.86
N ARG Z 28 33.57 52.84 41.76
CA ARG Z 28 33.17 53.77 42.79
C ARG Z 28 31.68 54.08 42.78
N TYR Z 29 30.97 53.69 41.72
CA TYR Z 29 29.53 53.92 41.66
C TYR Z 29 28.75 52.75 42.23
N ASP Z 30 28.91 51.57 41.66
CA ASP Z 30 28.18 50.39 42.11
C ASP Z 30 29.14 49.23 42.30
N HIS Z 31 28.88 48.40 43.30
CA HIS Z 31 29.70 47.23 43.58
C HIS Z 31 29.47 46.10 42.59
N ARG Z 32 28.46 46.19 41.73
CA ARG Z 32 28.15 45.14 40.77
C ARG Z 32 29.01 45.21 39.52
N ILE Z 33 29.76 46.30 39.33
CA ILE Z 33 30.68 46.45 38.22
C ILE Z 33 32.09 46.32 38.78
N ARG Z 34 32.81 45.29 38.33
CA ARG Z 34 34.10 44.96 38.91
C ARG Z 34 35.18 44.86 37.84
N TYR Z 35 36.41 45.16 38.25
CA TYR Z 35 37.56 45.23 37.38
C TYR Z 35 38.67 44.36 37.94
N VAL Z 36 39.44 43.74 37.06
CA VAL Z 36 40.62 42.98 37.45
C VAL Z 36 41.67 43.14 36.37
N THR Z 37 42.93 43.16 36.78
CA THR Z 37 44.05 43.19 35.86
C THR Z 37 44.43 41.76 35.49
N TYR Z 38 44.61 41.51 34.20
CA TYR Z 38 44.87 40.16 33.74
C TYR Z 38 46.28 39.73 34.13
N ASN Z 39 46.42 38.49 34.57
CA ASN Z 39 47.70 37.90 34.92
C ASN Z 39 47.68 36.47 34.43
N PRO Z 40 48.55 36.07 33.51
CA PRO Z 40 48.52 34.69 33.01
C PRO Z 40 48.79 33.65 34.07
N ALA Z 41 49.42 34.03 35.19
CA ALA Z 41 49.80 33.09 36.23
C ALA Z 41 48.90 33.18 37.45
N ASP Z 42 47.67 33.64 37.28
CA ASP Z 42 46.76 33.78 38.40
C ASP Z 42 45.35 33.44 37.97
N VAL Z 43 44.50 33.19 38.96
CA VAL Z 43 43.11 32.83 38.75
C VAL Z 43 42.24 33.97 39.28
N VAL Z 44 41.15 34.23 38.57
CA VAL Z 44 40.23 35.33 38.88
C VAL Z 44 39.07 34.75 39.66
N GLN Z 45 38.80 35.34 40.83
CA GLN Z 45 37.70 34.92 41.70
C GLN Z 45 36.40 35.58 41.24
N VAL Z 46 35.40 34.76 40.95
CA VAL Z 46 34.10 35.25 40.50
C VAL Z 46 33.04 34.75 41.47
N ASP Z 47 32.35 35.69 42.12
CA ASP Z 47 31.26 35.36 43.04
C ASP Z 47 29.96 35.41 42.26
N THR Z 48 29.27 34.29 42.18
CA THR Z 48 28.02 34.18 41.45
C THR Z 48 26.88 34.03 42.45
N VAL Z 49 25.75 34.66 42.18
CA VAL Z 49 24.61 34.59 43.05
C VAL Z 49 23.40 34.08 42.28
N LEU Z 50 22.35 33.74 43.01
CA LEU Z 50 21.13 33.21 42.44
C LEU Z 50 20.44 34.26 41.56
N GLY Z 51 20.04 33.86 40.36
CA GLY Z 51 19.25 34.71 39.50
C GLY Z 51 19.97 35.91 38.93
N VAL Z 52 21.30 35.89 38.89
CA VAL Z 52 22.06 37.00 38.34
C VAL Z 52 22.99 36.47 37.25
N ALA Z 53 22.94 37.13 36.11
CA ALA Z 53 23.83 36.86 34.99
C ALA Z 53 25.03 37.77 35.10
N THR Z 54 26.22 37.22 34.88
CA THR Z 54 27.45 37.99 34.90
C THR Z 54 27.96 38.14 33.47
N HIS Z 55 28.30 39.37 33.10
CA HIS Z 55 28.82 39.67 31.78
C HIS Z 55 30.34 39.79 31.88
N ILE Z 56 31.04 38.83 31.30
CA ILE Z 56 32.49 38.92 31.14
C ILE Z 56 32.75 39.29 29.69
N MET Z 57 33.54 40.34 29.48
CA MET Z 57 33.85 40.81 28.13
C MET Z 57 35.33 40.61 27.86
N LEU Z 58 35.65 39.97 26.73
CA LEU Z 58 37.02 39.74 26.33
C LEU Z 58 37.62 41.00 25.72
N GLU Z 59 38.92 40.93 25.41
CA GLU Z 59 39.60 42.04 24.77
C GLU Z 59 39.15 42.16 23.32
N GLU Z 60 39.15 43.40 22.82
CA GLU Z 60 38.76 43.64 21.44
C GLU Z 60 39.70 42.93 20.48
N GLY Z 61 39.11 42.29 19.47
CA GLY Z 61 39.89 41.56 18.50
C GLY Z 61 40.33 40.18 18.93
N GLU Z 62 39.92 39.74 20.12
CA GLU Z 62 40.29 38.45 20.66
C GLU Z 62 39.29 37.41 20.19
N GLN Z 63 39.79 36.26 19.73
CA GLN Z 63 38.94 35.23 19.16
C GLN Z 63 38.78 34.09 20.15
N TYR Z 64 37.52 33.76 20.46
CA TYR Z 64 37.20 32.60 21.27
C TYR Z 64 37.62 31.32 20.56
N LEU Z 65 38.27 30.42 21.31
CA LEU Z 65 38.58 29.09 20.79
C LEU Z 65 37.74 28.02 21.47
N THR Z 66 37.84 27.92 22.79
CA THR Z 66 37.18 26.87 23.54
C THR Z 66 37.02 27.36 24.97
N HIS Z 67 36.05 26.78 25.67
CA HIS Z 67 35.95 26.93 27.11
C HIS Z 67 35.73 25.55 27.72
N ALA Z 68 35.91 25.48 29.03
CA ALA Z 68 35.66 24.24 29.76
C ALA Z 68 35.16 24.59 31.14
N PHE Z 69 34.06 23.97 31.54
CA PHE Z 69 33.61 24.05 32.92
C PHE Z 69 34.06 22.82 33.67
N GLY Z 70 34.44 23.04 34.94
CA GLY Z 70 34.65 21.90 35.82
C GLY Z 70 33.35 21.18 36.11
N ASP Z 71 32.23 21.86 35.92
CA ASP Z 71 30.89 21.28 36.04
C ASP Z 71 29.97 22.05 35.12
N SER Z 72 29.64 21.46 33.98
CA SER Z 72 28.86 22.17 32.96
C SER Z 72 27.43 22.43 33.39
N GLU Z 73 26.80 21.51 34.11
CA GLU Z 73 25.41 21.68 34.52
C GLU Z 73 25.22 22.66 35.66
N ALA Z 74 26.30 23.12 36.27
CA ALA Z 74 26.19 24.10 37.34
C ALA Z 74 25.93 25.51 36.80
N TYR Z 75 26.40 25.80 35.59
CA TYR Z 75 26.32 27.14 35.03
C TYR Z 75 25.80 27.10 33.61
N ALA Z 76 25.19 28.19 33.19
CA ALA Z 76 24.79 28.39 31.81
C ALA Z 76 25.80 29.30 31.14
N PHE Z 77 26.15 28.98 29.90
CA PHE Z 77 27.16 29.71 29.15
C PHE Z 77 26.52 30.20 27.86
N ALA Z 78 26.68 31.48 27.58
CA ALA Z 78 26.27 32.05 26.29
C ALA Z 78 27.34 33.01 25.82
N ARG Z 79 27.65 32.94 24.54
CA ARG Z 79 28.67 33.79 23.97
C ARG Z 79 28.23 34.28 22.61
N LYS Z 80 28.44 35.56 22.35
CA LYS Z 80 28.31 36.13 21.01
C LYS Z 80 29.45 37.12 20.85
N GLY Z 81 30.42 36.75 20.02
CA GLY Z 81 31.59 37.58 19.84
C GLY Z 81 32.51 37.51 21.04
N ARG Z 82 32.79 38.68 21.63
CA ARG Z 82 33.65 38.75 22.81
C ARG Z 82 32.86 38.96 24.08
N HIS Z 83 31.56 38.67 24.06
CA HIS Z 83 30.68 38.86 25.21
C HIS Z 83 30.26 37.49 25.74
N ILE Z 84 30.51 37.24 27.02
CA ILE Z 84 30.22 35.97 27.67
C ILE Z 84 29.30 36.25 28.83
N PHE Z 85 28.21 35.48 28.93
CA PHE Z 85 27.30 35.53 30.06
C PHE Z 85 27.30 34.18 30.76
N ILE Z 86 27.46 34.20 32.07
CA ILE Z 86 27.36 32.99 32.88
C ILE Z 86 26.32 33.21 33.97
N LYS Z 87 25.76 32.11 34.43
CA LYS Z 87 24.58 32.11 35.27
C LYS Z 87 24.42 30.74 35.92
N PRO Z 88 24.34 30.67 37.25
CA PRO Z 88 24.21 29.35 37.89
C PRO Z 88 22.89 28.68 37.55
N GLN Z 89 22.98 27.36 37.36
CA GLN Z 89 21.84 26.50 37.01
C GLN Z 89 21.51 25.50 38.10
N ALA Z 90 22.24 25.51 39.20
CA ALA Z 90 22.11 24.42 40.16
C ALA Z 90 22.55 24.90 41.54
N GLU Z 91 22.18 24.13 42.55
CA GLU Z 91 22.58 24.39 43.91
C GLU Z 91 24.06 24.08 44.10
N LEU Z 92 24.71 24.88 44.95
CA LEU Z 92 26.12 24.66 45.30
C LEU Z 92 27.00 24.62 44.06
N ALA Z 93 26.77 25.58 43.16
CA ALA Z 93 27.46 25.61 41.88
C ALA Z 93 28.86 26.21 42.08
N ASN Z 94 29.76 25.38 42.60
CA ASN Z 94 31.13 25.75 42.86
C ASN Z 94 32.04 24.96 41.93
N THR Z 95 32.61 25.64 40.94
CA THR Z 95 33.41 24.97 39.92
C THR Z 95 34.44 25.97 39.42
N ASN Z 96 35.04 25.67 38.26
CA ASN Z 96 35.98 26.58 37.62
C ASN Z 96 35.63 26.70 36.16
N LEU Z 97 36.07 27.80 35.55
CA LEU Z 97 35.88 28.05 34.13
C LEU Z 97 37.20 28.46 33.52
N ILE Z 98 37.53 27.88 32.38
CA ILE Z 98 38.72 28.24 31.62
C ILE Z 98 38.25 28.57 30.21
N VAL Z 99 38.56 29.78 29.75
CA VAL Z 99 38.29 30.20 28.38
C VAL Z 99 39.62 30.44 27.70
N VAL Z 100 39.85 29.76 26.59
CA VAL Z 100 41.09 29.92 25.83
C VAL Z 100 40.77 30.68 24.55
N THR Z 101 41.62 31.63 24.23
CA THR Z 101 41.46 32.46 23.05
C THR Z 101 42.73 32.39 22.21
N ASP Z 102 42.78 33.20 21.16
CA ASP Z 102 43.98 33.31 20.37
C ASP Z 102 45.15 33.84 21.18
N ARG Z 103 44.90 34.83 22.05
CA ARG Z 103 46.00 35.49 22.72
C ARG Z 103 46.26 34.97 24.13
N ARG Z 104 45.24 34.50 24.85
CA ARG Z 104 45.45 34.09 26.23
C ARG Z 104 44.39 33.08 26.62
N SER Z 105 44.50 32.60 27.87
CA SER Z 105 43.48 31.76 28.49
C SER Z 105 43.11 32.38 29.83
N TYR Z 106 41.82 32.43 30.13
CA TYR Z 106 41.31 33.02 31.35
C TYR Z 106 40.94 31.93 32.33
N LYS Z 107 41.31 32.11 33.60
CA LYS Z 107 41.02 31.15 34.65
C LYS Z 107 40.10 31.81 35.67
N PHE Z 108 38.91 31.25 35.84
CA PHE Z 108 37.91 31.75 36.76
C PHE Z 108 37.57 30.69 37.79
N ARG Z 109 37.51 31.10 39.05
CA ARG Z 109 37.04 30.22 40.11
C ARG Z 109 35.62 30.68 40.45
N LEU Z 110 34.63 29.90 40.02
CA LEU Z 110 33.23 30.25 40.19
C LEU Z 110 32.74 29.75 41.53
N GLN Z 111 32.36 30.66 42.42
CA GLN Z 111 31.94 30.31 43.77
C GLN Z 111 30.56 30.90 44.02
N MET Z 112 29.54 30.05 44.09
CA MET Z 112 28.19 30.50 44.36
C MET Z 112 28.05 31.00 45.80
N ARG Z 113 27.35 32.11 45.95
CA ARG Z 113 27.11 32.71 47.26
C ARG Z 113 25.81 32.20 47.84
N ASN Z 114 25.58 32.47 49.12
CA ASN Z 114 24.38 31.99 49.77
C ASN Z 114 23.33 33.08 49.99
N ASP Z 115 23.74 34.32 50.24
CA ASP Z 115 22.82 35.35 50.70
C ASP Z 115 22.29 36.26 49.60
N ARG Z 116 22.61 35.98 48.34
CA ARG Z 116 22.14 36.78 47.20
C ARG Z 116 22.56 38.24 47.34
N ASN Z 117 23.74 38.47 47.89
CA ASN Z 117 24.29 39.80 48.11
C ASN Z 117 25.66 39.89 47.45
N GLY Z 118 26.07 41.12 47.16
CA GLY Z 118 27.36 41.33 46.54
C GLY Z 118 27.49 40.68 45.17
N ALA Z 119 26.47 40.84 44.34
CA ALA Z 119 26.48 40.25 43.01
C ALA Z 119 27.48 40.97 42.11
N MET Z 120 27.87 40.28 41.05
CA MET Z 120 28.74 40.84 40.02
C MET Z 120 27.98 40.83 38.71
N TYR Z 121 27.78 42.02 38.13
CA TYR Z 121 27.07 42.13 36.86
C TYR Z 121 28.01 42.08 35.67
N GLU Z 122 29.11 42.82 35.70
CA GLU Z 122 30.14 42.70 34.69
C GLU Z 122 31.51 42.56 35.32
N LEU Z 123 32.37 41.80 34.65
CA LEU Z 123 33.79 41.73 34.94
C LEU Z 123 34.55 42.24 33.73
N ALA Z 124 35.37 43.26 33.94
CA ALA Z 124 36.18 43.83 32.87
C ALA Z 124 37.65 43.62 33.17
N PHE Z 125 38.42 43.29 32.15
CA PHE Z 125 39.83 43.00 32.29
C PHE Z 125 40.67 44.18 31.83
N ARG Z 126 41.69 44.50 32.61
CA ARG Z 126 42.72 45.46 32.23
C ARG Z 126 43.95 44.64 31.89
N TYR Z 127 44.45 44.77 30.66
CA TYR Z 127 45.53 43.90 30.21
C TYR Z 127 46.87 44.63 30.24
N PRO Z 128 47.75 44.31 31.18
CA PRO Z 128 49.09 44.92 31.17
C PRO Z 128 50.05 44.22 30.23
N ASP Z 129 49.70 43.04 29.72
CA ASP Z 129 50.58 42.40 28.75
C ASP Z 129 50.59 43.18 27.43
N THR Z 130 49.42 43.61 26.97
CA THR Z 130 49.38 44.49 25.80
C THR Z 130 50.04 45.82 26.11
N GLN Z 131 49.93 46.31 27.34
CA GLN Z 131 50.60 47.54 27.71
C GLN Z 131 52.11 47.38 27.65
N ALA Z 132 52.63 46.23 28.08
CA ALA Z 132 54.06 45.95 27.98
C ALA Z 132 54.48 45.81 26.52
N ARG Z 133 53.64 45.20 25.69
CA ARG Z 133 53.92 45.13 24.27
C ARG Z 133 54.01 46.53 23.66
N GLN Z 134 53.10 47.43 24.07
CA GLN Z 134 53.17 48.82 23.64
C GLN Z 134 54.44 49.50 24.15
N THR Z 135 54.85 49.20 25.37
CA THR Z 135 56.05 49.78 25.95
C THR Z 135 57.31 49.36 25.19
N LYS AA 135 7.57 24.98 47.46
CA LYS AA 135 6.17 25.25 47.72
C LYS AA 135 5.94 26.74 48.01
N THR AA 136 6.69 27.26 48.98
CA THR AA 136 6.63 28.68 49.28
C THR AA 136 7.11 29.45 48.05
N PRO AA 137 6.54 30.63 47.75
CA PRO AA 137 6.87 31.26 46.47
C PRO AA 137 8.34 31.63 46.31
N TYR AA 138 9.07 31.85 47.41
CA TYR AA 138 10.50 32.03 47.30
C TYR AA 138 11.17 30.80 46.70
N GLU AA 139 10.74 29.62 47.10
CA GLU AA 139 11.33 28.39 46.58
C GLU AA 139 11.02 28.20 45.11
N LEU AA 140 9.77 28.47 44.70
CA LEU AA 140 9.42 28.38 43.30
C LEU AA 140 10.18 29.40 42.46
N ALA AA 141 10.36 30.61 43.01
CA ALA AA 141 11.16 31.61 42.31
C ALA AA 141 12.60 31.15 42.15
N ARG AA 142 13.16 30.54 43.20
CA ARG AA 142 14.55 30.09 43.16
C ARG AA 142 14.72 28.96 42.14
N GLU AA 143 13.75 28.05 42.09
CA GLU AA 143 13.76 27.00 41.09
C GLU AA 143 13.64 27.58 39.68
N ARG AA 144 12.80 28.60 39.50
CA ARG AA 144 12.70 29.26 38.20
C ARG AA 144 14.01 29.91 37.81
N MET AA 145 14.65 30.59 38.75
CA MET AA 145 15.93 31.26 38.46
C MET AA 145 16.99 30.24 38.06
N LEU AA 146 17.06 29.12 38.76
CA LEU AA 146 18.00 28.07 38.35
C LEU AA 146 17.65 27.50 36.99
N ARG AA 147 16.36 27.34 36.70
CA ARG AA 147 15.93 26.61 35.52
C ARG AA 147 16.14 27.40 34.22
N SER AA 148 15.96 28.71 34.26
CA SER AA 148 15.87 29.50 33.04
C SER AA 148 17.22 29.71 32.38
N GLY AA 149 17.19 29.90 31.06
CA GLY AA 149 18.37 30.27 30.30
C GLY AA 149 18.63 31.76 30.31
N LEU AA 150 19.66 32.16 29.57
CA LEU AA 150 19.98 33.58 29.44
C LEU AA 150 19.03 34.30 28.50
N THR AA 151 18.55 33.62 27.47
CA THR AA 151 17.62 34.20 26.52
C THR AA 151 16.43 33.26 26.39
N ALA AA 152 15.24 33.84 26.27
CA ALA AA 152 14.04 33.03 26.06
C ALA AA 152 13.97 32.56 24.62
N GLY AA 153 13.66 31.29 24.44
CA GLY AA 153 13.58 30.71 23.11
C GLY AA 153 13.38 29.21 23.11
N LEU BA 21 24.41 52.23 41.72
CA LEU BA 21 23.00 51.95 41.48
C LEU BA 21 22.24 53.25 41.23
N ASP BA 22 21.99 53.56 39.96
CA ASP BA 22 21.38 54.83 39.61
C ASP BA 22 19.87 54.68 39.54
N VAL BA 23 19.16 55.55 40.24
CA VAL BA 23 17.69 55.57 40.25
C VAL BA 23 17.24 56.59 39.21
N PRO BA 24 16.46 56.19 38.20
CA PRO BA 24 16.02 57.15 37.19
C PRO BA 24 15.12 58.23 37.78
N SER BA 25 15.14 59.40 37.15
CA SER BA 25 14.37 60.55 37.59
C SER BA 25 13.11 60.68 36.75
N SER BA 26 12.00 61.07 37.39
CA SER BA 26 10.73 61.19 36.71
C SER BA 26 10.62 62.51 35.97
N SER BA 27 9.68 62.58 35.03
CA SER BA 27 9.36 63.83 34.38
C SER BA 27 8.43 64.66 35.26
N ARG BA 28 8.34 65.95 34.95
CA ARG BA 28 7.49 66.85 35.72
C ARG BA 28 6.01 66.64 35.45
N TYR BA 29 5.66 65.90 34.40
CA TYR BA 29 4.25 65.66 34.11
C TYR BA 29 3.75 64.39 34.79
N ASP BA 30 4.36 63.25 34.48
CA ASP BA 30 3.93 61.98 35.04
C ASP BA 30 5.14 61.24 35.58
N HIS BA 31 4.95 60.51 36.68
CA HIS BA 31 6.01 59.72 37.28
C HIS BA 31 6.32 58.45 36.50
N ARG BA 32 5.50 58.08 35.52
CA ARG BA 32 5.69 56.86 34.75
C ARG BA 32 6.71 57.03 33.63
N ILE BA 33 7.13 58.26 33.33
CA ILE BA 33 8.16 58.55 32.35
C ILE BA 33 9.42 58.94 33.10
N ARG BA 34 10.48 58.16 32.96
CA ARG BA 34 11.68 58.34 33.76
C ARG BA 34 12.91 58.45 32.88
N TYR BA 35 13.89 59.18 33.39
CA TYR BA 35 15.12 59.49 32.68
C TYR BA 35 16.31 59.10 33.54
N VAL BA 36 17.38 58.66 32.90
CA VAL BA 36 18.63 58.37 33.59
C VAL BA 36 19.78 58.69 32.64
N THR BA 37 20.88 59.17 33.21
CA THR BA 37 22.09 59.44 32.45
C THR BA 37 22.94 58.17 32.42
N TYR BA 38 23.41 57.80 31.24
CA TYR BA 38 24.15 56.56 31.09
C TYR BA 38 25.52 56.67 31.74
N ASN BA 39 25.93 55.60 32.42
CA ASN BA 39 27.24 55.52 33.04
C ASN BA 39 27.73 54.10 32.83
N PRO BA 40 28.84 53.88 32.13
CA PRO BA 40 29.30 52.51 31.91
C PRO BA 40 29.66 51.77 33.18
N ALA BA 41 29.94 52.48 34.28
CA ALA BA 41 30.38 51.87 35.52
C ALA BA 41 29.28 51.84 36.57
N ASP BA 42 28.01 51.86 36.14
CA ASP BA 42 26.91 51.86 37.10
C ASP BA 42 25.77 51.01 36.55
N VAL BA 43 24.87 50.65 37.45
CA VAL BA 43 23.70 49.84 37.13
C VAL BA 43 22.46 50.70 37.31
N VAL BA 44 21.49 50.50 36.41
CA VAL BA 44 20.26 51.27 36.40
C VAL BA 44 19.18 50.47 37.12
N GLN BA 45 18.54 51.10 38.10
CA GLN BA 45 17.47 50.48 38.88
C GLN BA 45 16.15 50.61 38.14
N VAL BA 46 15.49 49.48 37.87
CA VAL BA 46 14.22 49.46 37.16
C VAL BA 46 13.19 48.80 38.07
N ASP BA 47 12.15 49.54 38.43
CA ASP BA 47 11.05 49.02 39.24
C ASP BA 47 9.96 48.54 38.29
N THR BA 48 9.66 47.26 38.35
CA THR BA 48 8.66 46.65 37.49
C THR BA 48 7.45 46.29 38.34
N VAL BA 49 6.25 46.47 37.79
CA VAL BA 49 5.04 46.17 38.51
C VAL BA 49 4.20 45.20 37.70
N LEU BA 50 3.18 44.64 38.35
CA LEU BA 50 2.29 43.68 37.71
C LEU BA 50 1.50 44.31 36.57
N GLY BA 51 1.48 43.63 35.43
CA GLY BA 51 0.64 44.06 34.33
C GLY BA 51 1.06 45.33 33.63
N VAL BA 52 2.32 45.74 33.78
CA VAL BA 52 2.82 46.94 33.13
C VAL BA 52 4.05 46.59 32.30
N ALA BA 53 4.02 47.04 31.04
CA ALA BA 53 5.15 46.91 30.13
C ALA BA 53 5.99 48.16 30.23
N THR BA 54 7.30 48.00 30.28
CA THR BA 54 8.23 49.11 30.31
C THR BA 54 8.92 49.22 28.97
N HIS BA 55 8.95 50.42 28.41
CA HIS BA 55 9.59 50.70 27.14
C HIS BA 55 10.96 51.30 27.41
N ILE BA 56 12.02 50.54 27.12
CA ILE BA 56 13.38 51.07 27.15
C ILE BA 56 13.78 51.30 25.70
N MET BA 57 14.26 52.49 25.40
CA MET BA 57 14.66 52.85 24.04
C MET BA 57 16.16 53.10 24.01
N LEU BA 58 16.84 52.46 23.08
CA LEU BA 58 18.28 52.61 22.91
C LEU BA 58 18.59 53.90 22.17
N GLU BA 59 19.88 54.20 22.05
CA GLU BA 59 20.32 55.37 21.30
C GLU BA 59 20.14 55.14 19.81
N GLU BA 60 19.86 56.23 19.09
CA GLU BA 60 19.68 56.14 17.65
C GLU BA 60 20.94 55.63 16.97
N GLY BA 61 20.77 54.71 16.03
CA GLY BA 61 21.91 54.13 15.33
C GLY BA 61 22.64 53.05 16.08
N GLU BA 62 22.16 52.67 17.26
CA GLU BA 62 22.78 51.65 18.08
C GLU BA 62 22.23 50.29 17.70
N GLN BA 63 23.12 49.31 17.54
CA GLN BA 63 22.73 48.00 17.06
C GLN BA 63 22.73 47.01 18.22
N TYR BA 64 21.60 46.34 18.42
CA TYR BA 64 21.48 45.27 19.39
C TYR BA 64 22.38 44.11 19.00
N LEU BA 65 23.12 43.58 19.99
CA LEU BA 65 23.88 42.35 19.78
C LEU BA 65 23.29 41.18 20.54
N THR BA 66 23.16 41.31 21.85
CA THR BA 66 22.71 40.22 22.69
C THR BA 66 22.16 40.83 23.96
N HIS BA 67 21.29 40.07 24.63
CA HIS BA 67 20.88 40.38 25.98
C HIS BA 67 20.97 39.11 26.81
N ALA BA 68 20.92 39.28 28.13
CA ALA BA 68 20.92 38.14 29.03
C ALA BA 68 20.08 38.50 30.24
N PHE BA 69 19.16 37.63 30.61
CA PHE BA 69 18.45 37.75 31.88
C PHE BA 69 19.10 36.86 32.91
N GLY BA 70 19.16 37.35 34.14
CA GLY BA 70 19.52 36.48 35.24
C GLY BA 70 18.46 35.43 35.50
N ASP BA 71 17.24 35.68 35.03
CA ASP BA 71 16.14 34.72 35.08
C ASP BA 71 15.21 35.02 33.91
N SER BA 72 15.28 34.20 32.86
CA SER BA 72 14.54 34.48 31.65
C SER BA 72 13.04 34.32 31.83
N GLU BA 73 12.58 33.36 32.62
CA GLU BA 73 11.16 33.12 32.79
C GLU BA 73 10.48 34.15 33.69
N ALA BA 74 11.25 35.01 34.35
CA ALA BA 74 10.65 36.04 35.18
C ALA BA 74 10.10 37.20 34.35
N TYR BA 75 10.68 37.46 33.19
CA TYR BA 75 10.32 38.61 32.38
C TYR BA 75 10.11 38.20 30.92
N ALA BA 76 9.28 38.96 30.23
CA ALA BA 76 9.12 38.83 28.79
C ALA BA 76 9.93 39.92 28.10
N PHE BA 77 10.58 39.56 27.01
CA PHE BA 77 11.44 40.44 26.27
C PHE BA 77 10.94 40.53 24.84
N ALA BA 78 10.78 41.75 24.33
CA ALA BA 78 10.46 41.95 22.92
C ALA BA 78 11.27 43.14 22.42
N ARG BA 79 11.82 42.99 21.23
CA ARG BA 79 12.64 44.04 20.65
C ARG BA 79 12.33 44.15 19.17
N LYS BA 80 12.21 45.39 18.70
CA LYS BA 80 12.16 45.68 17.27
C LYS BA 80 12.97 46.96 17.09
N GLY BA 81 14.14 46.81 16.48
CA GLY BA 81 15.03 47.94 16.29
C GLY BA 81 15.69 48.34 17.60
N ARG BA 82 15.50 49.59 17.99
CA ARG BA 82 16.07 50.10 19.23
C ARG BA 82 15.02 50.22 20.33
N HIS BA 83 13.90 49.53 20.19
CA HIS BA 83 12.81 49.59 21.16
C HIS BA 83 12.71 48.25 21.87
N ILE BA 84 12.79 48.29 23.20
CA ILE BA 84 12.76 47.09 24.03
C ILE BA 84 11.59 47.22 24.99
N PHE BA 85 10.78 46.16 25.08
CA PHE BA 85 9.70 46.08 26.06
C PHE BA 85 9.97 44.92 27.00
N ILE BA 86 9.87 45.16 28.29
CA ILE BA 86 9.99 44.12 29.30
C ILE BA 86 8.74 44.14 30.17
N LYS BA 87 8.45 42.99 30.76
CA LYS BA 87 7.18 42.74 31.42
C LYS BA 87 7.32 41.50 32.29
N PRO BA 88 7.02 41.60 33.58
CA PRO BA 88 7.16 40.42 34.45
C PRO BA 88 6.19 39.30 34.07
N GLN BA 89 6.68 38.07 34.14
CA GLN BA 89 5.94 36.86 33.82
C GLN BA 89 5.72 35.96 35.02
N ALA BA 90 6.20 36.36 36.19
CA ALA BA 90 6.20 35.44 37.32
C ALA BA 90 6.22 36.22 38.62
N GLU BA 91 5.91 35.51 39.70
CA GLU BA 91 5.96 36.09 41.03
C GLU BA 91 7.41 36.29 41.47
N LEU BA 92 7.63 37.37 42.23
CA LEU BA 92 8.94 37.66 42.81
C LEU BA 92 10.01 37.74 41.73
N ALA BA 93 9.69 38.43 40.64
CA ALA BA 93 10.56 38.51 39.48
C ALA BA 93 11.65 39.54 39.74
N ASN BA 94 12.65 39.11 40.52
CA ASN BA 94 13.78 39.95 40.89
C ASN BA 94 15.03 39.37 40.27
N THR BA 95 15.55 40.04 39.25
CA THR BA 95 16.69 39.54 38.49
C THR BA 95 17.46 40.73 37.94
N ASN BA 96 18.32 40.48 36.95
CA ASN BA 96 19.05 41.54 36.28
C ASN BA 96 18.96 41.33 34.79
N LEU BA 97 19.17 42.41 34.05
CA LEU BA 97 19.17 42.40 32.59
C LEU BA 97 20.40 43.12 32.09
N ILE BA 98 21.11 42.51 31.14
CA ILE BA 98 22.26 43.13 30.49
C ILE BA 98 21.98 43.09 29.00
N VAL BA 99 22.00 44.26 28.36
CA VAL BA 99 21.88 44.37 26.91
C VAL BA 99 23.19 44.92 26.38
N VAL BA 100 23.81 44.21 25.46
CA VAL BA 100 25.06 44.64 24.86
C VAL BA 100 24.78 45.07 23.42
N THR BA 101 25.36 46.20 23.04
CA THR BA 101 25.19 46.76 21.72
C THR BA 101 26.55 46.97 21.09
N ASP BA 102 26.55 47.61 19.91
CA ASP BA 102 27.81 47.98 19.28
C ASP BA 102 28.59 48.96 20.12
N ARG BA 103 27.91 49.93 20.74
CA ARG BA 103 28.62 50.99 21.42
C ARG BA 103 28.75 50.80 22.92
N ARG BA 104 27.80 50.13 23.57
CA ARG BA 104 27.86 50.01 25.02
C ARG BA 104 27.09 48.78 25.47
N SER BA 105 27.10 48.53 26.77
CA SER BA 105 26.27 47.51 27.40
C SER BA 105 25.50 48.16 28.54
N TYR BA 106 24.22 47.84 28.64
CA TYR BA 106 23.34 48.40 29.67
C TYR BA 106 23.13 47.40 30.78
N LYS BA 107 23.18 47.87 32.02
CA LYS BA 107 23.00 47.02 33.19
C LYS BA 107 21.76 47.49 33.93
N PHE BA 108 20.78 46.60 34.04
CA PHE BA 108 19.51 46.88 34.71
C PHE BA 108 19.32 45.93 35.87
N ARG BA 109 18.90 46.47 37.01
CA ARG BA 109 18.52 45.65 38.15
C ARG BA 109 16.99 45.66 38.19
N LEU BA 110 16.38 44.55 37.79
CA LEU BA 110 14.93 44.47 37.70
C LEU BA 110 14.36 44.02 39.04
N GLN BA 111 13.57 44.88 39.68
CA GLN BA 111 13.03 44.61 41.01
C GLN BA 111 11.52 44.76 40.95
N MET BA 112 10.80 43.64 41.05
CA MET BA 112 9.35 43.67 41.05
C MET BA 112 8.81 44.30 42.32
N ARG BA 113 7.79 45.14 42.17
CA ARG BA 113 7.16 45.81 43.29
C ARG BA 113 5.97 44.99 43.78
N ASN BA 114 5.44 45.35 44.95
CA ASN BA 114 4.33 44.61 45.52
C ASN BA 114 2.99 45.32 45.38
N ASP BA 115 2.96 46.65 45.44
CA ASP BA 115 1.71 47.38 45.57
C ASP BA 115 1.16 47.91 44.25
N ARG BA 116 1.77 47.58 43.12
CA ARG BA 116 1.31 48.01 41.80
C ARG BA 116 1.25 49.53 41.71
N ASN BA 117 2.20 50.21 42.35
CA ASN BA 117 2.27 51.65 42.39
C ASN BA 117 3.65 52.09 41.92
N GLY BA 118 3.73 53.33 41.45
CA GLY BA 118 5.00 53.86 40.97
C GLY BA 118 5.56 53.10 39.79
N ALA BA 119 4.72 52.79 38.82
CA ALA BA 119 5.14 52.06 37.63
C ALA BA 119 6.04 52.94 36.76
N MET BA 120 6.80 52.27 35.90
CA MET BA 120 7.65 52.91 34.91
C MET BA 120 7.18 52.49 33.54
N TYR BA 121 6.75 53.45 32.73
CA TYR BA 121 6.29 53.14 31.37
C TYR BA 121 7.41 53.23 30.34
N GLU BA 122 8.21 54.29 30.39
CA GLU BA 122 9.41 54.35 29.55
C GLU BA 122 10.61 54.75 30.39
N LEU BA 123 11.76 54.22 29.98
CA LEU BA 123 13.06 54.65 30.47
C LEU BA 123 13.86 55.21 29.31
N ALA BA 124 14.30 56.45 29.42
CA ALA BA 124 15.08 57.09 28.38
C ALA BA 124 16.46 57.41 28.92
N PHE BA 125 17.47 57.21 28.08
CA PHE BA 125 18.86 57.41 28.47
C PHE BA 125 19.39 58.72 27.89
N ARG BA 126 20.11 59.45 28.73
CA ARG BA 126 20.85 60.63 28.32
C ARG BA 126 22.32 60.20 28.30
N TYR BA 127 22.97 60.32 27.16
CA TYR BA 127 24.32 59.78 27.01
C TYR BA 127 25.35 60.90 27.09
N PRO BA 128 26.12 61.01 28.18
CA PRO BA 128 27.18 62.01 28.24
C PRO BA 128 28.46 61.54 27.59
N ASP BA 129 28.58 60.24 27.27
CA ASP BA 129 29.78 59.79 26.56
C ASP BA 129 29.79 60.34 25.13
N THR BA 130 28.66 60.30 24.44
CA THR BA 130 28.58 60.94 23.14
C THR BA 130 28.75 62.45 23.26
N GLN BA 131 28.28 63.03 24.36
CA GLN BA 131 28.48 64.47 24.58
C GLN BA 131 29.95 64.80 24.74
N ALA BA 132 30.69 63.94 25.46
CA ALA BA 132 32.13 64.13 25.60
C ALA BA 132 32.84 63.93 24.26
N ARG BA 133 32.39 62.96 23.47
CA ARG BA 133 32.94 62.79 22.12
C ARG BA 133 32.72 64.05 21.28
N GLN BA 134 31.53 64.65 21.39
CA GLN BA 134 31.26 65.90 20.71
C GLN BA 134 32.16 67.03 21.24
N THR BA 135 32.41 67.05 22.55
CA THR BA 135 33.26 68.07 23.15
C THR BA 135 34.70 67.96 22.67
N LYS CA 135 -9.16 32.54 42.41
CA LYS CA 135 -10.62 32.45 42.43
C LYS CA 135 -11.25 33.84 42.46
N THR CA 136 -10.84 34.66 43.42
CA THR CA 136 -11.32 36.03 43.47
C THR CA 136 -10.82 36.76 42.22
N PRO CA 137 -11.61 37.68 41.65
CA PRO CA 137 -11.23 38.23 40.34
C PRO CA 137 -9.91 38.97 40.34
N TYR CA 138 -9.46 39.50 41.48
CA TYR CA 138 -8.12 40.07 41.54
C TYR CA 138 -7.07 39.01 41.25
N GLU CA 139 -7.25 37.81 41.78
CA GLU CA 139 -6.28 36.73 41.54
C GLU CA 139 -6.28 36.29 40.09
N LEU CA 140 -7.46 36.17 39.47
CA LEU CA 140 -7.52 35.81 38.06
C LEU CA 140 -6.90 36.91 37.19
N ALA CA 141 -7.13 38.16 37.56
CA ALA CA 141 -6.50 39.26 36.84
C ALA CA 141 -4.99 39.20 36.95
N ARG CA 142 -4.49 38.89 38.15
CA ARG CA 142 -3.05 38.84 38.37
C ARG CA 142 -2.43 37.69 37.58
N GLU CA 143 -3.11 36.54 37.55
CA GLU CA 143 -2.65 35.43 36.73
C GLU CA 143 -2.66 35.79 35.25
N ARG CA 144 -3.69 36.50 34.79
CA ARG CA 144 -3.73 36.96 33.41
C ARG CA 144 -2.58 37.90 33.10
N MET CA 145 -2.29 38.83 34.00
CA MET CA 145 -1.20 39.77 33.79
C MET CA 145 0.14 39.07 33.72
N LEU CA 146 0.37 38.09 34.59
CA LEU CA 146 1.60 37.30 34.48
C LEU CA 146 1.64 36.50 33.19
N ARG CA 147 0.50 35.95 32.75
CA ARG CA 147 0.50 35.00 31.65
C ARG CA 147 0.73 35.66 30.30
N SER CA 148 0.21 36.87 30.10
CA SER CA 148 0.14 37.45 28.77
C SER CA 148 1.51 37.95 28.28
N GLY CA 149 1.66 37.97 26.96
CA GLY CA 149 2.82 38.55 26.32
C GLY CA 149 2.69 40.06 26.13
N LEU CA 150 3.70 40.64 25.48
CA LEU CA 150 3.67 42.06 25.17
C LEU CA 150 2.75 42.38 24.00
N THR CA 151 2.65 41.48 23.04
CA THR CA 151 1.78 41.67 21.89
C THR CA 151 0.92 40.43 21.74
N ALA CA 152 -0.34 40.63 21.37
CA ALA CA 152 -1.25 39.52 21.13
C ALA CA 152 -0.93 38.88 19.79
N GLY CA 153 -0.88 37.56 19.76
CA GLY CA 153 -0.58 36.83 18.54
C GLY CA 153 -0.39 35.34 18.76
N LEU DA 21 -0.15 62.56 33.90
CA LEU DA 21 -1.34 61.82 33.53
C LEU DA 21 -2.40 62.75 32.95
N ASP DA 22 -2.49 62.79 31.63
CA ASP DA 22 -3.37 63.74 30.97
C ASP DA 22 -4.73 63.09 30.72
N VAL DA 23 -5.79 63.78 31.16
CA VAL DA 23 -7.17 63.33 30.96
C VAL DA 23 -7.70 63.99 29.70
N PRO DA 24 -8.13 63.24 28.69
CA PRO DA 24 -8.64 63.85 27.47
C PRO DA 24 -9.91 64.65 27.72
N SER DA 25 -10.12 65.66 26.89
CA SER DA 25 -11.27 66.55 27.00
C SER DA 25 -12.34 66.16 25.99
N SER DA 26 -13.59 66.26 26.40
CA SER DA 26 -14.70 65.86 25.55
C SER DA 26 -15.06 66.97 24.57
N SER DA 27 -15.79 66.59 23.53
CA SER DA 27 -16.34 67.58 22.61
C SER DA 27 -17.62 68.18 23.18
N ARG DA 28 -18.03 69.32 22.63
CA ARG DA 28 -19.22 69.99 23.09
C ARG DA 28 -20.51 69.29 22.68
N TYR DA 29 -20.43 68.33 21.76
CA TYR DA 29 -21.63 67.61 21.33
C TYR DA 29 -21.85 66.36 22.16
N ASP DA 30 -20.88 65.44 22.16
CA ASP DA 30 -21.01 64.20 22.90
C ASP DA 30 -19.75 63.96 23.71
N HIS DA 31 -19.93 63.36 24.89
CA HIS DA 31 -18.80 63.05 25.76
C HIS DA 31 -18.00 61.85 25.29
N ARG DA 32 -18.48 61.11 24.29
CA ARG DA 32 -17.80 59.93 23.79
C ARG DA 32 -16.68 60.25 22.81
N ILE DA 33 -16.60 61.50 22.35
CA ILE DA 33 -15.54 61.96 21.47
C ILE DA 33 -14.62 62.84 22.29
N ARG DA 34 -13.37 62.42 22.44
CA ARG DA 34 -12.44 63.09 23.34
C ARG DA 34 -11.15 63.46 22.63
N TYR DA 35 -10.54 64.54 23.11
CA TYR DA 35 -9.34 65.13 22.52
C TYR DA 35 -8.27 65.27 23.59
N VAL DA 36 -7.02 65.10 23.19
CA VAL DA 36 -5.89 65.32 24.08
C VAL DA 36 -4.74 65.87 23.25
N THR DA 37 -3.96 66.75 23.84
CA THR DA 37 -2.75 67.29 23.22
C THR DA 37 -1.59 66.37 23.54
N TYR DA 38 -0.81 66.02 22.52
CA TYR DA 38 0.27 65.06 22.72
C TYR DA 38 1.41 65.69 23.50
N ASN DA 39 1.98 64.92 24.42
CA ASN DA 39 3.12 65.37 25.21
C ASN DA 39 4.03 64.15 25.34
N PRO DA 40 5.27 64.20 24.85
CA PRO DA 40 6.15 63.04 24.94
C PRO DA 40 6.47 62.64 26.37
N ALA DA 41 6.32 63.54 27.34
CA ALA DA 41 6.69 63.28 28.72
C ALA DA 41 5.47 63.05 29.61
N ASP DA 42 4.36 62.60 29.02
CA ASP DA 42 3.15 62.38 29.80
C ASP DA 42 2.43 61.15 29.28
N VAL DA 43 1.52 60.63 30.11
CA VAL DA 43 0.73 59.46 29.79
C VAL DA 43 -0.73 59.88 29.65
N VAL DA 44 -1.42 59.27 28.69
CA VAL DA 44 -2.80 59.59 28.36
C VAL DA 44 -3.70 58.59 29.07
N GLN DA 45 -4.67 59.12 29.82
CA GLN DA 45 -5.62 58.30 30.56
C GLN DA 45 -6.77 57.89 29.64
N VAL DA 46 -7.00 56.59 29.51
CA VAL DA 46 -8.06 56.06 28.67
C VAL DA 46 -8.99 55.23 29.54
N ASP DA 47 -10.25 55.65 29.60
CA ASP DA 47 -11.28 54.92 30.35
C ASP DA 47 -11.99 53.99 29.38
N THR DA 48 -11.90 52.70 29.63
CA THR DA 48 -12.51 51.68 28.78
C THR DA 48 -13.69 51.07 29.52
N VAL DA 49 -14.77 50.79 28.80
CA VAL DA 49 -15.95 50.22 29.40
C VAL DA 49 -16.30 48.92 28.68
N LEU DA 50 -17.21 48.15 29.27
CA LEU DA 50 -17.65 46.89 28.73
C LEU DA 50 -18.37 47.07 27.39
N GLY DA 51 -17.99 46.27 26.40
CA GLY DA 51 -18.69 46.25 25.15
C GLY DA 51 -18.53 47.47 24.28
N VAL DA 52 -17.51 48.29 24.51
CA VAL DA 52 -17.26 49.48 23.72
C VAL DA 52 -15.86 49.43 23.14
N ALA DA 53 -15.79 49.66 21.83
CA ALA DA 53 -14.54 49.78 21.11
C ALA DA 53 -14.13 51.24 21.08
N THR DA 54 -12.85 51.51 21.33
CA THR DA 54 -12.33 52.86 21.27
C THR DA 54 -11.46 53.00 20.03
N HIS DA 55 -11.69 54.06 19.27
CA HIS DA 55 -10.93 54.34 18.06
C HIS DA 55 -9.87 55.39 18.40
N ILE DA 56 -8.60 54.98 18.40
CA ILE DA 56 -7.49 55.91 18.50
C ILE DA 56 -6.91 56.06 17.10
N MET DA 57 -6.76 57.30 16.65
CA MET DA 57 -6.25 57.57 15.31
C MET DA 57 -4.90 58.28 15.43
N LEU DA 58 -3.91 57.76 14.74
CA LEU DA 58 -2.56 58.35 14.73
C LEU DA 58 -2.52 59.55 13.80
N GLU DA 59 -1.38 60.23 13.79
CA GLU DA 59 -1.18 61.36 12.91
C GLU DA 59 -1.01 60.88 11.48
N GLU DA 60 -1.45 61.71 10.53
CA GLU DA 60 -1.34 61.36 9.12
C GLU DA 60 0.12 61.21 8.72
N GLY DA 61 0.42 60.16 7.96
CA GLY DA 61 1.77 59.89 7.54
C GLY DA 61 2.63 59.21 8.57
N GLU DA 62 2.09 58.87 9.72
CA GLU DA 62 2.82 58.22 10.80
C GLU DA 62 2.78 56.72 10.60
N GLN DA 63 3.93 56.07 10.76
CA GLN DA 63 4.04 54.65 10.50
C GLN DA 63 4.12 53.88 11.80
N TYR DA 64 3.22 52.92 11.97
CA TYR DA 64 3.24 52.01 13.09
C TYR DA 64 4.50 51.16 13.07
N LEU DA 65 5.17 51.04 14.21
CA LEU DA 65 6.29 50.10 14.34
C LEU DA 65 5.92 48.92 15.22
N THR DA 66 5.54 49.19 16.47
CA THR DA 66 5.28 48.13 17.43
C THR DA 66 4.34 48.70 18.48
N HIS DA 67 3.64 47.80 19.16
CA HIS DA 67 2.90 48.15 20.37
C HIS DA 67 3.22 47.10 21.43
N ALA DA 68 2.88 47.43 22.66
CA ALA DA 68 3.04 46.48 23.76
C ALA DA 68 1.93 46.72 24.76
N PHE DA 69 1.26 45.66 25.17
CA PHE DA 69 0.33 45.72 26.27
C PHE DA 69 1.01 45.23 27.54
N GLY DA 70 0.69 45.89 28.65
CA GLY DA 70 1.09 45.34 29.94
C GLY DA 70 0.36 44.05 30.24
N ASP DA 71 -0.78 43.83 29.58
CA ASP DA 71 -1.54 42.58 29.67
C ASP DA 71 -2.28 42.40 28.35
N SER DA 72 -1.77 41.51 27.50
CA SER DA 72 -2.33 41.35 26.16
C SER DA 72 -3.73 40.77 26.16
N GLU DA 73 -4.02 39.82 27.06
CA GLU DA 73 -5.31 39.17 27.09
C GLU DA 73 -6.42 40.03 27.67
N ALA DA 74 -6.07 41.18 28.26
CA ALA DA 74 -7.09 42.06 28.79
C ALA DA 74 -7.79 42.86 27.69
N TYR DA 75 -7.12 43.13 26.58
CA TYR DA 75 -7.65 43.98 25.53
C TYR DA 75 -7.46 43.33 24.18
N ALA DA 76 -8.32 43.69 23.24
CA ALA DA 76 -8.18 43.31 21.85
C ALA DA 76 -7.62 44.49 21.08
N PHE DA 77 -6.70 44.20 20.17
CA PHE DA 77 -6.00 45.22 19.39
C PHE DA 77 -6.25 44.94 17.92
N ALA DA 78 -6.67 45.95 17.17
CA ALA DA 78 -6.76 45.85 15.73
C ALA DA 78 -6.27 47.15 15.11
N ARG DA 79 -5.49 47.03 14.06
CA ARG DA 79 -4.92 48.20 13.41
C ARG DA 79 -4.97 48.00 11.90
N LYS DA 80 -5.36 49.05 11.20
CA LYS DA 80 -5.24 49.11 9.74
C LYS DA 80 -4.81 50.53 9.43
N GLY DA 81 -3.56 50.69 9.02
CA GLY DA 81 -3.02 52.00 8.74
C GLY DA 81 -2.77 52.77 10.02
N ARG DA 82 -3.38 53.95 10.14
CA ARG DA 82 -3.24 54.78 11.32
C ARG DA 82 -4.45 54.71 12.24
N HIS DA 83 -5.28 53.68 12.09
CA HIS DA 83 -6.48 53.52 12.87
C HIS DA 83 -6.32 52.34 13.81
N ILE DA 84 -6.50 52.58 15.10
CA ILE DA 84 -6.32 51.56 16.13
C ILE DA 84 -7.64 51.43 16.88
N PHE DA 85 -8.09 50.20 17.08
CA PHE DA 85 -9.26 49.91 17.89
C PHE DA 85 -8.85 49.03 19.06
N ILE DA 86 -9.25 49.41 20.27
CA ILE DA 86 -9.01 48.61 21.46
C ILE DA 86 -10.36 48.35 22.14
N LYS DA 87 -10.39 47.26 22.89
CA LYS DA 87 -11.63 46.71 23.42
C LYS DA 87 -11.30 45.71 24.51
N PRO DA 88 -11.84 45.88 25.72
CA PRO DA 88 -11.52 44.95 26.80
C PRO DA 88 -12.03 43.54 26.51
N GLN DA 89 -11.22 42.55 26.89
CA GLN DA 89 -11.50 41.12 26.70
C GLN DA 89 -11.66 40.38 28.01
N ALA DA 90 -11.55 41.08 29.14
CA ALA DA 90 -11.47 40.37 30.41
C ALA DA 90 -11.93 41.29 31.53
N GLU DA 91 -12.20 40.68 32.67
CA GLU DA 91 -12.58 41.42 33.87
C GLU DA 91 -11.36 42.13 34.45
N LEU DA 92 -11.61 43.31 35.01
CA LEU DA 92 -10.57 44.09 35.69
C LEU DA 92 -9.39 44.37 34.76
N ALA DA 93 -9.70 44.75 33.53
CA ALA DA 93 -8.69 44.95 32.50
C ALA DA 93 -8.02 46.30 32.70
N ASN DA 94 -7.10 46.33 33.68
CA ASN DA 94 -6.36 47.53 34.02
C ASN DA 94 -4.90 47.30 33.69
N THR DA 95 -4.42 47.96 32.64
CA THR DA 95 -3.07 47.74 32.14
C THR DA 95 -2.59 49.03 31.49
N ASN DA 96 -1.53 48.94 30.69
CA ASN DA 96 -1.03 50.08 29.93
C ASN DA 96 -0.78 49.64 28.50
N LEU DA 97 -0.77 50.62 27.61
CA LEU DA 97 -0.50 50.40 26.19
C LEU DA 97 0.53 51.41 25.73
N ILE DA 98 1.55 50.94 25.01
CA ILE DA 98 2.58 51.79 24.42
C ILE DA 98 2.59 51.45 22.93
N VAL DA 99 2.38 52.47 22.09
CA VAL DA 99 2.50 52.34 20.65
C VAL DA 99 3.66 53.21 20.19
N VAL DA 100 4.63 52.61 19.52
CA VAL DA 100 5.79 53.33 19.01
C VAL DA 100 5.66 53.45 17.50
N THR DA 101 5.94 54.63 16.99
CA THR DA 101 5.85 54.92 15.57
C THR DA 101 7.19 55.47 15.09
N ASP DA 102 7.22 55.90 13.83
CA ASP DA 102 8.40 56.57 13.31
C ASP DA 102 8.69 57.86 14.05
N ARG DA 103 7.65 58.63 14.38
CA ARG DA 103 7.87 59.95 14.93
C ARG DA 103 7.79 60.02 16.45
N ARG DA 104 6.97 59.18 17.09
CA ARG DA 104 6.79 59.28 18.53
C ARG DA 104 6.35 57.94 19.08
N SER DA 105 6.20 57.90 20.41
CA SER DA 105 5.60 56.77 21.11
C SER DA 105 4.48 57.28 21.99
N TYR DA 106 3.35 56.58 21.98
CA TYR DA 106 2.18 56.96 22.75
C TYR DA 106 2.08 56.11 24.00
N LYS DA 107 1.75 56.74 25.12
CA LYS DA 107 1.62 56.05 26.40
C LYS DA 107 0.18 56.18 26.87
N PHE DA 108 -0.50 55.06 27.02
CA PHE DA 108 -1.88 55.01 27.45
C PHE DA 108 -2.01 54.20 28.73
N ARG DA 109 -2.76 54.74 29.69
CA ARG DA 109 -3.08 54.00 30.90
C ARG DA 109 -4.53 53.54 30.74
N LEU DA 110 -4.70 52.25 30.48
CA LEU DA 110 -6.02 51.69 30.22
C LEU DA 110 -6.67 51.27 31.53
N GLN DA 111 -7.78 51.91 31.89
CA GLN DA 111 -8.45 51.66 33.16
C GLN DA 111 -9.91 51.32 32.87
N MET DA 112 -10.26 50.05 33.09
CA MET DA 112 -11.63 49.61 32.89
C MET DA 112 -12.55 50.20 33.95
N ARG DA 113 -13.72 50.64 33.52
CA ARG DA 113 -14.73 51.21 34.39
C ARG DA 113 -15.68 50.13 34.87
N ASN DA 114 -16.50 50.47 35.86
CA ASN DA 114 -17.44 49.49 36.41
C ASN DA 114 -18.88 49.71 35.97
N ASP DA 115 -19.31 50.95 35.77
CA ASP DA 115 -20.73 51.26 35.59
C ASP DA 115 -21.15 51.39 34.14
N ARG DA 116 -20.26 51.11 33.19
CA ARG DA 116 -20.58 51.20 31.76
C ARG DA 116 -21.08 52.59 31.37
N ASN DA 117 -20.51 53.61 32.00
CA ASN DA 117 -20.87 55.00 31.77
C ASN DA 117 -19.62 55.79 31.41
N GLY DA 118 -19.82 56.91 30.73
CA GLY DA 118 -18.70 57.74 30.34
C GLY DA 118 -17.73 57.05 29.40
N ALA DA 119 -18.26 56.36 28.39
CA ALA DA 119 -17.43 55.65 27.44
C ALA DA 119 -16.68 56.62 26.54
N MET DA 120 -15.61 56.14 25.93
CA MET DA 120 -14.83 56.87 24.96
C MET DA 120 -14.90 56.13 23.64
N TYR DA 121 -15.43 56.78 22.61
CA TYR DA 121 -15.52 56.16 21.30
C TYR DA 121 -14.31 56.46 20.42
N GLU DA 122 -13.87 57.72 20.37
CA GLU DA 122 -12.62 58.05 19.70
C GLU DA 122 -11.76 58.92 20.60
N LEU DA 123 -10.45 58.74 20.46
CA LEU DA 123 -9.45 59.63 21.03
C LEU DA 123 -8.66 60.24 19.88
N ALA DA 124 -8.64 61.57 19.81
CA ALA DA 124 -7.89 62.27 18.78
C ALA DA 124 -6.79 63.09 19.42
N PHE DA 125 -5.63 63.10 18.78
CA PHE DA 125 -4.46 63.79 19.29
C PHE DA 125 -4.24 65.12 18.57
N ARG DA 126 -3.95 66.15 19.33
CA ARG DA 126 -3.50 67.44 18.81
C ARG DA 126 -2.01 67.51 19.07
N TYR DA 127 -1.22 67.66 18.02
CA TYR DA 127 0.22 67.58 18.16
C TYR DA 127 0.86 68.96 18.15
N PRO DA 128 1.33 69.46 19.30
CA PRO DA 128 2.03 70.75 19.30
C PRO DA 128 3.50 70.63 18.93
N ASP DA 129 4.04 69.42 18.88
CA ASP DA 129 5.43 69.27 18.43
C ASP DA 129 5.55 69.59 16.94
N THR DA 130 4.62 69.10 16.12
CA THR DA 130 4.59 69.49 14.72
C THR DA 130 4.29 70.98 14.58
N GLN DA 131 3.47 71.53 15.48
CA GLN DA 131 3.20 72.96 15.44
C GLN DA 131 4.46 73.76 15.75
N ALA DA 132 5.27 73.30 16.69
CA ALA DA 132 6.54 73.95 16.98
C ALA DA 132 7.51 73.82 15.81
N ARG DA 133 7.51 72.65 15.16
CA ARG DA 133 8.32 72.49 13.96
C ARG DA 133 7.90 73.47 12.88
N GLN DA 134 6.59 73.67 12.71
CA GLN DA 134 6.10 74.68 11.78
C GLN DA 134 6.51 76.08 12.19
N THR DA 135 6.50 76.36 13.49
CA THR DA 135 6.88 77.67 14.01
C THR DA 135 8.35 77.97 13.74
N LYS EA 135 -25.60 32.96 34.34
CA LYS EA 135 -26.90 32.30 34.21
C LYS EA 135 -27.98 33.30 33.83
N THR EA 136 -28.11 34.36 34.62
CA THR EA 136 -29.05 35.42 34.30
C THR EA 136 -28.62 36.07 32.97
N PRO EA 137 -29.56 36.49 32.13
CA PRO EA 137 -29.15 36.92 30.79
C PRO EA 137 -28.21 38.12 30.77
N TYR EA 138 -28.24 38.96 31.80
CA TYR EA 138 -27.23 40.02 31.89
C TYR EA 138 -25.83 39.44 31.98
N GLU EA 139 -25.67 38.36 32.76
CA GLU EA 139 -24.35 37.75 32.89
C GLU EA 139 -23.89 37.11 31.59
N LEU EA 140 -24.79 36.43 30.88
CA LEU EA 140 -24.42 35.85 29.60
C LEU EA 140 -24.09 36.94 28.58
N ALA EA 141 -24.83 38.04 28.61
CA ALA EA 141 -24.51 39.17 27.74
C ALA EA 141 -23.13 39.73 28.06
N ARG EA 142 -22.81 39.86 29.35
CA ARG EA 142 -21.53 40.43 29.75
C ARG EA 142 -20.39 39.50 29.33
N GLU EA 143 -20.57 38.19 29.48
CA GLU EA 143 -19.59 37.24 29.00
C GLU EA 143 -19.43 37.32 27.49
N ARG EA 144 -20.53 37.48 26.76
CA ARG EA 144 -20.45 37.64 25.31
C ARG EA 144 -19.68 38.90 24.94
N MET EA 145 -19.95 40.01 25.63
CA MET EA 145 -19.27 41.26 25.34
C MET EA 145 -17.77 41.14 25.60
N LEU EA 146 -17.38 40.49 26.69
CA LEU EA 146 -15.96 40.25 26.93
C LEU EA 146 -15.36 39.35 25.87
N ARG EA 147 -16.11 38.32 25.44
CA ARG EA 147 -15.54 37.28 24.60
C ARG EA 147 -15.30 37.75 23.16
N SER EA 148 -16.17 38.60 22.63
CA SER EA 148 -16.16 38.88 21.19
C SER EA 148 -15.01 39.79 20.78
N GLY EA 149 -14.61 39.65 19.52
CA GLY EA 149 -13.64 40.54 18.91
C GLY EA 149 -14.27 41.81 18.37
N LEU EA 150 -13.43 42.64 17.73
CA LEU EA 150 -13.91 43.86 17.11
C LEU EA 150 -14.63 43.58 15.79
N THR EA 151 -14.19 42.57 15.05
CA THR EA 151 -14.81 42.21 13.79
C THR EA 151 -15.11 40.71 13.83
N ALA EA 152 -16.26 40.34 13.27
CA ALA EA 152 -16.62 38.93 13.18
C ALA EA 152 -15.83 38.26 12.06
N GLY EA 153 -15.29 37.08 12.36
CA GLY EA 153 -14.51 36.35 11.39
C GLY EA 153 -13.84 35.12 11.96
N LEU FA 21 -24.93 63.35 21.10
CA LEU FA 21 -25.76 62.22 20.72
C LEU FA 21 -26.91 62.67 19.84
N ASP FA 22 -26.75 62.50 18.53
CA ASP FA 22 -27.74 62.99 17.59
C ASP FA 22 -28.78 61.93 17.29
N VAL FA 23 -30.05 62.28 17.44
CA VAL FA 23 -31.17 61.38 17.16
C VAL FA 23 -31.63 61.66 15.73
N PRO FA 24 -31.63 60.67 14.84
CA PRO FA 24 -32.06 60.91 13.46
C PRO FA 24 -33.52 61.28 13.38
N SER FA 25 -33.87 62.04 12.35
CA SER FA 25 -35.23 62.52 12.14
C SER FA 25 -35.91 61.67 11.09
N SER FA 26 -37.21 61.41 11.30
CA SER FA 26 -37.97 60.56 10.40
C SER FA 26 -38.45 61.35 9.18
N SER FA 27 -38.83 60.61 8.14
CA SER FA 27 -39.45 61.22 6.99
C SER FA 27 -40.95 61.45 7.27
N ARG FA 28 -41.55 62.31 6.45
CA ARG FA 28 -42.97 62.61 6.62
C ARG FA 28 -43.88 61.48 6.18
N TYR FA 29 -43.35 60.49 5.47
CA TYR FA 29 -44.18 59.36 5.04
C TYR FA 29 -44.17 58.24 6.06
N ASP FA 30 -42.99 57.69 6.36
CA ASP FA 30 -42.88 56.59 7.30
C ASP FA 30 -41.79 56.89 8.30
N HIS FA 31 -41.99 56.44 9.54
CA HIS FA 31 -41.01 56.63 10.60
C HIS FA 31 -39.82 55.70 10.48
N ARG FA 32 -39.86 54.72 9.58
CA ARG FA 32 -38.78 53.76 9.41
C ARG FA 32 -37.65 54.29 8.55
N ILE FA 33 -37.86 55.41 7.87
CA ILE FA 33 -36.83 56.06 7.07
C ILE FA 33 -36.39 57.30 7.82
N ARG FA 34 -35.12 57.33 8.21
CA ARG FA 34 -34.62 58.39 9.08
C ARG FA 34 -33.38 59.05 8.50
N TYR FA 35 -33.21 60.33 8.84
CA TYR FA 35 -32.16 61.19 8.32
C TYR FA 35 -31.41 61.81 9.47
N VAL FA 36 -30.11 62.00 9.28
CA VAL FA 36 -29.28 62.71 10.25
C VAL FA 36 -28.21 63.47 9.50
N THR FA 37 -27.85 64.64 10.01
CA THR FA 37 -26.77 65.44 9.46
C THR FA 37 -25.45 65.01 10.11
N TYR FA 38 -24.44 64.78 9.28
CA TYR FA 38 -23.18 64.27 9.80
C TYR FA 38 -22.45 65.34 10.59
N ASN FA 39 -21.85 64.93 11.71
CA ASN FA 39 -21.06 65.81 12.55
C ASN FA 39 -19.88 65.00 13.04
N PRO FA 40 -18.64 65.38 12.70
CA PRO FA 40 -17.48 64.59 13.14
C PRO FA 40 -17.33 64.52 14.65
N ALA FA 41 -17.93 65.45 15.39
CA ALA FA 41 -17.76 65.52 16.83
C ALA FA 41 -19.00 65.03 17.58
N ASP FA 42 -19.80 64.17 16.96
CA ASP FA 42 -21.01 63.68 17.59
C ASP FA 42 -21.23 62.22 17.22
N VAL FA 43 -22.08 61.56 18.01
CA VAL FA 43 -22.42 60.16 17.82
C VAL FA 43 -23.87 60.08 17.40
N VAL FA 44 -24.15 59.14 16.49
CA VAL FA 44 -25.48 58.95 15.93
C VAL FA 44 -26.17 57.82 16.69
N GLN FA 45 -27.37 58.09 17.18
CA GLN FA 45 -28.16 57.13 17.94
C GLN FA 45 -28.94 56.25 16.97
N VAL FA 46 -28.75 54.94 17.06
CA VAL FA 46 -29.43 53.97 16.20
C VAL FA 46 -30.22 53.03 17.07
N ASP FA 47 -31.54 53.01 16.89
CA ASP FA 47 -32.42 52.10 17.62
C ASP FA 47 -32.63 50.86 16.76
N THR FA 48 -32.21 49.71 17.27
CA THR FA 48 -32.32 48.46 16.55
C THR FA 48 -33.38 47.60 17.23
N VAL FA 49 -34.17 46.89 16.44
CA VAL FA 49 -35.21 46.05 16.97
C VAL FA 49 -35.03 44.62 16.47
N LEU FA 50 -35.77 43.70 17.08
CA LEU FA 50 -35.70 42.30 16.73
C LEU FA 50 -36.18 42.04 15.30
N GLY FA 51 -35.39 41.29 14.55
CA GLY FA 51 -35.81 40.86 13.23
C GLY FA 51 -35.86 41.94 12.18
N VAL FA 52 -35.19 43.06 12.39
CA VAL FA 52 -35.18 44.15 11.41
C VAL FA 52 -33.74 44.48 11.05
N ALA FA 53 -33.49 44.53 9.74
CA ALA FA 53 -32.22 44.94 9.19
C ALA FA 53 -32.27 46.44 8.93
N THR FA 54 -31.20 47.14 9.30
CA THR FA 54 -31.09 48.56 9.05
C THR FA 54 -30.08 48.80 7.94
N HIS FA 55 -30.47 49.61 6.96
CA HIS FA 55 -29.62 49.96 5.83
C HIS FA 55 -29.00 51.33 6.10
N ILE FA 56 -27.70 51.36 6.34
CA ILE FA 56 -26.94 52.60 6.41
C ILE FA 56 -26.18 52.72 5.10
N MET FA 57 -26.33 53.87 4.45
CA MET FA 57 -25.67 54.11 3.17
C MET FA 57 -24.65 55.23 3.32
N LEU FA 58 -23.43 54.97 2.89
CA LEU FA 58 -22.35 55.95 2.95
C LEU FA 58 -22.49 56.96 1.81
N GLU FA 59 -21.62 57.96 1.83
CA GLU FA 59 -21.61 58.97 0.79
C GLU FA 59 -21.03 58.36 -0.50
N GLU FA 60 -21.51 58.87 -1.64
CA GLU FA 60 -21.04 58.39 -2.93
C GLU FA 60 -19.56 58.66 -3.08
N GLY FA 61 -18.82 57.66 -3.59
CA GLY FA 61 -17.40 57.79 -3.77
C GLY FA 61 -16.58 57.57 -2.52
N GLU FA 62 -17.21 57.24 -1.40
CA GLU FA 62 -16.53 57.03 -0.14
C GLU FA 62 -16.09 55.58 -0.04
N GLN FA 63 -14.85 55.37 0.38
CA GLN FA 63 -14.27 54.03 0.41
C GLN FA 63 -14.22 53.53 1.85
N TYR FA 64 -14.81 52.35 2.08
CA TYR FA 64 -14.73 51.66 3.34
C TYR FA 64 -13.29 51.27 3.65
N LEU FA 65 -12.84 51.54 4.87
CA LEU FA 65 -11.55 51.05 5.33
C LEU FA 65 -11.69 49.94 6.36
N THR FA 66 -12.38 50.24 7.47
CA THR FA 66 -12.47 49.31 8.58
C THR FA 66 -13.72 49.69 9.36
N HIS FA 67 -14.24 48.71 10.10
CA HIS FA 67 -15.25 48.97 11.11
C HIS FA 67 -14.86 48.23 12.38
N ALA FA 68 -15.50 48.60 13.48
CA ALA FA 68 -15.27 47.93 14.75
C ALA FA 68 -16.57 47.93 15.53
N PHE FA 69 -16.96 46.77 16.03
CA PHE FA 69 -18.06 46.69 16.97
C PHE FA 69 -17.51 46.62 18.39
N GLY FA 70 -18.21 47.29 19.30
CA GLY FA 70 -17.92 47.08 20.71
C GLY FA 70 -18.29 45.69 21.15
N ASP FA 71 -19.16 45.02 20.41
CA ASP FA 71 -19.52 43.63 20.63
C ASP FA 71 -19.91 43.03 19.28
N SER FA 72 -19.02 42.24 18.69
CA SER FA 72 -19.24 41.72 17.35
C SER FA 72 -20.37 40.71 17.28
N GLU FA 73 -20.53 39.87 18.29
CA GLU FA 73 -21.56 38.84 18.26
C GLU FA 73 -22.95 39.38 18.53
N ALA FA 74 -23.07 40.64 18.91
CA ALA FA 74 -24.39 41.22 19.13
C ALA FA 74 -25.09 41.58 17.82
N TYR FA 75 -24.32 41.89 16.79
CA TYR FA 75 -24.88 42.36 15.53
C TYR FA 75 -24.25 41.63 14.35
N ALA FA 76 -24.99 41.56 13.26
CA ALA FA 76 -24.49 41.05 12.00
C ALA FA 76 -24.16 42.23 11.10
N PHE FA 77 -23.04 42.14 10.39
CA PHE FA 77 -22.55 43.20 9.53
C PHE FA 77 -22.42 42.66 8.13
N ALA FA 78 -22.97 43.36 7.15
CA ALA FA 78 -22.76 43.04 5.75
C ALA FA 78 -22.57 44.33 4.97
N ARG FA 79 -21.60 44.31 4.08
CA ARG FA 79 -21.30 45.50 3.29
C ARG FA 79 -21.00 45.09 1.86
N LYS FA 80 -21.56 45.85 0.92
CA LYS FA 80 -21.18 45.74 -0.49
C LYS FA 80 -21.15 47.17 -1.02
N GLY FA 81 -19.94 47.67 -1.28
CA GLY FA 81 -19.78 49.03 -1.73
C GLY FA 81 -20.01 50.01 -0.60
N ARG FA 82 -20.96 50.92 -0.78
CA ARG FA 82 -21.28 51.92 0.23
C ARG FA 82 -22.56 51.58 0.97
N HIS FA 83 -23.01 50.33 0.90
CA HIS FA 83 -24.25 49.90 1.54
C HIS FA 83 -23.91 48.97 2.70
N ILE FA 84 -24.40 49.32 3.88
CA ILE FA 84 -24.12 48.57 5.11
C ILE FA 84 -25.46 48.14 5.69
N PHE FA 85 -25.56 46.86 6.05
CA PHE FA 85 -26.71 46.32 6.75
C PHE FA 85 -26.28 45.80 8.10
N ILE FA 86 -27.00 46.20 9.15
CA ILE FA 86 -26.76 45.69 10.49
C ILE FA 86 -28.07 45.11 11.03
N LYS FA 87 -27.93 44.19 11.96
CA LYS FA 87 -29.01 43.34 12.41
C LYS FA 87 -28.62 42.66 13.71
N PRO FA 88 -29.40 42.81 14.77
CA PRO FA 88 -29.02 42.19 16.06
C PRO FA 88 -29.03 40.67 15.97
N GLN FA 89 -28.05 40.06 16.63
CA GLN FA 89 -27.85 38.61 16.69
C GLN FA 89 -28.03 38.05 18.09
N ALA FA 90 -28.34 38.89 19.06
CA ALA FA 90 -28.31 38.44 20.44
C ALA FA 90 -29.21 39.30 21.30
N GLU FA 91 -29.50 38.80 22.49
CA GLU FA 91 -30.30 39.54 23.46
C GLU FA 91 -29.48 40.69 24.05
N LEU FA 92 -30.15 41.79 24.34
CA LEU FA 92 -29.55 42.95 24.98
C LEU FA 92 -28.35 43.45 24.19
N ALA FA 93 -28.53 43.55 22.87
CA ALA FA 93 -27.44 43.92 21.96
C ALA FA 93 -27.25 45.42 22.00
N ASN FA 94 -26.58 45.88 23.06
CA ASN FA 94 -26.30 47.30 23.27
C ASN FA 94 -24.81 47.50 23.18
N THR FA 95 -24.37 48.14 22.10
CA THR FA 95 -22.93 48.30 21.84
C THR FA 95 -22.74 49.57 21.01
N ASN FA 96 -21.58 49.71 20.40
CA ASN FA 96 -21.31 50.82 19.51
C ASN FA 96 -20.68 50.31 18.24
N LEU FA 97 -20.78 51.10 17.19
CA LEU FA 97 -20.20 50.79 15.89
C LEU FA 97 -19.45 52.01 15.39
N ILE FA 98 -18.22 51.78 14.91
CA ILE FA 98 -17.41 52.83 14.30
C ILE FA 98 -17.01 52.32 12.93
N VAL FA 99 -17.35 53.08 11.89
CA VAL FA 99 -16.93 52.79 10.52
C VAL FA 99 -16.02 53.92 10.08
N VAL FA 100 -14.81 53.58 9.66
CA VAL FA 100 -13.83 54.56 9.18
C VAL FA 100 -13.71 54.41 7.68
N THR FA 101 -13.70 55.54 6.99
CA THR FA 101 -13.60 55.57 5.55
C THR FA 101 -12.43 56.47 5.15
N ASP FA 102 -12.30 56.70 3.85
CA ASP FA 102 -11.29 57.63 3.37
C ASP FA 102 -11.54 59.04 3.88
N ARG FA 103 -12.80 59.47 3.92
CA ARG FA 103 -13.08 60.86 4.22
C ARG FA 103 -13.47 61.10 5.68
N ARG FA 104 -14.10 60.15 6.34
CA ARG FA 104 -14.57 60.39 7.70
C ARG FA 104 -14.69 59.06 8.45
N SER FA 105 -15.07 59.16 9.73
CA SER FA 105 -15.42 58.00 10.54
C SER FA 105 -16.78 58.24 11.15
N TYR FA 106 -17.64 57.23 11.12
CA TYR FA 106 -19.00 57.32 11.65
C TYR FA 106 -19.08 56.65 13.01
N LYS FA 107 -19.77 57.30 13.94
CA LYS FA 107 -19.94 56.79 15.29
C LYS FA 107 -21.41 56.52 15.54
N PHE FA 108 -21.74 55.26 15.80
CA PHE FA 108 -23.11 54.83 16.04
C PHE FA 108 -23.22 54.22 17.42
N ARG FA 109 -24.26 54.61 18.15
CA ARG FA 109 -24.58 53.98 19.44
C ARG FA 109 -25.76 53.05 19.16
N LEU FA 110 -25.49 51.76 19.14
CA LEU FA 110 -26.51 50.76 18.82
C LEU FA 110 -27.23 50.35 20.09
N GLN FA 111 -28.53 50.64 20.17
CA GLN FA 111 -29.33 50.37 21.36
C GLN FA 111 -30.53 49.52 20.96
N MET FA 112 -30.54 48.26 21.36
CA MET FA 112 -31.65 47.38 21.07
C MET FA 112 -32.89 47.77 21.85
N ARG FA 113 -34.04 47.75 21.19
CA ARG FA 113 -35.31 48.09 21.81
C ARG FA 113 -35.97 46.83 22.35
N ASN FA 114 -37.02 47.01 23.14
CA ASN FA 114 -37.71 45.88 23.73
C ASN FA 114 -39.04 45.55 23.07
N ASP FA 115 -39.78 46.55 22.59
CA ASP FA 115 -41.16 46.35 22.16
C ASP FA 115 -41.33 46.13 20.66
N ARG FA 116 -40.24 46.03 19.91
CA ARG FA 116 -40.29 45.80 18.46
C ARG FA 116 -41.10 46.89 17.75
N ASN FA 117 -40.98 48.12 18.25
CA ASN FA 117 -41.69 49.27 17.70
C ASN FA 117 -40.69 50.36 17.38
N GLY FA 118 -41.07 51.25 16.47
CA GLY FA 118 -40.21 52.33 16.07
C GLY FA 118 -38.91 51.87 15.43
N ALA FA 119 -39.02 50.91 14.51
CA ALA FA 119 -37.85 50.39 13.83
C ALA FA 119 -37.27 51.42 12.87
N MET FA 120 -36.00 51.22 12.52
CA MET FA 120 -35.31 52.04 11.54
C MET FA 120 -34.90 51.13 10.38
N TYR FA 121 -35.41 51.42 9.19
CA TYR FA 121 -35.07 50.63 8.02
C TYR FA 121 -33.86 51.18 7.27
N GLU FA 122 -33.80 52.49 7.04
CA GLU FA 122 -32.61 53.10 6.50
C GLU FA 122 -32.23 54.32 7.30
N LEU FA 123 -30.92 54.56 7.38
CA LEU FA 123 -30.35 55.79 7.89
C LEU FA 123 -29.58 56.47 6.77
N ALA FA 124 -29.93 57.71 6.46
CA ALA FA 124 -29.26 58.47 5.41
C ALA FA 124 -28.59 59.68 6.04
N PHE FA 125 -27.38 59.97 5.56
CA PHE FA 125 -26.59 61.07 6.09
C PHE FA 125 -26.64 62.27 5.16
N ARG FA 126 -26.81 63.44 5.74
CA ARG FA 126 -26.69 64.72 5.05
C ARG FA 126 -25.35 65.30 5.49
N TYR FA 127 -24.46 65.56 4.53
CA TYR FA 127 -23.10 65.97 4.88
C TYR FA 127 -22.93 67.47 4.70
N PRO FA 128 -22.84 68.24 5.77
CA PRO FA 128 -22.57 69.68 5.62
C PRO FA 128 -21.09 69.99 5.48
N ASP FA 129 -20.21 69.03 5.74
CA ASP FA 129 -18.79 69.27 5.51
C ASP FA 129 -18.50 69.40 4.02
N THR FA 130 -19.07 68.53 3.20
CA THR FA 130 -18.94 68.70 1.76
C THR FA 130 -19.64 69.97 1.30
N GLN FA 131 -20.74 70.34 1.95
CA GLN FA 131 -21.42 71.58 1.60
C GLN FA 131 -20.54 72.79 1.91
N ALA FA 132 -19.81 72.75 3.02
CA ALA FA 132 -18.86 73.82 3.36
C ALA FA 132 -17.70 73.83 2.38
N ARG FA 133 -17.23 72.66 1.96
CA ARG FA 133 -16.19 72.60 0.93
C ARG FA 133 -16.68 73.24 -0.35
N GLN FA 134 -17.94 72.97 -0.73
CA GLN FA 134 -18.52 73.61 -1.90
C GLN FA 134 -18.63 75.12 -1.71
N THR FA 135 -18.97 75.57 -0.50
CA THR FA 135 -19.09 76.99 -0.20
C THR FA 135 -17.75 77.71 -0.32
#